data_7KN0
#
_entry.id   7KN0
#
loop_
_entity.id
_entity.type
_entity.pdbx_description
1 polymer 'Integrin alpha-IIb'
2 polymer 'Integrin beta-3'
#
loop_
_entity_poly.entity_id
_entity_poly.type
_entity_poly.pdbx_seq_one_letter_code
_entity_poly.pdbx_strand_id
1 'polypeptide(L)' GALEERCGIPIWVVLVGVLGGLLLLTILVLAMWKVGFFKRNRP A
2 'polypeptide(L)' GESPKCGPDILVVLLSVMGAILLIGLAALLIWKLLITIHDRKEF B
#
# COMPACT_ATOMS: atom_id res chain seq x y z
N GLY A 1 13.17 -24.62 21.49
CA GLY A 1 14.47 -23.89 21.54
C GLY A 1 14.63 -23.17 20.21
N ALA A 2 13.95 -23.72 19.23
CA ALA A 2 13.92 -23.18 17.89
C ALA A 2 12.78 -23.87 17.20
N LEU A 3 11.97 -24.54 18.03
CA LEU A 3 10.80 -25.18 17.51
C LEU A 3 9.91 -24.07 17.02
N GLU A 4 10.38 -22.81 17.21
CA GLU A 4 9.62 -21.72 16.69
C GLU A 4 9.54 -21.95 15.18
N GLU A 5 9.19 -20.93 14.44
CA GLU A 5 8.95 -21.07 13.01
C GLU A 5 7.51 -21.44 12.96
N ARG A 6 6.82 -21.04 14.06
CA ARG A 6 5.42 -21.33 14.20
C ARG A 6 4.78 -21.00 12.92
N CYS A 7 5.18 -19.82 12.46
CA CYS A 7 4.69 -19.28 11.25
C CYS A 7 5.72 -18.41 10.60
N GLY A 8 6.87 -19.01 10.31
CA GLY A 8 7.90 -18.29 9.60
C GLY A 8 7.21 -17.85 8.32
N ILE A 9 7.37 -16.60 7.95
CA ILE A 9 6.66 -16.07 6.79
C ILE A 9 7.36 -16.42 5.46
N PRO A 10 6.80 -17.31 4.65
CA PRO A 10 7.41 -17.64 3.32
C PRO A 10 7.42 -16.42 2.40
N ILE A 11 8.50 -16.27 1.64
CA ILE A 11 8.63 -15.15 0.73
C ILE A 11 7.37 -15.07 -0.15
N TRP A 12 6.71 -16.17 -0.50
CA TRP A 12 5.53 -16.07 -1.34
C TRP A 12 4.51 -15.13 -0.74
N VAL A 13 4.31 -15.28 0.56
CA VAL A 13 3.34 -14.46 1.26
C VAL A 13 3.76 -13.01 1.23
N VAL A 14 5.01 -12.71 1.46
CA VAL A 14 5.44 -11.34 1.36
C VAL A 14 5.24 -10.94 -0.10
N LEU A 15 5.55 -11.85 -1.01
CA LEU A 15 5.38 -11.58 -2.43
C LEU A 15 3.89 -11.39 -2.74
N VAL A 16 3.01 -12.22 -2.19
CA VAL A 16 1.59 -12.04 -2.43
C VAL A 16 1.18 -10.71 -1.80
N GLY A 17 1.66 -10.43 -0.60
CA GLY A 17 1.30 -9.19 0.09
C GLY A 17 1.68 -7.96 -0.74
N VAL A 18 2.91 -7.96 -1.26
CA VAL A 18 3.38 -6.83 -2.05
C VAL A 18 2.51 -6.63 -3.31
N LEU A 19 2.19 -7.73 -3.99
CA LEU A 19 1.39 -7.66 -5.20
C LEU A 19 0.00 -7.08 -4.93
N GLY A 20 -0.61 -7.53 -3.84
CA GLY A 20 -1.95 -7.04 -3.50
C GLY A 20 -1.94 -5.54 -3.24
N GLY A 21 -0.93 -5.08 -2.50
CA GLY A 21 -0.81 -3.66 -2.18
C GLY A 21 -0.67 -2.85 -3.46
N LEU A 22 0.20 -3.26 -4.38
CA LEU A 22 0.36 -2.55 -5.63
C LEU A 22 -0.97 -2.55 -6.39
N LEU A 23 -1.66 -3.67 -6.40
CA LEU A 23 -2.95 -3.69 -7.10
C LEU A 23 -3.91 -2.69 -6.45
N LEU A 24 -3.98 -2.67 -5.12
CA LEU A 24 -4.86 -1.72 -4.45
C LEU A 24 -4.41 -0.29 -4.77
N LEU A 25 -3.10 -0.08 -4.77
CA LEU A 25 -2.54 1.23 -5.08
C LEU A 25 -2.89 1.63 -6.52
N THR A 26 -2.81 0.69 -7.46
CA THR A 26 -3.19 1.02 -8.84
C THR A 26 -4.67 1.36 -8.90
N ILE A 27 -5.54 0.67 -8.15
CA ILE A 27 -6.96 1.00 -8.20
C ILE A 27 -7.22 2.42 -7.67
N LEU A 28 -6.54 2.69 -6.56
CA LEU A 28 -6.73 3.99 -5.92
C LEU A 28 -6.40 5.13 -6.89
N VAL A 29 -5.25 5.04 -7.57
CA VAL A 29 -4.83 6.09 -8.50
C VAL A 29 -5.85 6.29 -9.61
N LEU A 30 -6.30 5.19 -10.21
CA LEU A 30 -7.23 5.27 -11.32
C LEU A 30 -8.55 5.92 -10.92
N ALA A 31 -9.11 5.53 -9.78
CA ALA A 31 -10.38 6.09 -9.32
C ALA A 31 -10.26 7.59 -9.06
N MET A 32 -9.21 8.00 -8.37
CA MET A 32 -9.02 9.42 -8.07
C MET A 32 -8.79 10.22 -9.35
N TRP A 33 -8.00 9.68 -10.28
CA TRP A 33 -7.72 10.36 -11.53
C TRP A 33 -9.01 10.53 -12.31
N LYS A 34 -9.76 9.44 -12.41
CA LYS A 34 -11.02 9.45 -13.12
C LYS A 34 -11.95 10.47 -12.50
N VAL A 35 -11.87 10.65 -11.18
CA VAL A 35 -12.73 11.58 -10.46
C VAL A 35 -12.26 13.03 -10.66
N GLY A 36 -11.12 13.24 -11.32
CA GLY A 36 -10.65 14.60 -11.55
C GLY A 36 -9.98 15.16 -10.32
N PHE A 37 -9.67 14.31 -9.35
CA PHE A 37 -9.01 14.75 -8.14
C PHE A 37 -7.70 15.42 -8.49
N PHE A 38 -7.04 14.84 -9.50
CA PHE A 38 -5.74 15.33 -9.96
C PHE A 38 -5.89 16.49 -10.94
N LYS A 39 -7.11 16.63 -11.42
CA LYS A 39 -7.44 17.72 -12.33
C LYS A 39 -7.65 18.99 -11.53
N ARG A 40 -7.58 20.16 -12.14
CA ARG A 40 -7.81 21.37 -11.36
C ARG A 40 -9.28 21.77 -11.42
N ASN A 41 -9.74 22.39 -10.35
CA ASN A 41 -11.10 22.93 -10.29
C ASN A 41 -10.99 24.33 -10.90
N ARG A 42 -9.88 24.55 -11.60
CA ARG A 42 -9.56 25.86 -12.16
C ARG A 42 -10.77 26.60 -12.73
N PRO A 43 -11.29 27.59 -12.02
CA PRO A 43 -12.41 28.41 -12.53
C PRO A 43 -11.90 29.65 -13.27
N GLY B 1 -3.49 -27.54 20.32
CA GLY B 1 -3.16 -26.24 19.69
C GLY B 1 -4.01 -26.03 18.44
N GLU B 2 -3.80 -26.88 17.44
CA GLU B 2 -4.54 -26.76 16.19
C GLU B 2 -4.54 -25.30 15.77
N SER B 3 -3.51 -24.60 16.24
CA SER B 3 -3.37 -23.18 15.96
C SER B 3 -1.97 -22.83 15.42
N PRO B 4 -1.02 -23.76 15.28
CA PRO B 4 0.28 -23.35 14.70
C PRO B 4 -0.07 -22.80 13.34
N LYS B 5 -1.25 -23.26 12.89
CA LYS B 5 -1.86 -22.83 11.64
C LYS B 5 -1.39 -21.45 11.31
N CYS B 6 -0.52 -21.38 10.35
CA CYS B 6 0.06 -20.13 9.97
C CYS B 6 -0.81 -19.45 8.98
N GLY B 7 -2.09 -19.53 9.26
CA GLY B 7 -3.06 -18.83 8.46
C GLY B 7 -3.20 -17.47 9.11
N PRO B 8 -3.78 -17.41 10.29
CA PRO B 8 -3.94 -16.14 11.06
C PRO B 8 -2.64 -15.33 11.23
N ASP B 9 -1.57 -16.04 11.62
CA ASP B 9 -0.28 -15.39 11.87
C ASP B 9 0.37 -14.90 10.57
N ILE B 10 0.36 -15.75 9.54
CA ILE B 10 0.85 -15.28 8.22
C ILE B 10 -0.11 -14.19 7.78
N LEU B 11 -1.39 -14.42 8.02
CA LEU B 11 -2.42 -13.47 7.59
C LEU B 11 -2.23 -12.10 8.23
N VAL B 12 -1.84 -12.07 9.50
CA VAL B 12 -1.62 -10.80 10.16
C VAL B 12 -0.47 -10.06 9.50
N VAL B 13 0.60 -10.80 9.20
CA VAL B 13 1.76 -10.21 8.54
C VAL B 13 1.43 -9.89 7.08
N LEU B 14 0.76 -10.76 6.34
CA LEU B 14 0.44 -10.43 4.97
C LEU B 14 -0.41 -9.16 4.94
N LEU B 15 -1.35 -9.03 5.87
CA LEU B 15 -2.18 -7.83 5.92
C LEU B 15 -1.36 -6.61 6.34
N SER B 16 -0.53 -6.81 7.37
CA SER B 16 0.29 -5.72 7.87
C SER B 16 1.22 -5.18 6.78
N VAL B 17 1.86 -6.05 6.01
CA VAL B 17 2.72 -5.61 4.92
C VAL B 17 1.84 -4.90 3.90
N MET B 18 0.71 -5.51 3.55
CA MET B 18 -0.15 -4.89 2.56
C MET B 18 -0.59 -3.50 2.99
N GLY B 19 -0.94 -3.34 4.27
CA GLY B 19 -1.37 -2.04 4.77
C GLY B 19 -0.25 -1.03 4.58
N ALA B 20 0.97 -1.48 4.92
CA ALA B 20 2.14 -0.62 4.82
C ALA B 20 2.29 -0.10 3.39
N ILE B 21 2.12 -0.98 2.42
CA ILE B 21 2.24 -0.58 1.03
C ILE B 21 1.16 0.46 0.72
N LEU B 22 -0.06 0.17 1.14
CA LEU B 22 -1.18 1.05 0.86
C LEU B 22 -0.97 2.44 1.47
N LEU B 23 -0.53 2.47 2.73
CA LEU B 23 -0.33 3.75 3.43
C LEU B 23 0.78 4.62 2.84
N ILE B 24 1.90 4.04 2.39
CA ILE B 24 2.98 4.86 1.83
C ILE B 24 2.59 5.38 0.45
N GLY B 25 1.92 4.54 -0.32
CA GLY B 25 1.50 4.95 -1.66
C GLY B 25 0.61 6.20 -1.56
N LEU B 26 -0.30 6.18 -0.59
CA LEU B 26 -1.19 7.31 -0.35
C LEU B 26 -0.35 8.51 0.08
N ALA B 27 0.67 8.26 0.89
CA ALA B 27 1.57 9.32 1.33
C ALA B 27 2.29 9.92 0.13
N ALA B 28 2.80 9.03 -0.71
CA ALA B 28 3.54 9.45 -1.90
C ALA B 28 2.63 10.30 -2.78
N LEU B 29 1.40 9.84 -2.94
CA LEU B 29 0.44 10.52 -3.79
C LEU B 29 0.21 11.97 -3.35
N LEU B 30 0.05 12.13 -2.04
CA LEU B 30 -0.19 13.46 -1.50
C LEU B 30 1.05 14.33 -1.66
N ILE B 31 2.21 13.74 -1.43
CA ILE B 31 3.45 14.49 -1.54
C ILE B 31 3.65 14.97 -2.98
N TRP B 32 3.36 14.09 -3.94
CA TRP B 32 3.51 14.46 -5.36
C TRP B 32 2.59 15.66 -5.64
N LYS B 33 1.33 15.57 -5.23
CA LYS B 33 0.39 16.66 -5.49
C LYS B 33 0.86 17.95 -4.83
N LEU B 34 1.39 17.82 -3.62
CA LEU B 34 1.83 18.99 -2.89
C LEU B 34 2.94 19.71 -3.68
N LEU B 35 3.91 18.95 -4.21
CA LEU B 35 4.98 19.55 -4.99
C LEU B 35 4.41 20.16 -6.28
N ILE B 36 3.47 19.47 -6.93
CA ILE B 36 2.92 20.00 -8.17
C ILE B 36 2.20 21.34 -7.95
N THR B 37 1.47 21.43 -6.85
CA THR B 37 0.75 22.66 -6.54
C THR B 37 1.74 23.81 -6.37
N ILE B 38 2.83 23.52 -5.65
CA ILE B 38 3.84 24.53 -5.42
C ILE B 38 4.53 24.95 -6.71
N HIS B 39 4.85 24.00 -7.59
CA HIS B 39 5.50 24.36 -8.85
C HIS B 39 4.56 25.18 -9.69
N ASP B 40 3.26 24.86 -9.62
CA ASP B 40 2.28 25.57 -10.40
C ASP B 40 2.06 26.99 -9.85
N ARG B 41 2.00 27.14 -8.52
CA ARG B 41 1.83 28.48 -7.96
C ARG B 41 3.07 29.31 -8.29
N LYS B 42 4.24 28.71 -8.03
CA LYS B 42 5.50 29.39 -8.23
C LYS B 42 5.52 30.07 -9.59
N GLU B 43 5.09 31.32 -9.64
CA GLU B 43 5.10 32.03 -10.90
C GLU B 43 6.54 32.25 -11.31
N PHE B 44 6.96 31.50 -12.33
CA PHE B 44 8.32 31.53 -12.83
C PHE B 44 8.57 32.78 -13.68
N GLY A 1 17.14 -29.20 24.17
CA GLY A 1 15.93 -29.53 23.35
C GLY A 1 14.87 -28.46 23.56
N ALA A 2 14.63 -27.65 22.54
CA ALA A 2 13.64 -26.58 22.64
C ALA A 2 13.02 -26.30 21.26
N LEU A 3 11.77 -25.85 21.27
CA LEU A 3 11.07 -25.54 20.03
C LEU A 3 10.84 -24.04 19.91
N GLU A 4 11.27 -23.47 18.78
CA GLU A 4 11.11 -22.04 18.55
C GLU A 4 10.63 -21.78 17.12
N GLU A 5 9.95 -20.66 16.93
CA GLU A 5 9.44 -20.31 15.61
C GLU A 5 8.56 -21.43 15.07
N ARG A 6 7.47 -21.72 15.78
CA ARG A 6 6.55 -22.77 15.37
C ARG A 6 5.90 -22.40 14.04
N CYS A 7 5.55 -21.13 13.88
CA CYS A 7 4.92 -20.66 12.65
C CYS A 7 5.94 -19.93 11.77
N GLY A 8 5.86 -20.17 10.47
CA GLY A 8 6.77 -19.53 9.52
C GLY A 8 5.98 -18.89 8.38
N ILE A 9 6.44 -17.74 7.90
CA ILE A 9 5.76 -17.06 6.81
C ILE A 9 6.55 -17.21 5.49
N PRO A 10 6.10 -18.04 4.57
CA PRO A 10 6.80 -18.21 3.26
C PRO A 10 6.81 -16.92 2.45
N ILE A 11 7.91 -16.70 1.72
CA ILE A 11 8.03 -15.50 0.90
C ILE A 11 6.88 -15.39 -0.10
N TRP A 12 6.25 -16.49 -0.46
CA TRP A 12 5.13 -16.41 -1.40
C TRP A 12 4.08 -15.46 -0.82
N VAL A 13 3.89 -15.55 0.48
CA VAL A 13 2.93 -14.71 1.20
C VAL A 13 3.36 -13.25 1.09
N VAL A 14 4.64 -12.99 1.28
CA VAL A 14 5.15 -11.63 1.15
C VAL A 14 4.95 -11.19 -0.29
N LEU A 15 5.27 -12.09 -1.22
CA LEU A 15 5.09 -11.77 -2.63
C LEU A 15 3.61 -11.57 -2.90
N VAL A 16 2.76 -12.40 -2.32
CA VAL A 16 1.33 -12.25 -2.50
C VAL A 16 0.90 -10.93 -1.88
N GLY A 17 1.43 -10.65 -0.68
CA GLY A 17 1.09 -9.42 0.02
C GLY A 17 1.50 -8.20 -0.80
N VAL A 18 2.67 -8.31 -1.41
CA VAL A 18 3.20 -7.22 -2.25
C VAL A 18 2.29 -7.00 -3.45
N LEU A 19 1.87 -8.09 -4.07
CA LEU A 19 0.99 -7.99 -5.24
C LEU A 19 -0.32 -7.32 -4.85
N GLY A 20 -0.84 -7.68 -3.69
CA GLY A 20 -2.09 -7.08 -3.24
C GLY A 20 -1.94 -5.56 -3.07
N GLY A 21 -0.82 -5.12 -2.52
CA GLY A 21 -0.61 -3.69 -2.31
C GLY A 21 -0.56 -2.93 -3.63
N LEU A 22 0.20 -3.42 -4.59
CA LEU A 22 0.27 -2.75 -5.88
C LEU A 22 -1.10 -2.73 -6.57
N LEU A 23 -1.83 -3.84 -6.53
CA LEU A 23 -3.14 -3.87 -7.16
C LEU A 23 -4.07 -2.85 -6.48
N LEU A 24 -4.04 -2.81 -5.17
CA LEU A 24 -4.86 -1.85 -4.43
C LEU A 24 -4.42 -0.43 -4.77
N LEU A 25 -3.12 -0.23 -4.85
CA LEU A 25 -2.57 1.08 -5.18
C LEU A 25 -2.98 1.51 -6.59
N THR A 26 -2.94 0.58 -7.54
CA THR A 26 -3.35 0.86 -8.91
C THR A 26 -4.83 1.21 -8.96
N ILE A 27 -5.65 0.53 -8.18
CA ILE A 27 -7.08 0.81 -8.18
C ILE A 27 -7.37 2.22 -7.63
N LEU A 28 -6.69 2.52 -6.53
CA LEU A 28 -6.92 3.81 -5.87
C LEU A 28 -6.55 4.99 -6.76
N VAL A 29 -5.39 4.94 -7.41
CA VAL A 29 -4.96 6.05 -8.27
C VAL A 29 -5.86 6.20 -9.49
N LEU A 30 -6.24 5.09 -10.12
CA LEU A 30 -7.10 5.16 -11.30
C LEU A 30 -8.46 5.75 -10.95
N ALA A 31 -9.04 5.33 -9.83
CA ALA A 31 -10.36 5.83 -9.44
C ALA A 31 -10.30 7.33 -9.15
N MET A 32 -9.26 7.75 -8.45
CA MET A 32 -9.08 9.16 -8.11
C MET A 32 -8.86 10.00 -9.38
N TRP A 33 -8.09 9.45 -10.31
CA TRP A 33 -7.80 10.13 -11.57
C TRP A 33 -9.07 10.29 -12.38
N LYS A 34 -9.83 9.21 -12.48
CA LYS A 34 -11.07 9.23 -13.23
C LYS A 34 -12.03 10.22 -12.61
N VAL A 35 -12.00 10.32 -11.28
CA VAL A 35 -12.87 11.23 -10.55
C VAL A 35 -12.45 12.70 -10.72
N GLY A 36 -11.30 12.94 -11.34
CA GLY A 36 -10.87 14.31 -11.56
C GLY A 36 -10.22 14.86 -10.30
N PHE A 37 -9.93 13.98 -9.37
CA PHE A 37 -9.28 14.39 -8.13
C PHE A 37 -7.95 15.01 -8.46
N PHE A 38 -7.25 14.37 -9.39
CA PHE A 38 -5.93 14.86 -9.80
C PHE A 38 -6.06 15.89 -10.91
N LYS A 39 -7.23 16.00 -11.53
CA LYS A 39 -7.34 16.97 -12.61
C LYS A 39 -7.55 18.37 -12.03
N ARG A 40 -6.49 19.17 -12.13
CA ARG A 40 -6.50 20.54 -11.63
C ARG A 40 -7.43 21.41 -12.47
N ASN A 41 -8.10 22.35 -11.83
CA ASN A 41 -9.02 23.24 -12.53
C ASN A 41 -8.31 24.52 -12.94
N ARG A 42 -8.05 24.67 -14.23
CA ARG A 42 -7.36 25.85 -14.74
C ARG A 42 -8.04 26.34 -16.03
N PRO A 43 -9.24 26.82 -15.94
CA PRO A 43 -10.00 27.32 -17.11
C PRO A 43 -9.58 28.73 -17.51
N GLY B 1 -6.32 -30.65 23.65
CA GLY B 1 -7.06 -29.37 23.82
C GLY B 1 -6.41 -28.29 22.96
N GLU B 2 -5.08 -28.22 23.03
CA GLU B 2 -4.34 -27.22 22.25
C GLU B 2 -4.52 -27.47 20.75
N SER B 3 -4.72 -26.40 19.99
CA SER B 3 -4.90 -26.52 18.55
C SER B 3 -4.69 -25.18 17.86
N PRO B 4 -3.56 -24.55 18.10
CA PRO B 4 -3.23 -23.23 17.50
C PRO B 4 -2.97 -23.33 16.00
N LYS B 5 -3.24 -22.24 15.28
CA LYS B 5 -3.03 -22.20 13.84
C LYS B 5 -2.17 -21.01 13.45
N CYS B 6 -1.33 -21.19 12.44
CA CYS B 6 -0.45 -20.12 11.98
C CYS B 6 -1.19 -19.17 11.06
N GLY B 7 -2.25 -19.64 10.42
CA GLY B 7 -3.04 -18.81 9.50
C GLY B 7 -3.09 -17.35 9.98
N PRO B 8 -3.63 -17.10 11.14
CA PRO B 8 -3.73 -15.72 11.71
C PRO B 8 -2.37 -15.01 11.74
N ASP B 9 -1.32 -15.76 12.06
CA ASP B 9 0.01 -15.21 12.09
C ASP B 9 0.47 -14.85 10.67
N ILE B 10 0.15 -15.73 9.72
CA ILE B 10 0.51 -15.49 8.31
C ILE B 10 -0.31 -14.29 7.82
N LEU B 11 -1.59 -14.28 8.20
CA LEU B 11 -2.50 -13.24 7.80
C LEU B 11 -2.09 -11.88 8.35
N VAL B 12 -1.64 -11.85 9.60
CA VAL B 12 -1.23 -10.59 10.22
C VAL B 12 -0.05 -9.99 9.47
N VAL B 13 0.93 -10.83 9.13
CA VAL B 13 2.11 -10.34 8.40
C VAL B 13 1.74 -9.86 7.01
N LEU B 14 0.93 -10.63 6.30
CA LEU B 14 0.53 -10.24 4.94
C LEU B 14 -0.27 -8.94 4.98
N LEU B 15 -1.20 -8.83 5.93
CA LEU B 15 -2.02 -7.63 6.05
C LEU B 15 -1.15 -6.43 6.43
N SER B 16 -0.24 -6.66 7.37
CA SER B 16 0.65 -5.59 7.81
C SER B 16 1.52 -5.07 6.67
N VAL B 17 2.05 -5.99 5.88
CA VAL B 17 2.89 -5.62 4.74
C VAL B 17 2.05 -4.86 3.72
N MET B 18 0.88 -5.38 3.42
CA MET B 18 0.01 -4.74 2.44
C MET B 18 -0.39 -3.35 2.90
N GLY B 19 -0.70 -3.22 4.20
CA GLY B 19 -1.09 -1.93 4.76
C GLY B 19 0.04 -0.93 4.60
N ALA B 20 1.26 -1.39 4.88
CA ALA B 20 2.42 -0.51 4.77
C ALA B 20 2.53 0.02 3.37
N ILE B 21 2.28 -0.83 2.39
CA ILE B 21 2.34 -0.39 1.00
C ILE B 21 1.26 0.65 0.74
N LEU B 22 0.07 0.40 1.25
CA LEU B 22 -1.04 1.34 1.05
C LEU B 22 -0.76 2.70 1.69
N LEU B 23 -0.21 2.69 2.90
CA LEU B 23 0.07 3.92 3.61
C LEU B 23 1.09 4.82 2.89
N ILE B 24 2.14 4.22 2.33
CA ILE B 24 3.14 5.03 1.64
C ILE B 24 2.57 5.60 0.33
N GLY B 25 1.75 4.81 -0.36
CA GLY B 25 1.17 5.26 -1.62
C GLY B 25 0.36 6.54 -1.45
N LEU B 26 -0.50 6.58 -0.44
CA LEU B 26 -1.30 7.77 -0.18
C LEU B 26 -0.40 8.95 0.18
N ALA B 27 0.64 8.68 0.98
CA ALA B 27 1.57 9.73 1.36
C ALA B 27 2.27 10.27 0.13
N ALA B 28 2.68 9.35 -0.75
CA ALA B 28 3.38 9.75 -1.97
C ALA B 28 2.47 10.62 -2.83
N LEU B 29 1.20 10.24 -2.92
CA LEU B 29 0.25 11.01 -3.72
C LEU B 29 0.10 12.43 -3.17
N LEU B 30 0.01 12.54 -1.85
CA LEU B 30 -0.13 13.87 -1.23
C LEU B 30 1.12 14.72 -1.46
N ILE B 31 2.29 14.09 -1.32
CA ILE B 31 3.54 14.79 -1.52
C ILE B 31 3.66 15.28 -2.95
N TRP B 32 3.30 14.45 -3.90
CA TRP B 32 3.37 14.83 -5.31
C TRP B 32 2.49 16.07 -5.52
N LYS B 33 1.29 16.04 -4.96
CA LYS B 33 0.36 17.16 -5.11
C LYS B 33 0.93 18.45 -4.50
N LEU B 34 1.57 18.32 -3.35
CA LEU B 34 2.13 19.50 -2.68
C LEU B 34 3.20 20.13 -3.56
N LEU B 35 4.06 19.31 -4.15
CA LEU B 35 5.11 19.82 -5.02
C LEU B 35 4.51 20.51 -6.24
N ILE B 36 3.46 19.90 -6.79
CA ILE B 36 2.80 20.47 -7.97
C ILE B 36 2.17 21.83 -7.68
N THR B 37 1.53 21.94 -6.52
CA THR B 37 0.90 23.19 -6.12
C THR B 37 1.96 24.27 -5.97
N ILE B 38 3.06 23.91 -5.32
CA ILE B 38 4.16 24.83 -5.09
C ILE B 38 4.80 25.29 -6.39
N HIS B 39 5.00 24.37 -7.32
CA HIS B 39 5.60 24.71 -8.60
C HIS B 39 4.69 25.62 -9.41
N ASP B 40 3.39 25.36 -9.35
CA ASP B 40 2.43 26.16 -10.11
C ASP B 40 2.45 27.62 -9.64
N ARG B 41 2.53 27.83 -8.33
CA ARG B 41 2.57 29.19 -7.81
C ARG B 41 3.86 29.90 -8.22
N LYS B 42 4.97 29.17 -8.20
CA LYS B 42 6.26 29.73 -8.59
C LYS B 42 6.29 30.01 -10.09
N GLU B 43 6.78 31.19 -10.45
CA GLU B 43 6.86 31.57 -11.85
C GLU B 43 7.85 30.67 -12.59
N PHE B 44 7.47 30.25 -13.80
CA PHE B 44 8.33 29.38 -14.60
C PHE B 44 8.20 29.73 -16.08
N GLY A 1 17.49 -32.27 3.51
CA GLY A 1 17.22 -31.62 2.20
C GLY A 1 16.33 -30.39 2.40
N ALA A 2 15.04 -30.54 2.11
CA ALA A 2 14.11 -29.42 2.28
C ALA A 2 13.95 -29.07 3.75
N LEU A 3 13.81 -27.78 4.03
CA LEU A 3 13.65 -27.30 5.41
C LEU A 3 12.23 -26.78 5.63
N GLU A 4 11.61 -27.23 6.71
CA GLU A 4 10.25 -26.79 7.03
C GLU A 4 10.25 -25.99 8.33
N GLU A 5 9.67 -24.79 8.27
CA GLU A 5 9.60 -23.92 9.44
C GLU A 5 8.17 -23.77 9.91
N ARG A 6 7.93 -24.08 11.18
CA ARG A 6 6.59 -23.97 11.74
C ARG A 6 6.22 -22.51 11.92
N CYS A 7 4.96 -22.18 11.70
CA CYS A 7 4.49 -20.81 11.84
C CYS A 7 5.36 -19.85 11.03
N GLY A 8 6.30 -20.40 10.26
CA GLY A 8 7.17 -19.58 9.44
C GLY A 8 6.38 -18.97 8.29
N ILE A 9 6.81 -17.80 7.80
CA ILE A 9 6.12 -17.14 6.71
C ILE A 9 6.94 -17.23 5.42
N PRO A 10 6.57 -18.08 4.47
CA PRO A 10 7.30 -18.19 3.18
C PRO A 10 7.24 -16.89 2.37
N ILE A 11 8.31 -16.59 1.66
CA ILE A 11 8.38 -15.37 0.85
C ILE A 11 7.12 -15.25 -0.01
N TRP A 12 6.42 -16.34 -0.28
CA TRP A 12 5.23 -16.25 -1.12
C TRP A 12 4.23 -15.26 -0.51
N VAL A 13 4.08 -15.31 0.81
CA VAL A 13 3.16 -14.41 1.50
C VAL A 13 3.63 -12.98 1.33
N VAL A 14 4.93 -12.76 1.44
CA VAL A 14 5.46 -11.43 1.23
C VAL A 14 5.21 -11.05 -0.22
N LEU A 15 5.45 -11.99 -1.11
CA LEU A 15 5.23 -11.76 -2.54
C LEU A 15 3.75 -11.50 -2.76
N VAL A 16 2.90 -12.28 -2.12
CA VAL A 16 1.47 -12.09 -2.25
C VAL A 16 1.12 -10.74 -1.65
N GLY A 17 1.70 -10.43 -0.49
CA GLY A 17 1.43 -9.16 0.18
C GLY A 17 1.81 -8.00 -0.72
N VAL A 18 2.94 -8.15 -1.41
CA VAL A 18 3.42 -7.13 -2.31
C VAL A 18 2.43 -6.92 -3.45
N LEU A 19 1.92 -8.04 -3.97
CA LEU A 19 0.96 -7.98 -5.07
C LEU A 19 -0.32 -7.27 -4.64
N GLY A 20 -0.79 -7.57 -3.42
CA GLY A 20 -2.02 -6.94 -2.93
C GLY A 20 -1.86 -5.43 -2.79
N GLY A 21 -0.73 -5.00 -2.23
CA GLY A 21 -0.50 -3.58 -2.05
C GLY A 21 -0.45 -2.86 -3.39
N LEU A 22 0.25 -3.45 -4.36
CA LEU A 22 0.33 -2.83 -5.69
C LEU A 22 -1.05 -2.75 -6.32
N LEU A 23 -1.84 -3.81 -6.21
CA LEU A 23 -3.18 -3.78 -6.80
C LEU A 23 -4.02 -2.70 -6.13
N LEU A 24 -3.94 -2.58 -4.81
CA LEU A 24 -4.70 -1.55 -4.11
C LEU A 24 -4.24 -0.17 -4.55
N LEU A 25 -2.93 0.01 -4.67
CA LEU A 25 -2.37 1.29 -5.10
C LEU A 25 -2.84 1.65 -6.51
N THR A 26 -2.85 0.68 -7.42
CA THR A 26 -3.31 0.93 -8.79
C THR A 26 -4.78 1.35 -8.79
N ILE A 27 -5.62 0.68 -8.02
CA ILE A 27 -7.04 1.02 -8.01
C ILE A 27 -7.26 2.44 -7.48
N LEU A 28 -6.54 2.79 -6.43
CA LEU A 28 -6.72 4.11 -5.84
C LEU A 28 -6.37 5.23 -6.84
N VAL A 29 -5.25 5.08 -7.55
CA VAL A 29 -4.81 6.09 -8.49
C VAL A 29 -5.78 6.30 -9.66
N LEU A 30 -6.25 5.21 -10.26
CA LEU A 30 -7.17 5.32 -11.39
C LEU A 30 -8.49 5.98 -10.99
N ALA A 31 -9.03 5.61 -9.84
CA ALA A 31 -10.31 6.18 -9.39
C ALA A 31 -10.17 7.69 -9.17
N MET A 32 -9.08 8.11 -8.55
CA MET A 32 -8.86 9.52 -8.29
C MET A 32 -8.66 10.29 -9.59
N TRP A 33 -7.95 9.68 -10.53
CA TRP A 33 -7.71 10.31 -11.83
C TRP A 33 -9.03 10.49 -12.56
N LYS A 34 -9.83 9.43 -12.56
CA LYS A 34 -11.12 9.49 -13.23
C LYS A 34 -12.00 10.54 -12.57
N VAL A 35 -11.86 10.67 -11.26
CA VAL A 35 -12.64 11.62 -10.47
C VAL A 35 -12.20 13.06 -10.71
N GLY A 36 -11.06 13.28 -11.35
CA GLY A 36 -10.63 14.64 -11.63
C GLY A 36 -9.91 15.24 -10.44
N PHE A 37 -9.52 14.38 -9.51
CA PHE A 37 -8.81 14.83 -8.33
C PHE A 37 -7.52 15.51 -8.77
N PHE A 38 -6.88 14.90 -9.76
CA PHE A 38 -5.61 15.43 -10.28
C PHE A 38 -5.86 16.56 -11.28
N LYS A 39 -7.12 16.80 -11.60
CA LYS A 39 -7.48 17.88 -12.52
C LYS A 39 -7.31 19.22 -11.81
N ARG A 40 -7.15 20.31 -12.56
CA ARG A 40 -6.98 21.62 -11.92
C ARG A 40 -8.32 22.12 -11.38
N ASN A 41 -8.26 22.81 -10.25
CA ASN A 41 -9.46 23.34 -9.62
C ASN A 41 -10.14 24.39 -10.52
N ARG A 42 -9.33 25.23 -11.15
CA ARG A 42 -9.86 26.27 -12.02
C ARG A 42 -10.91 25.70 -12.99
N PRO A 43 -10.51 24.84 -13.90
CA PRO A 43 -11.47 24.24 -14.89
C PRO A 43 -12.61 23.49 -14.20
N GLY B 1 -10.38 -23.85 2.55
CA GLY B 1 -10.46 -25.30 2.87
C GLY B 1 -9.59 -25.60 4.08
N GLU B 2 -8.29 -25.72 3.86
CA GLU B 2 -7.36 -26.02 4.94
C GLU B 2 -7.33 -24.85 5.93
N SER B 3 -7.31 -25.17 7.22
CA SER B 3 -7.28 -24.16 8.27
C SER B 3 -6.08 -24.36 9.19
N PRO B 4 -4.92 -23.89 8.80
CA PRO B 4 -3.68 -24.03 9.62
C PRO B 4 -3.81 -23.31 10.96
N LYS B 5 -3.20 -23.89 12.00
CA LYS B 5 -3.26 -23.30 13.32
C LYS B 5 -2.58 -21.93 13.32
N CYS B 6 -1.45 -21.83 12.65
CA CYS B 6 -0.72 -20.57 12.59
C CYS B 6 -1.19 -19.71 11.41
N GLY B 7 -2.36 -20.03 10.86
CA GLY B 7 -2.91 -19.27 9.75
C GLY B 7 -2.92 -17.78 10.07
N PRO B 8 -3.42 -17.42 11.22
CA PRO B 8 -3.48 -16.00 11.68
C PRO B 8 -2.12 -15.32 11.69
N ASP B 9 -1.08 -16.10 11.97
CA ASP B 9 0.29 -15.57 12.00
C ASP B 9 0.73 -15.10 10.62
N ILE B 10 0.55 -15.94 9.60
CA ILE B 10 0.90 -15.55 8.23
C ILE B 10 -0.08 -14.48 7.75
N LEU B 11 -1.35 -14.63 8.08
CA LEU B 11 -2.36 -13.68 7.64
C LEU B 11 -2.07 -12.30 8.20
N VAL B 12 -1.66 -12.24 9.46
CA VAL B 12 -1.33 -10.96 10.09
C VAL B 12 -0.16 -10.31 9.37
N VAL B 13 0.85 -11.10 9.06
CA VAL B 13 2.03 -10.61 8.35
C VAL B 13 1.68 -10.17 6.92
N LEU B 14 0.88 -10.98 6.24
CA LEU B 14 0.50 -10.64 4.86
C LEU B 14 -0.27 -9.31 4.86
N LEU B 15 -1.18 -9.16 5.81
CA LEU B 15 -1.97 -7.93 5.91
C LEU B 15 -1.09 -6.73 6.24
N SER B 16 -0.15 -6.95 7.16
CA SER B 16 0.73 -5.85 7.58
C SER B 16 1.53 -5.29 6.41
N VAL B 17 2.05 -6.16 5.55
CA VAL B 17 2.82 -5.71 4.40
C VAL B 17 1.92 -4.89 3.48
N MET B 18 0.73 -5.40 3.20
CA MET B 18 -0.20 -4.69 2.33
C MET B 18 -0.62 -3.35 2.90
N GLY B 19 -0.87 -3.29 4.21
CA GLY B 19 -1.27 -2.03 4.83
C GLY B 19 -0.16 -1.00 4.67
N ALA B 20 1.08 -1.42 4.92
CA ALA B 20 2.22 -0.52 4.82
C ALA B 20 2.32 0.03 3.41
N ILE B 21 2.10 -0.85 2.43
CA ILE B 21 2.17 -0.40 1.05
C ILE B 21 1.06 0.62 0.79
N LEU B 22 -0.13 0.33 1.29
CA LEU B 22 -1.26 1.22 1.09
C LEU B 22 -1.02 2.58 1.74
N LEU B 23 -0.49 2.57 2.96
CA LEU B 23 -0.23 3.82 3.68
C LEU B 23 0.81 4.72 3.00
N ILE B 24 1.89 4.14 2.49
CA ILE B 24 2.90 4.95 1.82
C ILE B 24 2.37 5.48 0.48
N GLY B 25 1.61 4.65 -0.23
CA GLY B 25 1.07 5.08 -1.51
C GLY B 25 0.21 6.32 -1.34
N LEU B 26 -0.61 6.34 -0.30
CA LEU B 26 -1.45 7.49 -0.02
C LEU B 26 -0.56 8.69 0.29
N ALA B 27 0.49 8.45 1.07
CA ALA B 27 1.42 9.51 1.44
C ALA B 27 2.10 10.05 0.18
N ALA B 28 2.47 9.12 -0.71
CA ALA B 28 3.12 9.49 -1.95
C ALA B 28 2.17 10.36 -2.78
N LEU B 29 0.89 10.00 -2.78
CA LEU B 29 -0.09 10.75 -3.54
C LEU B 29 -0.20 12.18 -3.02
N LEU B 30 -0.25 12.33 -1.70
CA LEU B 30 -0.33 13.67 -1.12
C LEU B 30 0.94 14.48 -1.42
N ILE B 31 2.09 13.81 -1.31
CA ILE B 31 3.36 14.48 -1.56
C ILE B 31 3.46 14.94 -3.02
N TRP B 32 3.05 14.10 -3.94
CA TRP B 32 3.11 14.47 -5.35
C TRP B 32 2.25 15.72 -5.58
N LYS B 33 1.05 15.74 -4.99
CA LYS B 33 0.15 16.89 -5.16
C LYS B 33 0.76 18.16 -4.60
N LEU B 34 1.41 18.04 -3.46
CA LEU B 34 2.02 19.22 -2.85
C LEU B 34 3.10 19.83 -3.76
N LEU B 35 3.94 18.97 -4.34
CA LEU B 35 5.02 19.43 -5.24
C LEU B 35 4.46 20.10 -6.47
N ILE B 36 3.42 19.49 -7.02
CA ILE B 36 2.76 20.05 -8.20
C ILE B 36 2.16 21.42 -7.93
N THR B 37 1.55 21.58 -6.75
CA THR B 37 0.95 22.88 -6.38
C THR B 37 2.04 23.96 -6.26
N ILE B 38 3.17 23.60 -5.64
CA ILE B 38 4.30 24.51 -5.44
C ILE B 38 4.86 24.95 -6.82
N HIS B 39 4.95 24.00 -7.76
CA HIS B 39 5.45 24.35 -9.11
C HIS B 39 4.45 25.23 -9.86
N ASP B 40 3.17 24.96 -9.70
CA ASP B 40 2.18 25.75 -10.40
C ASP B 40 2.19 27.21 -9.92
N ARG B 41 2.38 27.38 -8.62
CA ARG B 41 2.41 28.73 -8.05
C ARG B 41 3.57 29.51 -8.63
N LYS B 42 4.73 28.88 -8.73
CA LYS B 42 5.91 29.55 -9.27
C LYS B 42 5.87 29.53 -10.79
N GLU B 43 4.97 28.75 -11.36
CA GLU B 43 4.84 28.66 -12.80
C GLU B 43 6.18 28.21 -13.41
N PHE B 44 6.56 26.97 -13.13
CA PHE B 44 7.81 26.43 -13.64
C PHE B 44 8.94 27.44 -13.49
N GLY A 1 8.98 -30.37 19.94
CA GLY A 1 9.48 -28.96 19.92
C GLY A 1 8.72 -28.16 18.88
N ALA A 2 7.48 -28.54 18.64
CA ALA A 2 6.64 -27.84 17.66
C ALA A 2 6.39 -26.41 18.10
N LEU A 3 6.21 -26.22 19.40
CA LEU A 3 5.97 -24.88 19.95
C LEU A 3 7.16 -23.97 19.70
N GLU A 4 8.37 -24.50 19.89
CA GLU A 4 9.58 -23.71 19.68
C GLU A 4 9.73 -23.33 18.21
N GLU A 5 9.40 -24.27 17.34
CA GLU A 5 9.51 -24.03 15.90
C GLU A 5 8.47 -23.00 15.46
N ARG A 6 8.87 -22.11 14.55
CA ARG A 6 7.97 -21.08 14.04
C ARG A 6 7.94 -21.10 12.51
N CYS A 7 6.77 -20.82 11.95
CA CYS A 7 6.61 -20.81 10.50
C CYS A 7 7.35 -19.62 9.88
N GLY A 8 7.39 -18.51 10.61
CA GLY A 8 8.07 -17.32 10.10
C GLY A 8 7.21 -16.66 9.02
N ILE A 9 7.83 -15.82 8.19
CA ILE A 9 7.10 -15.16 7.12
C ILE A 9 7.44 -15.80 5.77
N PRO A 10 6.57 -16.61 5.18
CA PRO A 10 6.84 -17.25 3.86
C PRO A 10 7.03 -16.24 2.74
N ILE A 11 7.94 -16.56 1.83
CA ILE A 11 8.21 -15.68 0.70
C ILE A 11 6.98 -15.55 -0.19
N TRP A 12 6.27 -16.64 -0.47
CA TRP A 12 5.08 -16.55 -1.32
C TRP A 12 4.07 -15.58 -0.71
N VAL A 13 3.88 -15.69 0.61
CA VAL A 13 2.93 -14.83 1.32
C VAL A 13 3.38 -13.38 1.24
N VAL A 14 4.67 -13.15 1.45
CA VAL A 14 5.18 -11.79 1.33
C VAL A 14 5.02 -11.35 -0.12
N LEU A 15 5.35 -12.24 -1.03
CA LEU A 15 5.22 -11.96 -2.46
C LEU A 15 3.76 -11.71 -2.77
N VAL A 16 2.89 -12.54 -2.23
CA VAL A 16 1.47 -12.36 -2.45
C VAL A 16 1.04 -11.05 -1.80
N GLY A 17 1.54 -10.79 -0.61
CA GLY A 17 1.20 -9.56 0.10
C GLY A 17 1.63 -8.34 -0.70
N VAL A 18 2.81 -8.44 -1.30
CA VAL A 18 3.33 -7.35 -2.12
C VAL A 18 2.40 -7.12 -3.28
N LEU A 19 1.96 -8.21 -3.91
CA LEU A 19 1.07 -8.12 -5.05
C LEU A 19 -0.25 -7.44 -4.68
N GLY A 20 -0.81 -7.80 -3.51
CA GLY A 20 -2.07 -7.22 -3.09
C GLY A 20 -1.95 -5.71 -2.90
N GLY A 21 -0.85 -5.28 -2.30
CA GLY A 21 -0.64 -3.85 -2.05
C GLY A 21 -0.54 -3.10 -3.37
N LEU A 22 0.24 -3.62 -4.32
CA LEU A 22 0.38 -2.95 -5.61
C LEU A 22 -0.96 -2.89 -6.34
N LEU A 23 -1.71 -3.99 -6.32
CA LEU A 23 -3.00 -3.99 -7.01
C LEU A 23 -3.94 -2.96 -6.37
N LEU A 24 -3.97 -2.93 -5.05
CA LEU A 24 -4.82 -1.95 -4.35
C LEU A 24 -4.36 -0.53 -4.67
N LEU A 25 -3.04 -0.34 -4.68
CA LEU A 25 -2.46 0.96 -4.98
C LEU A 25 -2.84 1.39 -6.40
N THR A 26 -2.78 0.46 -7.35
CA THR A 26 -3.15 0.78 -8.72
C THR A 26 -4.62 1.18 -8.77
N ILE A 27 -5.49 0.46 -8.06
CA ILE A 27 -6.91 0.78 -8.06
C ILE A 27 -7.18 2.17 -7.50
N LEU A 28 -6.52 2.47 -6.38
CA LEU A 28 -6.73 3.76 -5.73
C LEU A 28 -6.35 4.91 -6.66
N VAL A 29 -5.21 4.78 -7.32
CA VAL A 29 -4.73 5.83 -8.23
C VAL A 29 -5.68 6.06 -9.40
N LEU A 30 -6.14 4.98 -10.01
CA LEU A 30 -7.03 5.09 -11.15
C LEU A 30 -8.35 5.77 -10.78
N ALA A 31 -8.92 5.40 -9.63
CA ALA A 31 -10.19 5.99 -9.21
C ALA A 31 -10.04 7.49 -8.97
N MET A 32 -8.96 7.89 -8.31
CA MET A 32 -8.72 9.31 -8.04
C MET A 32 -8.51 10.08 -9.33
N TRP A 33 -7.78 9.50 -10.27
CA TRP A 33 -7.52 10.15 -11.55
C TRP A 33 -8.81 10.35 -12.30
N LYS A 34 -9.63 9.30 -12.34
CA LYS A 34 -10.90 9.35 -13.03
C LYS A 34 -11.80 10.39 -12.37
N VAL A 35 -11.69 10.50 -11.06
CA VAL A 35 -12.50 11.44 -10.28
C VAL A 35 -12.08 12.89 -10.49
N GLY A 36 -10.92 13.14 -11.10
CA GLY A 36 -10.51 14.51 -11.34
C GLY A 36 -9.79 15.08 -10.13
N PHE A 37 -9.42 14.22 -9.21
CA PHE A 37 -8.69 14.63 -8.03
C PHE A 37 -7.39 15.30 -8.44
N PHE A 38 -6.73 14.69 -9.42
CA PHE A 38 -5.46 15.21 -9.89
C PHE A 38 -5.65 16.35 -10.89
N LYS A 39 -6.90 16.55 -11.29
CA LYS A 39 -7.24 17.64 -12.21
C LYS A 39 -7.35 18.92 -11.39
N ARG A 40 -7.22 20.09 -12.02
CA ARG A 40 -7.32 21.34 -11.28
C ARG A 40 -8.29 22.30 -11.98
N ASN A 41 -9.18 22.91 -11.19
CA ASN A 41 -10.15 23.84 -11.74
C ASN A 41 -9.45 25.03 -12.37
N ARG A 42 -8.41 25.53 -11.71
CA ARG A 42 -7.68 26.67 -12.22
C ARG A 42 -8.62 27.85 -12.47
N PRO A 43 -9.14 28.43 -11.43
CA PRO A 43 -10.07 29.58 -11.52
C PRO A 43 -9.53 30.69 -12.45
N GLY B 1 -8.36 -22.26 18.78
CA GLY B 1 -8.13 -21.90 17.36
C GLY B 1 -8.56 -23.06 16.47
N GLU B 2 -9.70 -22.90 15.80
CA GLU B 2 -10.22 -23.94 14.92
C GLU B 2 -9.30 -24.12 13.73
N SER B 3 -8.78 -23.02 13.21
CA SER B 3 -7.87 -23.08 12.06
C SER B 3 -6.43 -23.25 12.53
N PRO B 4 -5.49 -23.32 11.62
CA PRO B 4 -4.05 -23.48 11.98
C PRO B 4 -3.52 -22.31 12.80
N LYS B 5 -2.61 -22.60 13.73
CA LYS B 5 -2.04 -21.57 14.59
C LYS B 5 -1.26 -20.56 13.75
N CYS B 6 -0.50 -21.06 12.78
CA CYS B 6 0.30 -20.21 11.92
C CYS B 6 -0.58 -19.48 10.90
N GLY B 7 -1.78 -20.01 10.68
CA GLY B 7 -2.71 -19.41 9.73
C GLY B 7 -2.82 -17.90 9.91
N PRO B 8 -3.33 -17.46 11.03
CA PRO B 8 -3.50 -16.01 11.31
C PRO B 8 -2.17 -15.24 11.40
N ASP B 9 -1.09 -15.97 11.71
CA ASP B 9 0.22 -15.36 11.81
C ASP B 9 0.71 -14.83 10.46
N ILE B 10 0.57 -15.65 9.42
CA ILE B 10 0.95 -15.24 8.08
C ILE B 10 -0.03 -14.17 7.57
N LEU B 11 -1.31 -14.37 7.86
CA LEU B 11 -2.34 -13.44 7.42
C LEU B 11 -2.11 -12.06 8.03
N VAL B 12 -1.74 -12.03 9.31
CA VAL B 12 -1.48 -10.76 9.98
C VAL B 12 -0.32 -10.04 9.31
N VAL B 13 0.73 -10.79 8.99
CA VAL B 13 1.89 -10.21 8.32
C VAL B 13 1.53 -9.72 6.92
N LEU B 14 0.78 -10.53 6.18
CA LEU B 14 0.40 -10.12 4.83
C LEU B 14 -0.43 -8.84 4.86
N LEU B 15 -1.37 -8.75 5.80
CA LEU B 15 -2.19 -7.57 5.91
C LEU B 15 -1.33 -6.37 6.26
N SER B 16 -0.41 -6.60 7.19
CA SER B 16 0.50 -5.54 7.62
C SER B 16 1.34 -5.02 6.46
N VAL B 17 1.86 -5.94 5.63
CA VAL B 17 2.67 -5.54 4.48
C VAL B 17 1.81 -4.76 3.49
N MET B 18 0.62 -5.28 3.19
CA MET B 18 -0.27 -4.62 2.24
C MET B 18 -0.70 -3.25 2.77
N GLY B 19 -1.00 -3.16 4.07
CA GLY B 19 -1.40 -1.88 4.65
C GLY B 19 -0.27 -0.88 4.52
N ALA B 20 0.95 -1.33 4.79
CA ALA B 20 2.11 -0.44 4.72
C ALA B 20 2.26 0.11 3.31
N ILE B 21 2.02 -0.76 2.31
CA ILE B 21 2.13 -0.32 0.92
C ILE B 21 1.08 0.75 0.66
N LEU B 22 -0.14 0.52 1.13
CA LEU B 22 -1.21 1.49 0.92
C LEU B 22 -0.91 2.83 1.60
N LEU B 23 -0.39 2.79 2.82
CA LEU B 23 -0.09 4.02 3.56
C LEU B 23 0.99 4.88 2.89
N ILE B 24 2.05 4.26 2.39
CA ILE B 24 3.11 5.02 1.74
C ILE B 24 2.62 5.57 0.40
N GLY B 25 1.85 4.76 -0.33
CA GLY B 25 1.34 5.19 -1.62
C GLY B 25 0.47 6.44 -1.46
N LEU B 26 -0.39 6.44 -0.46
CA LEU B 26 -1.24 7.59 -0.20
C LEU B 26 -0.37 8.79 0.14
N ALA B 27 0.66 8.55 0.94
CA ALA B 27 1.58 9.62 1.30
C ALA B 27 2.24 10.15 0.04
N ALA B 28 2.61 9.22 -0.84
CA ALA B 28 3.27 9.60 -2.09
C ALA B 28 2.34 10.48 -2.95
N LEU B 29 1.07 10.09 -3.02
CA LEU B 29 0.12 10.86 -3.83
C LEU B 29 -0.05 12.28 -3.29
N LEU B 30 -0.15 12.42 -1.96
CA LEU B 30 -0.30 13.74 -1.36
C LEU B 30 0.94 14.61 -1.59
N ILE B 31 2.11 13.97 -1.46
CA ILE B 31 3.37 14.70 -1.67
C ILE B 31 3.47 15.19 -3.11
N TRP B 32 3.10 14.33 -4.06
CA TRP B 32 3.20 14.72 -5.47
C TRP B 32 2.32 15.97 -5.70
N LYS B 33 1.09 15.93 -5.17
CA LYS B 33 0.16 17.05 -5.34
C LYS B 33 0.71 18.33 -4.72
N LEU B 34 1.32 18.21 -3.55
CA LEU B 34 1.88 19.38 -2.88
C LEU B 34 2.96 20.01 -3.76
N LEU B 35 3.83 19.19 -4.33
CA LEU B 35 4.91 19.70 -5.18
C LEU B 35 4.33 20.38 -6.43
N ILE B 36 3.32 19.78 -7.01
CA ILE B 36 2.70 20.33 -8.22
C ILE B 36 2.05 21.68 -7.97
N THR B 37 1.38 21.80 -6.82
CA THR B 37 0.70 23.04 -6.46
C THR B 37 1.74 24.18 -6.28
N ILE B 38 2.88 23.83 -5.64
CA ILE B 38 3.94 24.80 -5.39
C ILE B 38 4.54 25.32 -6.68
N HIS B 39 4.80 24.42 -7.63
CA HIS B 39 5.41 24.82 -8.91
C HIS B 39 4.43 25.71 -9.70
N ASP B 40 3.14 25.39 -9.60
CA ASP B 40 2.12 26.15 -10.31
C ASP B 40 2.10 27.57 -9.79
N ARG B 41 2.25 27.74 -8.49
CA ARG B 41 2.24 29.07 -7.89
C ARG B 41 3.42 29.89 -8.41
N LYS B 42 4.58 29.25 -8.50
CA LYS B 42 5.78 29.93 -8.99
C LYS B 42 5.59 30.37 -10.44
N GLU B 43 5.00 29.50 -11.25
CA GLU B 43 4.76 29.82 -12.65
C GLU B 43 3.75 30.95 -12.79
N PHE B 44 4.02 31.87 -13.71
CA PHE B 44 3.15 33.01 -13.93
C PHE B 44 2.23 32.76 -15.13
N GLY A 1 18.27 -20.62 11.53
CA GLY A 1 18.68 -20.60 12.97
C GLY A 1 19.03 -22.02 13.42
N ALA A 2 19.55 -22.13 14.63
CA ALA A 2 19.91 -23.44 15.18
C ALA A 2 18.67 -24.31 15.34
N LEU A 3 17.56 -23.70 15.74
CA LEU A 3 16.31 -24.44 15.92
C LEU A 3 15.29 -24.02 14.87
N GLU A 4 14.74 -25.00 14.17
CA GLU A 4 13.74 -24.72 13.14
C GLU A 4 12.48 -24.13 13.76
N GLU A 5 11.88 -23.17 13.07
CA GLU A 5 10.67 -22.53 13.57
C GLU A 5 9.45 -22.98 12.75
N ARG A 6 8.46 -23.54 13.44
CA ARG A 6 7.25 -24.01 12.77
C ARG A 6 6.48 -22.85 12.15
N CYS A 7 6.44 -21.72 12.86
CA CYS A 7 5.74 -20.55 12.36
C CYS A 7 6.69 -19.63 11.62
N GLY A 8 6.20 -19.07 10.51
CA GLY A 8 7.01 -18.16 9.69
C GLY A 8 6.20 -17.62 8.53
N ILE A 9 6.81 -16.76 7.72
CA ILE A 9 6.12 -16.18 6.58
C ILE A 9 6.86 -16.52 5.27
N PRO A 10 6.35 -17.42 4.46
CA PRO A 10 6.99 -17.77 3.16
C PRO A 10 7.07 -16.59 2.20
N ILE A 11 8.15 -16.53 1.43
CA ILE A 11 8.34 -15.44 0.49
C ILE A 11 7.14 -15.34 -0.45
N TRP A 12 6.40 -16.41 -0.66
CA TRP A 12 5.24 -16.30 -1.53
C TRP A 12 4.21 -15.36 -0.91
N VAL A 13 4.02 -15.50 0.40
CA VAL A 13 3.04 -14.70 1.14
C VAL A 13 3.42 -13.22 1.13
N VAL A 14 4.66 -12.88 1.40
CA VAL A 14 5.03 -11.46 1.37
C VAL A 14 4.94 -11.01 -0.08
N LEU A 15 5.30 -11.91 -0.99
CA LEU A 15 5.22 -11.62 -2.42
C LEU A 15 3.76 -11.38 -2.76
N VAL A 16 2.88 -12.22 -2.23
CA VAL A 16 1.47 -12.07 -2.47
C VAL A 16 0.97 -10.78 -1.85
N GLY A 17 1.42 -10.51 -0.62
CA GLY A 17 0.99 -9.30 0.10
C GLY A 17 1.40 -8.00 -0.60
N VAL A 18 2.65 -7.90 -1.02
CA VAL A 18 3.10 -6.68 -1.68
C VAL A 18 2.37 -6.48 -3.00
N LEU A 19 2.15 -7.58 -3.73
CA LEU A 19 1.45 -7.50 -5.01
C LEU A 19 0.02 -6.98 -4.81
N GLY A 20 -0.64 -7.46 -3.74
CA GLY A 20 -2.00 -7.02 -3.48
C GLY A 20 -2.02 -5.51 -3.22
N GLY A 21 -1.02 -5.03 -2.48
CA GLY A 21 -0.93 -3.61 -2.16
C GLY A 21 -0.76 -2.79 -3.44
N LEU A 22 0.11 -3.23 -4.34
CA LEU A 22 0.30 -2.51 -5.60
C LEU A 22 -1.01 -2.50 -6.39
N LEU A 23 -1.71 -3.63 -6.42
CA LEU A 23 -2.97 -3.66 -7.15
C LEU A 23 -3.96 -2.67 -6.54
N LEU A 24 -4.03 -2.65 -5.22
CA LEU A 24 -4.92 -1.71 -4.53
C LEU A 24 -4.51 -0.28 -4.82
N LEU A 25 -3.20 -0.02 -4.82
CA LEU A 25 -2.69 1.33 -5.09
C LEU A 25 -3.00 1.74 -6.54
N THR A 26 -2.95 0.80 -7.47
CA THR A 26 -3.28 1.09 -8.85
C THR A 26 -4.75 1.48 -8.94
N ILE A 27 -5.62 0.79 -8.19
CA ILE A 27 -7.03 1.09 -8.22
C ILE A 27 -7.31 2.50 -7.67
N LEU A 28 -6.63 2.82 -6.56
CA LEU A 28 -6.84 4.12 -5.92
C LEU A 28 -6.45 5.25 -6.88
N VAL A 29 -5.32 5.11 -7.55
CA VAL A 29 -4.85 6.12 -8.49
C VAL A 29 -5.78 6.29 -9.67
N LEU A 30 -6.26 5.18 -10.23
CA LEU A 30 -7.14 5.25 -11.39
C LEU A 30 -8.46 5.91 -11.03
N ALA A 31 -9.02 5.56 -9.88
CA ALA A 31 -10.30 6.14 -9.47
C ALA A 31 -10.17 7.64 -9.24
N MET A 32 -9.10 8.05 -8.57
CA MET A 32 -8.87 9.46 -8.30
C MET A 32 -8.65 10.23 -9.60
N TRP A 33 -7.90 9.65 -10.52
CA TRP A 33 -7.63 10.29 -11.81
C TRP A 33 -8.92 10.44 -12.59
N LYS A 34 -9.72 9.39 -12.60
CA LYS A 34 -10.98 9.42 -13.32
C LYS A 34 -11.90 10.44 -12.69
N VAL A 35 -11.81 10.56 -11.36
CA VAL A 35 -12.63 11.49 -10.59
C VAL A 35 -12.22 12.94 -10.80
N GLY A 36 -11.05 13.19 -11.39
CA GLY A 36 -10.63 14.56 -11.64
C GLY A 36 -9.96 15.15 -10.42
N PHE A 37 -9.58 14.31 -9.49
CA PHE A 37 -8.90 14.74 -8.30
C PHE A 37 -7.61 15.43 -8.70
N PHE A 38 -6.93 14.83 -9.66
CA PHE A 38 -5.65 15.37 -10.14
C PHE A 38 -5.86 16.51 -11.13
N LYS A 39 -7.11 16.71 -11.53
CA LYS A 39 -7.46 17.80 -12.45
C LYS A 39 -7.56 19.10 -11.66
N ARG A 40 -7.45 20.25 -12.33
CA ARG A 40 -7.53 21.52 -11.62
C ARG A 40 -8.95 21.77 -11.14
N ASN A 41 -9.08 22.37 -9.95
CA ASN A 41 -10.39 22.67 -9.40
C ASN A 41 -10.82 24.09 -9.75
N ARG A 42 -11.78 24.21 -10.66
CA ARG A 42 -12.27 25.52 -11.06
C ARG A 42 -11.14 26.37 -11.63
N PRO A 43 -10.52 25.91 -12.69
CA PRO A 43 -9.40 26.63 -13.35
C PRO A 43 -9.88 27.86 -14.14
N GLY B 1 -6.84 -27.67 16.81
CA GLY B 1 -7.74 -26.58 16.34
C GLY B 1 -8.04 -26.78 14.85
N GLU B 2 -9.30 -26.59 14.48
CA GLU B 2 -9.71 -26.76 13.09
C GLU B 2 -9.06 -25.68 12.21
N SER B 3 -8.98 -24.48 12.74
CA SER B 3 -8.38 -23.37 12.00
C SER B 3 -7.00 -23.76 11.47
N PRO B 4 -6.50 -23.05 10.49
CA PRO B 4 -5.17 -23.34 9.89
C PRO B 4 -4.03 -23.12 10.89
N LYS B 5 -2.99 -23.93 10.77
CA LYS B 5 -1.84 -23.82 11.68
C LYS B 5 -1.13 -22.49 11.49
N CYS B 6 -0.86 -21.81 12.60
CA CYS B 6 -0.18 -20.52 12.57
C CYS B 6 -0.62 -19.70 11.37
N GLY B 7 -1.84 -19.94 10.91
CA GLY B 7 -2.39 -19.22 9.77
C GLY B 7 -2.57 -17.74 10.10
N PRO B 8 -3.20 -17.45 11.20
CA PRO B 8 -3.45 -16.04 11.66
C PRO B 8 -2.14 -15.25 11.74
N ASP B 9 -1.08 -15.95 12.09
CA ASP B 9 0.24 -15.34 12.19
C ASP B 9 0.73 -14.92 10.80
N ILE B 10 0.55 -15.81 9.82
CA ILE B 10 0.92 -15.52 8.44
C ILE B 10 0.04 -14.40 7.91
N LEU B 11 -1.26 -14.49 8.21
CA LEU B 11 -2.22 -13.50 7.76
C LEU B 11 -1.94 -12.12 8.34
N VAL B 12 -1.54 -12.08 9.61
CA VAL B 12 -1.23 -10.81 10.26
C VAL B 12 -0.07 -10.12 9.55
N VAL B 13 0.96 -10.89 9.22
CA VAL B 13 2.13 -10.33 8.54
C VAL B 13 1.76 -9.85 7.13
N LEU B 14 0.99 -10.66 6.40
CA LEU B 14 0.59 -10.25 5.06
C LEU B 14 -0.26 -8.99 5.09
N LEU B 15 -1.20 -8.93 6.03
CA LEU B 15 -2.06 -7.75 6.15
C LEU B 15 -1.23 -6.53 6.54
N SER B 16 -0.33 -6.73 7.50
CA SER B 16 0.50 -5.64 7.97
C SER B 16 1.40 -5.12 6.85
N VAL B 17 2.00 -6.04 6.10
CA VAL B 17 2.87 -5.66 4.99
C VAL B 17 2.07 -4.94 3.91
N MET B 18 0.91 -5.50 3.56
CA MET B 18 0.08 -4.91 2.53
C MET B 18 -0.39 -3.53 2.98
N GLY B 19 -0.74 -3.41 4.26
CA GLY B 19 -1.20 -2.13 4.80
C GLY B 19 -0.10 -1.10 4.67
N ALA B 20 1.13 -1.51 4.99
CA ALA B 20 2.27 -0.61 4.91
C ALA B 20 2.40 -0.07 3.50
N ILE B 21 2.19 -0.94 2.53
CA ILE B 21 2.28 -0.53 1.13
C ILE B 21 1.20 0.51 0.85
N LEU B 22 0.00 0.24 1.34
CA LEU B 22 -1.13 1.15 1.12
C LEU B 22 -0.88 2.51 1.76
N LEU B 23 -0.36 2.52 2.98
CA LEU B 23 -0.11 3.77 3.69
C LEU B 23 0.94 4.66 3.01
N ILE B 24 2.03 4.08 2.53
CA ILE B 24 3.06 4.87 1.87
C ILE B 24 2.58 5.41 0.52
N GLY B 25 1.87 4.59 -0.23
CA GLY B 25 1.38 5.03 -1.53
C GLY B 25 0.48 6.24 -1.41
N LEU B 26 -0.42 6.22 -0.43
CA LEU B 26 -1.32 7.36 -0.21
C LEU B 26 -0.49 8.58 0.14
N ALA B 27 0.53 8.38 0.97
CA ALA B 27 1.41 9.46 1.34
C ALA B 27 2.11 9.99 0.10
N ALA B 28 2.51 9.06 -0.76
CA ALA B 28 3.20 9.42 -1.99
C ALA B 28 2.29 10.26 -2.89
N LEU B 29 1.02 9.90 -2.97
CA LEU B 29 0.09 10.66 -3.80
C LEU B 29 -0.06 12.08 -3.27
N LEU B 30 -0.15 12.21 -1.95
CA LEU B 30 -0.28 13.54 -1.34
C LEU B 30 0.97 14.37 -1.58
N ILE B 31 2.13 13.74 -1.44
CA ILE B 31 3.40 14.43 -1.65
C ILE B 31 3.53 14.91 -3.08
N TRP B 32 3.15 14.05 -4.03
CA TRP B 32 3.24 14.41 -5.44
C TRP B 32 2.39 15.66 -5.69
N LYS B 33 1.18 15.67 -5.12
CA LYS B 33 0.27 16.80 -5.31
C LYS B 33 0.87 18.08 -4.72
N LEU B 34 1.50 17.97 -3.56
CA LEU B 34 2.09 19.14 -2.93
C LEU B 34 3.17 19.74 -3.83
N LEU B 35 4.00 18.88 -4.42
CA LEU B 35 5.05 19.34 -5.32
C LEU B 35 4.42 20.03 -6.53
N ILE B 36 3.36 19.45 -7.04
CA ILE B 36 2.69 20.01 -8.21
C ILE B 36 2.09 21.39 -7.93
N THR B 37 1.44 21.53 -6.78
CA THR B 37 0.81 22.78 -6.38
C THR B 37 1.82 23.92 -6.17
N ILE B 38 2.90 23.63 -5.44
CA ILE B 38 3.89 24.66 -5.13
C ILE B 38 4.64 25.16 -6.36
N HIS B 39 5.01 24.26 -7.27
CA HIS B 39 5.73 24.67 -8.46
C HIS B 39 4.80 25.39 -9.43
N ASP B 40 3.53 24.99 -9.43
CA ASP B 40 2.55 25.61 -10.31
C ASP B 40 2.37 27.09 -9.97
N ARG B 41 2.28 27.40 -8.69
CA ARG B 41 2.12 28.79 -8.26
C ARG B 41 3.34 29.62 -8.63
N LYS B 42 4.53 29.06 -8.45
CA LYS B 42 5.75 29.77 -8.79
C LYS B 42 5.81 30.05 -10.29
N GLU B 43 5.44 29.05 -11.08
CA GLU B 43 5.45 29.20 -12.54
C GLU B 43 4.44 30.25 -12.97
N PHE B 44 4.85 31.09 -13.93
CA PHE B 44 3.97 32.14 -14.43
C PHE B 44 3.38 31.74 -15.77
N GLY A 1 18.01 -31.28 12.48
CA GLY A 1 16.82 -30.37 12.52
C GLY A 1 16.50 -30.03 13.97
N ALA A 2 16.51 -28.73 14.28
CA ALA A 2 16.22 -28.27 15.63
C ALA A 2 14.76 -28.54 15.99
N LEU A 3 14.53 -28.91 17.25
CA LEU A 3 13.17 -29.19 17.71
C LEU A 3 12.30 -27.95 17.61
N GLU A 4 12.85 -26.81 17.99
CA GLU A 4 12.11 -25.56 17.93
C GLU A 4 11.77 -25.20 16.48
N GLU A 5 10.55 -24.72 16.26
CA GLU A 5 10.11 -24.35 14.92
C GLU A 5 9.43 -22.98 14.95
N ARG A 6 9.60 -22.22 13.87
CA ARG A 6 9.00 -20.90 13.77
C ARG A 6 8.26 -20.76 12.44
N CYS A 7 7.16 -20.00 12.46
CA CYS A 7 6.38 -19.80 11.25
C CYS A 7 7.15 -18.98 10.21
N GLY A 8 7.88 -17.97 10.67
CA GLY A 8 8.67 -17.12 9.77
C GLY A 8 7.76 -16.43 8.77
N ILE A 9 8.37 -15.75 7.79
CA ILE A 9 7.59 -15.08 6.76
C ILE A 9 7.88 -15.71 5.41
N PRO A 10 6.98 -16.52 4.87
CA PRO A 10 7.20 -17.14 3.53
C PRO A 10 7.31 -16.12 2.39
N ILE A 11 8.18 -16.44 1.43
CA ILE A 11 8.38 -15.56 0.29
C ILE A 11 7.07 -15.40 -0.49
N TRP A 12 6.31 -16.45 -0.71
CA TRP A 12 5.05 -16.33 -1.45
C TRP A 12 4.11 -15.32 -0.78
N VAL A 13 4.02 -15.39 0.55
CA VAL A 13 3.15 -14.50 1.30
C VAL A 13 3.63 -13.06 1.17
N VAL A 14 4.92 -12.84 1.28
CA VAL A 14 5.44 -11.50 1.10
C VAL A 14 5.18 -11.09 -0.35
N LEU A 15 5.41 -12.03 -1.26
CA LEU A 15 5.17 -11.76 -2.67
C LEU A 15 3.70 -11.47 -2.87
N VAL A 16 2.84 -12.27 -2.25
CA VAL A 16 1.40 -12.06 -2.36
C VAL A 16 1.05 -10.71 -1.73
N GLY A 17 1.62 -10.43 -0.56
CA GLY A 17 1.33 -9.18 0.12
C GLY A 17 1.73 -7.99 -0.74
N VAL A 18 2.89 -8.11 -1.38
CA VAL A 18 3.41 -7.06 -2.25
C VAL A 18 2.48 -6.84 -3.43
N LEU A 19 2.02 -7.93 -4.04
CA LEU A 19 1.14 -7.83 -5.19
C LEU A 19 -0.18 -7.15 -4.82
N GLY A 20 -0.71 -7.52 -3.65
CA GLY A 20 -1.98 -6.94 -3.20
C GLY A 20 -1.86 -5.43 -2.99
N GLY A 21 -0.77 -5.01 -2.38
CA GLY A 21 -0.56 -3.58 -2.12
C GLY A 21 -0.47 -2.82 -3.43
N LEU A 22 0.29 -3.35 -4.39
CA LEU A 22 0.43 -2.68 -5.69
C LEU A 22 -0.92 -2.61 -6.38
N LEU A 23 -1.69 -3.69 -6.34
CA LEU A 23 -2.99 -3.67 -7.01
C LEU A 23 -3.89 -2.63 -6.34
N LEU A 24 -3.88 -2.58 -5.02
CA LEU A 24 -4.70 -1.59 -4.31
C LEU A 24 -4.23 -0.18 -4.65
N LEU A 25 -2.92 0.01 -4.71
CA LEU A 25 -2.35 1.31 -5.03
C LEU A 25 -2.75 1.72 -6.45
N THR A 26 -2.69 0.78 -7.40
CA THR A 26 -3.07 1.07 -8.78
C THR A 26 -4.55 1.46 -8.85
N ILE A 27 -5.41 0.74 -8.14
CA ILE A 27 -6.84 1.04 -8.17
C ILE A 27 -7.12 2.43 -7.62
N LEU A 28 -6.47 2.73 -6.50
CA LEU A 28 -6.70 4.03 -5.86
C LEU A 28 -6.32 5.18 -6.79
N VAL A 29 -5.18 5.05 -7.47
CA VAL A 29 -4.71 6.10 -8.37
C VAL A 29 -5.68 6.32 -9.52
N LEU A 30 -6.14 5.24 -10.14
CA LEU A 30 -7.05 5.35 -11.27
C LEU A 30 -8.36 6.02 -10.88
N ALA A 31 -8.91 5.65 -9.72
CA ALA A 31 -10.17 6.23 -9.27
C ALA A 31 -10.04 7.73 -9.01
N MET A 32 -8.97 8.13 -8.34
CA MET A 32 -8.74 9.54 -8.05
C MET A 32 -8.52 10.33 -9.33
N TRP A 33 -7.77 9.76 -10.27
CA TRP A 33 -7.50 10.41 -11.54
C TRP A 33 -8.79 10.59 -12.32
N LYS A 34 -9.60 9.55 -12.34
CA LYS A 34 -10.87 9.61 -13.04
C LYS A 34 -11.75 10.67 -12.39
N VAL A 35 -11.63 10.78 -11.07
CA VAL A 35 -12.41 11.73 -10.27
C VAL A 35 -11.96 13.17 -10.50
N GLY A 36 -10.80 13.38 -11.13
CA GLY A 36 -10.36 14.73 -11.38
C GLY A 36 -9.62 15.31 -10.19
N PHE A 37 -9.25 14.44 -9.27
CA PHE A 37 -8.51 14.85 -8.09
C PHE A 37 -7.21 15.49 -8.52
N PHE A 38 -6.57 14.87 -9.51
CA PHE A 38 -5.30 15.37 -10.01
C PHE A 38 -5.48 16.53 -11.00
N LYS A 39 -6.74 16.77 -11.38
CA LYS A 39 -7.06 17.88 -12.27
C LYS A 39 -7.08 19.18 -11.46
N ARG A 40 -6.91 20.32 -12.12
CA ARG A 40 -6.92 21.59 -11.39
C ARG A 40 -8.30 22.24 -11.45
N ASN A 41 -8.79 22.71 -10.31
CA ASN A 41 -10.10 23.35 -10.25
C ASN A 41 -10.09 24.62 -11.09
N ARG A 42 -9.00 25.38 -11.02
CA ARG A 42 -8.89 26.62 -11.78
C ARG A 42 -10.17 27.44 -11.66
N PRO A 43 -10.48 27.89 -10.47
CA PRO A 43 -11.71 28.70 -10.21
C PRO A 43 -11.54 30.15 -10.66
N GLY B 1 -13.12 -24.51 11.44
CA GLY B 1 -12.97 -24.18 12.89
C GLY B 1 -11.51 -24.39 13.30
N GLU B 2 -10.88 -25.41 12.72
CA GLU B 2 -9.49 -25.72 13.03
C GLU B 2 -8.61 -25.49 11.80
N SER B 3 -7.56 -24.68 11.98
CA SER B 3 -6.65 -24.40 10.87
C SER B 3 -5.21 -24.40 11.38
N PRO B 4 -4.25 -24.15 10.51
CA PRO B 4 -2.80 -24.13 10.90
C PRO B 4 -2.51 -23.05 11.93
N LYS B 5 -1.58 -23.33 12.84
CA LYS B 5 -1.22 -22.37 13.88
C LYS B 5 -0.61 -21.12 13.25
N CYS B 6 0.25 -21.32 12.25
CA CYS B 6 0.89 -20.20 11.57
C CYS B 6 -0.10 -19.40 10.71
N GLY B 7 -1.08 -20.10 10.12
CA GLY B 7 -2.07 -19.46 9.27
C GLY B 7 -2.40 -18.03 9.75
N PRO B 8 -3.07 -17.88 10.87
CA PRO B 8 -3.44 -16.53 11.40
C PRO B 8 -2.23 -15.61 11.56
N ASP B 9 -1.11 -16.19 11.95
CA ASP B 9 0.11 -15.41 12.12
C ASP B 9 0.62 -14.93 10.76
N ILE B 10 0.53 -15.82 9.76
CA ILE B 10 0.93 -15.48 8.39
C ILE B 10 -0.01 -14.40 7.88
N LEU B 11 -1.30 -14.58 8.16
CA LEU B 11 -2.34 -13.65 7.71
C LEU B 11 -2.12 -12.26 8.31
N VAL B 12 -1.76 -12.21 9.58
CA VAL B 12 -1.51 -10.94 10.25
C VAL B 12 -0.35 -10.21 9.59
N VAL B 13 0.72 -10.94 9.31
CA VAL B 13 1.89 -10.36 8.66
C VAL B 13 1.58 -9.91 7.23
N LEU B 14 0.86 -10.74 6.48
CA LEU B 14 0.53 -10.37 5.10
C LEU B 14 -0.31 -9.10 5.09
N LEU B 15 -1.29 -9.03 5.99
CA LEU B 15 -2.14 -7.86 6.08
C LEU B 15 -1.32 -6.63 6.47
N SER B 16 -0.45 -6.83 7.45
CA SER B 16 0.40 -5.73 7.93
C SER B 16 1.29 -5.20 6.80
N VAL B 17 1.88 -6.11 6.04
CA VAL B 17 2.75 -5.71 4.93
C VAL B 17 1.92 -4.99 3.86
N MET B 18 0.77 -5.56 3.53
CA MET B 18 -0.07 -4.95 2.51
C MET B 18 -0.53 -3.57 2.96
N GLY B 19 -0.88 -3.45 4.25
CA GLY B 19 -1.32 -2.16 4.78
C GLY B 19 -0.21 -1.12 4.67
N ALA B 20 1.01 -1.54 5.00
CA ALA B 20 2.14 -0.62 4.95
C ALA B 20 2.31 -0.09 3.53
N ILE B 21 2.15 -0.96 2.55
CA ILE B 21 2.27 -0.54 1.16
C ILE B 21 1.16 0.46 0.84
N LEU B 22 -0.05 0.14 1.28
CA LEU B 22 -1.19 1.02 1.02
C LEU B 22 -1.01 2.40 1.67
N LEU B 23 -0.54 2.42 2.91
CA LEU B 23 -0.34 3.68 3.64
C LEU B 23 0.70 4.60 3.00
N ILE B 24 1.81 4.04 2.53
CA ILE B 24 2.84 4.86 1.89
C ILE B 24 2.36 5.39 0.55
N GLY B 25 1.60 4.57 -0.17
CA GLY B 25 1.10 4.98 -1.47
C GLY B 25 0.25 6.23 -1.36
N LEU B 26 -0.62 6.28 -0.35
CA LEU B 26 -1.47 7.44 -0.14
C LEU B 26 -0.59 8.65 0.15
N ALA B 27 0.44 8.42 0.96
CA ALA B 27 1.36 9.49 1.30
C ALA B 27 2.05 9.98 0.02
N ALA B 28 2.41 9.04 -0.84
CA ALA B 28 3.08 9.39 -2.09
C ALA B 28 2.18 10.24 -2.97
N LEU B 29 0.90 9.87 -3.06
CA LEU B 29 -0.03 10.64 -3.88
C LEU B 29 -0.18 12.07 -3.36
N LEU B 30 -0.27 12.21 -2.03
CA LEU B 30 -0.40 13.54 -1.44
C LEU B 30 0.85 14.38 -1.69
N ILE B 31 2.00 13.74 -1.54
CA ILE B 31 3.27 14.45 -1.76
C ILE B 31 3.39 14.91 -3.21
N TRP B 32 3.01 14.05 -4.14
CA TRP B 32 3.08 14.39 -5.55
C TRP B 32 2.21 15.63 -5.80
N LYS B 33 1.00 15.62 -5.26
CA LYS B 33 0.08 16.74 -5.44
C LYS B 33 0.64 18.03 -4.83
N LEU B 34 1.25 17.92 -3.66
CA LEU B 34 1.80 19.11 -3.01
C LEU B 34 2.90 19.73 -3.87
N LEU B 35 3.76 18.88 -4.43
CA LEU B 35 4.85 19.36 -5.28
C LEU B 35 4.28 20.03 -6.53
N ILE B 36 3.26 19.42 -7.10
CA ILE B 36 2.64 19.95 -8.32
C ILE B 36 1.98 21.33 -8.09
N THR B 37 1.28 21.47 -6.97
CA THR B 37 0.59 22.72 -6.64
C THR B 37 1.58 23.87 -6.46
N ILE B 38 2.68 23.62 -5.78
CA ILE B 38 3.65 24.69 -5.57
C ILE B 38 4.33 25.09 -6.87
N HIS B 39 4.46 24.13 -7.80
CA HIS B 39 5.08 24.40 -9.09
C HIS B 39 4.20 25.35 -9.91
N ASP B 40 2.89 25.13 -9.81
CA ASP B 40 1.94 25.94 -10.54
C ASP B 40 1.98 27.38 -10.05
N ARG B 41 2.16 27.56 -8.75
CA ARG B 41 2.23 28.89 -8.16
C ARG B 41 3.43 29.66 -8.70
N LYS B 42 4.55 28.97 -8.89
CA LYS B 42 5.77 29.61 -9.39
C LYS B 42 6.16 30.78 -8.49
N GLU B 43 6.00 30.59 -7.19
CA GLU B 43 6.36 31.63 -6.23
C GLU B 43 7.87 31.87 -6.24
N PHE B 44 8.63 30.79 -6.38
CA PHE B 44 10.08 30.89 -6.40
C PHE B 44 10.56 31.43 -7.76
N GLY A 1 17.76 -27.58 26.04
CA GLY A 1 18.10 -26.47 25.10
C GLY A 1 17.52 -26.77 23.73
N ALA A 2 16.26 -27.18 23.70
CA ALA A 2 15.60 -27.50 22.44
C ALA A 2 15.41 -26.24 21.59
N LEU A 3 15.55 -26.38 20.28
CA LEU A 3 15.39 -25.24 19.37
C LEU A 3 14.12 -25.40 18.54
N GLU A 4 13.31 -24.35 18.50
CA GLU A 4 12.06 -24.38 17.74
C GLU A 4 12.15 -23.47 16.52
N GLU A 5 11.92 -24.04 15.34
CA GLU A 5 11.98 -23.27 14.11
C GLU A 5 10.86 -22.21 14.07
N ARG A 6 11.19 -21.03 13.57
CA ARG A 6 10.21 -19.95 13.48
C ARG A 6 9.68 -19.83 12.06
N CYS A 7 8.36 -19.66 11.94
CA CYS A 7 7.74 -19.53 10.62
C CYS A 7 8.17 -18.23 9.94
N GLY A 8 8.30 -17.17 10.73
CA GLY A 8 8.70 -15.88 10.20
C GLY A 8 7.72 -15.39 9.15
N ILE A 9 8.25 -14.90 8.03
CA ILE A 9 7.41 -14.38 6.94
C ILE A 9 7.82 -15.04 5.61
N PRO A 10 7.05 -15.94 5.05
CA PRO A 10 7.40 -16.58 3.76
C PRO A 10 7.51 -15.57 2.61
N ILE A 11 8.44 -15.84 1.70
CA ILE A 11 8.68 -14.94 0.57
C ILE A 11 7.44 -14.87 -0.32
N TRP A 12 6.78 -15.99 -0.63
CA TRP A 12 5.61 -15.92 -1.49
C TRP A 12 4.55 -15.01 -0.87
N VAL A 13 4.35 -15.15 0.44
CA VAL A 13 3.36 -14.34 1.15
C VAL A 13 3.76 -12.88 1.11
N VAL A 14 5.03 -12.58 1.31
CA VAL A 14 5.50 -11.21 1.22
C VAL A 14 5.31 -10.75 -0.21
N LEU A 15 5.64 -11.65 -1.15
CA LEU A 15 5.47 -11.34 -2.57
C LEU A 15 3.99 -11.10 -2.83
N VAL A 16 3.15 -11.92 -2.24
CA VAL A 16 1.71 -11.75 -2.40
C VAL A 16 1.34 -10.39 -1.80
N GLY A 17 1.89 -10.09 -0.62
CA GLY A 17 1.59 -8.82 0.04
C GLY A 17 1.97 -7.65 -0.85
N VAL A 18 3.13 -7.76 -1.49
CA VAL A 18 3.62 -6.72 -2.37
C VAL A 18 2.67 -6.54 -3.55
N LEU A 19 2.25 -7.65 -4.14
CA LEU A 19 1.35 -7.60 -5.29
C LEU A 19 0.02 -6.96 -4.92
N GLY A 20 -0.50 -7.34 -3.75
CA GLY A 20 -1.78 -6.81 -3.30
C GLY A 20 -1.70 -5.31 -3.05
N GLY A 21 -0.64 -4.85 -2.40
CA GLY A 21 -0.49 -3.43 -2.15
C GLY A 21 -0.44 -2.67 -3.47
N LEU A 22 0.30 -3.20 -4.44
CA LEU A 22 0.39 -2.55 -5.74
C LEU A 22 -0.98 -2.50 -6.42
N LEU A 23 -1.73 -3.59 -6.35
CA LEU A 23 -3.05 -3.60 -6.97
C LEU A 23 -3.95 -2.56 -6.30
N LEU A 24 -3.92 -2.49 -4.99
CA LEU A 24 -4.73 -1.49 -4.28
C LEU A 24 -4.28 -0.08 -4.66
N LEU A 25 -2.97 0.12 -4.75
CA LEU A 25 -2.40 1.42 -5.11
C LEU A 25 -2.81 1.78 -6.51
N THR A 26 -2.77 0.82 -7.45
CA THR A 26 -3.19 1.10 -8.80
C THR A 26 -4.67 1.47 -8.84
N ILE A 27 -5.54 0.75 -8.12
CA ILE A 27 -6.95 1.07 -8.13
C ILE A 27 -7.20 2.49 -7.54
N LEU A 28 -6.50 2.76 -6.42
CA LEU A 28 -6.73 4.07 -5.75
C LEU A 28 -6.40 5.22 -6.69
N VAL A 29 -5.28 5.11 -7.41
CA VAL A 29 -4.85 6.17 -8.33
C VAL A 29 -5.85 6.35 -9.50
N LEU A 30 -6.35 5.23 -10.03
CA LEU A 30 -7.28 5.34 -11.16
C LEU A 30 -8.58 6.03 -10.71
N ALA A 31 -9.06 5.71 -9.52
CA ALA A 31 -10.33 6.33 -9.06
C ALA A 31 -10.18 7.83 -8.84
N MET A 32 -9.07 8.22 -8.24
CA MET A 32 -8.81 9.64 -7.97
C MET A 32 -8.65 10.43 -9.27
N TRP A 33 -7.99 9.81 -10.25
CA TRP A 33 -7.77 10.44 -11.55
C TRP A 33 -9.07 10.58 -12.32
N LYS A 34 -9.87 9.52 -12.34
CA LYS A 34 -11.12 9.53 -13.06
C LYS A 34 -12.10 10.52 -12.46
N VAL A 35 -12.09 10.68 -11.14
CA VAL A 35 -13.04 11.60 -10.50
C VAL A 35 -12.62 13.06 -10.62
N GLY A 36 -11.45 13.32 -11.20
CA GLY A 36 -11.03 14.69 -11.40
C GLY A 36 -10.30 15.27 -10.21
N PHE A 37 -9.89 14.42 -9.29
CA PHE A 37 -9.16 14.87 -8.13
C PHE A 37 -7.89 15.58 -8.59
N PHE A 38 -7.24 14.98 -9.60
CA PHE A 38 -6.00 15.54 -10.11
C PHE A 38 -6.25 16.66 -11.11
N LYS A 39 -7.52 16.86 -11.46
CA LYS A 39 -7.89 17.95 -12.37
C LYS A 39 -7.94 19.26 -11.58
N ARG A 40 -7.82 20.40 -12.26
CA ARG A 40 -7.87 21.68 -11.55
C ARG A 40 -9.23 22.35 -11.72
N ASN A 41 -9.75 22.89 -10.63
CA ASN A 41 -11.04 23.56 -10.67
C ASN A 41 -10.99 24.77 -11.60
N ARG A 42 -9.89 25.51 -11.54
CA ARG A 42 -9.73 26.69 -12.38
C ARG A 42 -10.92 27.64 -12.22
N PRO A 43 -11.13 28.12 -11.02
CA PRO A 43 -12.25 29.06 -10.71
C PRO A 43 -11.99 30.46 -11.26
N GLY B 1 2.55 -25.57 26.67
CA GLY B 1 3.81 -25.55 25.88
C GLY B 1 3.49 -25.68 24.39
N GLU B 2 2.45 -24.96 23.95
CA GLU B 2 2.04 -25.01 22.55
C GLU B 2 2.26 -23.66 21.89
N SER B 3 3.00 -23.66 20.78
CA SER B 3 3.27 -22.43 20.05
C SER B 3 2.10 -22.06 19.14
N PRO B 4 2.04 -20.83 18.71
CA PRO B 4 0.95 -20.34 17.81
C PRO B 4 1.05 -20.91 16.40
N LYS B 5 -0.09 -21.01 15.72
CA LYS B 5 -0.11 -21.54 14.37
C LYS B 5 0.37 -20.49 13.37
N CYS B 6 1.13 -20.93 12.38
CA CYS B 6 1.64 -20.02 11.36
C CYS B 6 0.52 -19.52 10.46
N GLY B 7 -0.48 -20.36 10.25
CA GLY B 7 -1.61 -20.00 9.40
C GLY B 7 -2.08 -18.56 9.61
N PRO B 8 -2.84 -18.33 10.65
CA PRO B 8 -3.40 -16.97 10.95
C PRO B 8 -2.33 -15.93 11.32
N ASP B 9 -1.18 -16.41 11.79
CA ASP B 9 -0.09 -15.51 12.16
C ASP B 9 0.54 -14.90 10.91
N ILE B 10 0.78 -15.75 9.91
CA ILE B 10 1.32 -15.30 8.63
C ILE B 10 0.31 -14.37 7.97
N LEU B 11 -0.96 -14.77 8.03
CA LEU B 11 -2.04 -13.99 7.42
C LEU B 11 -2.12 -12.61 8.04
N VAL B 12 -1.97 -12.54 9.36
CA VAL B 12 -2.02 -11.25 10.05
C VAL B 12 -0.88 -10.36 9.57
N VAL B 13 0.31 -10.95 9.45
CA VAL B 13 1.49 -10.22 8.98
C VAL B 13 1.30 -9.79 7.52
N LEU B 14 0.79 -10.70 6.69
CA LEU B 14 0.59 -10.37 5.29
C LEU B 14 -0.38 -9.20 5.15
N LEU B 15 -1.46 -9.22 5.90
CA LEU B 15 -2.42 -8.12 5.85
C LEU B 15 -1.77 -6.82 6.34
N SER B 16 -1.03 -6.95 7.43
CA SER B 16 -0.35 -5.79 7.99
C SER B 16 0.63 -5.18 7.00
N VAL B 17 1.39 -6.04 6.32
CA VAL B 17 2.36 -5.57 5.33
C VAL B 17 1.64 -4.89 4.16
N MET B 18 0.58 -5.53 3.69
CA MET B 18 -0.17 -4.99 2.55
C MET B 18 -0.74 -3.61 2.91
N GLY B 19 -1.24 -3.48 4.14
CA GLY B 19 -1.80 -2.21 4.58
C GLY B 19 -0.73 -1.14 4.59
N ALA B 20 0.47 -1.51 5.06
CA ALA B 20 1.58 -0.57 5.14
C ALA B 20 1.92 -0.07 3.75
N ILE B 21 1.89 -0.98 2.78
CA ILE B 21 2.19 -0.60 1.41
C ILE B 21 1.14 0.38 0.90
N LEU B 22 -0.12 0.11 1.19
CA LEU B 22 -1.19 1.00 0.75
C LEU B 22 -1.04 2.39 1.37
N LEU B 23 -0.73 2.43 2.66
CA LEU B 23 -0.59 3.70 3.38
C LEU B 23 0.57 4.55 2.86
N ILE B 24 1.71 3.94 2.57
CA ILE B 24 2.85 4.70 2.06
C ILE B 24 2.56 5.21 0.65
N GLY B 25 1.90 4.37 -0.14
CA GLY B 25 1.58 4.73 -1.51
C GLY B 25 0.73 6.00 -1.54
N LEU B 26 -0.25 6.08 -0.66
CA LEU B 26 -1.09 7.26 -0.58
C LEU B 26 -0.26 8.46 -0.18
N ALA B 27 0.64 8.26 0.78
CA ALA B 27 1.50 9.33 1.26
C ALA B 27 2.36 9.87 0.11
N ALA B 28 2.97 8.95 -0.64
CA ALA B 28 3.82 9.37 -1.75
C ALA B 28 3.01 10.11 -2.80
N LEU B 29 1.81 9.62 -3.08
CA LEU B 29 0.96 10.25 -4.07
C LEU B 29 0.59 11.68 -3.65
N LEU B 30 0.26 11.84 -2.37
CA LEU B 30 -0.09 13.16 -1.85
C LEU B 30 1.10 14.12 -1.91
N ILE B 31 2.28 13.59 -1.57
CA ILE B 31 3.49 14.41 -1.59
C ILE B 31 3.80 14.88 -3.00
N TRP B 32 3.69 13.98 -3.97
CA TRP B 32 3.95 14.34 -5.36
C TRP B 32 3.01 15.48 -5.78
N LYS B 33 1.72 15.32 -5.46
CA LYS B 33 0.73 16.33 -5.81
C LYS B 33 1.04 17.67 -5.15
N LEU B 34 1.46 17.62 -3.90
CA LEU B 34 1.76 18.86 -3.17
C LEU B 34 2.90 19.60 -3.86
N LEU B 35 3.94 18.87 -4.26
CA LEU B 35 5.07 19.48 -4.94
C LEU B 35 4.62 20.09 -6.27
N ILE B 36 3.76 19.37 -6.99
CA ILE B 36 3.27 19.85 -8.28
C ILE B 36 2.46 21.13 -8.13
N THR B 37 1.60 21.17 -7.12
CA THR B 37 0.78 22.35 -6.87
C THR B 37 1.67 23.55 -6.55
N ILE B 38 2.67 23.31 -5.70
CA ILE B 38 3.59 24.36 -5.30
C ILE B 38 4.40 24.88 -6.47
N HIS B 39 4.87 23.98 -7.32
CA HIS B 39 5.65 24.37 -8.50
C HIS B 39 4.79 25.18 -9.47
N ASP B 40 3.53 24.77 -9.62
CA ASP B 40 2.61 25.45 -10.53
C ASP B 40 2.38 26.89 -10.09
N ARG B 41 2.27 27.10 -8.78
CA ARG B 41 2.04 28.44 -8.24
C ARG B 41 3.22 29.36 -8.55
N LYS B 42 4.43 28.81 -8.44
CA LYS B 42 5.63 29.59 -8.70
C LYS B 42 6.08 29.39 -10.15
N GLU B 43 6.64 30.45 -10.74
CA GLU B 43 7.10 30.40 -12.11
C GLU B 43 8.47 31.06 -12.24
N PHE B 44 9.28 30.55 -13.16
CA PHE B 44 10.62 31.10 -13.39
C PHE B 44 10.58 32.62 -13.34
N GLY A 1 5.73 -32.57 25.52
CA GLY A 1 6.69 -33.55 24.93
C GLY A 1 7.55 -32.85 23.89
N ALA A 2 7.04 -32.74 22.67
CA ALA A 2 7.77 -32.09 21.60
C ALA A 2 7.94 -30.61 21.88
N LEU A 3 9.09 -30.06 21.51
CA LEU A 3 9.37 -28.64 21.73
C LEU A 3 8.59 -27.78 20.74
N GLU A 4 8.09 -26.65 21.22
CA GLU A 4 7.32 -25.75 20.36
C GLU A 4 8.20 -25.18 19.25
N GLU A 5 7.66 -25.14 18.03
CA GLU A 5 8.41 -24.63 16.88
C GLU A 5 7.76 -23.35 16.35
N ARG A 6 8.55 -22.29 16.25
CA ARG A 6 8.04 -21.01 15.75
C ARG A 6 7.86 -21.07 14.24
N CYS A 7 6.83 -20.38 13.75
CA CYS A 7 6.55 -20.35 12.32
C CYS A 7 7.14 -19.10 11.67
N GLY A 8 7.77 -19.28 10.52
CA GLY A 8 8.35 -18.17 9.79
C GLY A 8 7.42 -17.69 8.69
N ILE A 9 7.82 -16.64 7.98
CA ILE A 9 7.00 -16.11 6.89
C ILE A 9 7.69 -16.34 5.53
N PRO A 10 7.23 -17.28 4.73
CA PRO A 10 7.84 -17.53 3.39
C PRO A 10 7.73 -16.31 2.47
N ILE A 11 8.76 -16.09 1.66
CA ILE A 11 8.78 -14.95 0.76
C ILE A 11 7.49 -14.87 -0.06
N TRP A 12 6.76 -15.96 -0.23
CA TRP A 12 5.53 -15.89 -1.01
C TRP A 12 4.58 -14.86 -0.40
N VAL A 13 4.49 -14.85 0.92
CA VAL A 13 3.61 -13.92 1.61
C VAL A 13 4.08 -12.50 1.35
N VAL A 14 5.38 -12.29 1.38
CA VAL A 14 5.90 -10.97 1.09
C VAL A 14 5.57 -10.64 -0.36
N LEU A 15 5.75 -11.62 -1.23
CA LEU A 15 5.45 -11.45 -2.64
C LEU A 15 3.95 -11.18 -2.80
N VAL A 16 3.13 -11.95 -2.10
CA VAL A 16 1.69 -11.74 -2.17
C VAL A 16 1.36 -10.38 -1.60
N GLY A 17 1.99 -10.03 -0.48
CA GLY A 17 1.74 -8.73 0.14
C GLY A 17 2.06 -7.61 -0.84
N VAL A 18 3.18 -7.78 -1.54
CA VAL A 18 3.62 -6.79 -2.51
C VAL A 18 2.60 -6.62 -3.65
N LEU A 19 2.12 -7.74 -4.18
CA LEU A 19 1.16 -7.68 -5.28
C LEU A 19 -0.13 -7.00 -4.84
N GLY A 20 -0.60 -7.32 -3.65
CA GLY A 20 -1.84 -6.74 -3.15
C GLY A 20 -1.73 -5.23 -2.98
N GLY A 21 -0.64 -4.77 -2.41
CA GLY A 21 -0.46 -3.33 -2.20
C GLY A 21 -0.43 -2.59 -3.53
N LEU A 22 0.34 -3.07 -4.49
CA LEU A 22 0.41 -2.42 -5.79
C LEU A 22 -0.96 -2.42 -6.48
N LEU A 23 -1.68 -3.53 -6.43
CA LEU A 23 -2.99 -3.57 -7.07
C LEU A 23 -3.93 -2.55 -6.43
N LEU A 24 -3.92 -2.49 -5.09
CA LEU A 24 -4.76 -1.53 -4.40
C LEU A 24 -4.34 -0.10 -4.77
N LEU A 25 -3.03 0.12 -4.82
CA LEU A 25 -2.49 1.43 -5.18
C LEU A 25 -2.92 1.81 -6.59
N THR A 26 -2.87 0.87 -7.53
CA THR A 26 -3.29 1.14 -8.90
C THR A 26 -4.77 1.50 -8.93
N ILE A 27 -5.59 0.78 -8.19
CA ILE A 27 -7.03 1.06 -8.19
C ILE A 27 -7.34 2.44 -7.64
N LEU A 28 -6.67 2.79 -6.54
CA LEU A 28 -6.92 4.08 -5.91
C LEU A 28 -6.59 5.23 -6.85
N VAL A 29 -5.44 5.14 -7.53
CA VAL A 29 -5.02 6.19 -8.43
C VAL A 29 -5.99 6.39 -9.59
N LEU A 30 -6.44 5.28 -10.19
CA LEU A 30 -7.35 5.36 -11.32
C LEU A 30 -8.69 5.99 -10.93
N ALA A 31 -9.22 5.60 -9.77
CA ALA A 31 -10.50 6.14 -9.32
C ALA A 31 -10.43 7.65 -9.06
N MET A 32 -9.38 8.09 -8.40
CA MET A 32 -9.22 9.51 -8.11
C MET A 32 -9.03 10.31 -9.40
N TRP A 33 -8.25 9.75 -10.33
CA TRP A 33 -8.00 10.41 -11.61
C TRP A 33 -9.32 10.56 -12.35
N LYS A 34 -10.09 9.47 -12.40
CA LYS A 34 -11.37 9.49 -13.07
C LYS A 34 -12.29 10.49 -12.42
N VAL A 35 -12.19 10.62 -11.10
CA VAL A 35 -13.02 11.54 -10.31
C VAL A 35 -12.64 13.00 -10.55
N GLY A 36 -11.49 13.27 -11.17
CA GLY A 36 -11.11 14.65 -11.43
C GLY A 36 -10.40 15.26 -10.24
N PHE A 37 -9.99 14.42 -9.31
CA PHE A 37 -9.28 14.89 -8.14
C PHE A 37 -8.00 15.58 -8.58
N PHE A 38 -7.35 14.98 -9.56
CA PHE A 38 -6.09 15.55 -10.07
C PHE A 38 -6.34 16.66 -11.09
N LYS A 39 -7.61 16.84 -11.46
CA LYS A 39 -7.97 17.91 -12.38
C LYS A 39 -8.01 19.23 -11.61
N ARG A 40 -7.90 20.36 -12.30
CA ARG A 40 -7.92 21.66 -11.63
C ARG A 40 -8.94 22.59 -12.28
N ASN A 41 -9.57 23.43 -11.47
CA ASN A 41 -10.57 24.35 -11.98
C ASN A 41 -9.94 25.72 -12.24
N ARG A 42 -8.61 25.80 -12.09
CA ARG A 42 -7.90 27.05 -12.32
C ARG A 42 -8.52 28.17 -11.49
N PRO A 43 -8.52 28.03 -10.19
CA PRO A 43 -9.09 29.05 -9.26
C PRO A 43 -8.20 30.29 -9.14
N GLY B 1 -8.99 -23.14 17.86
CA GLY B 1 -8.31 -24.30 17.20
C GLY B 1 -8.91 -24.53 15.82
N GLU B 2 -8.98 -23.46 15.03
CA GLU B 2 -9.52 -23.54 13.68
C GLU B 2 -8.44 -23.31 12.64
N SER B 3 -8.30 -24.27 11.72
CA SER B 3 -7.28 -24.16 10.68
C SER B 3 -5.88 -24.23 11.29
N PRO B 4 -4.84 -24.15 10.49
CA PRO B 4 -3.44 -24.21 11.00
C PRO B 4 -3.13 -23.05 11.94
N LYS B 5 -2.30 -23.31 12.95
CA LYS B 5 -1.94 -22.28 13.92
C LYS B 5 -1.18 -21.14 13.24
N CYS B 6 -0.27 -21.51 12.33
CA CYS B 6 0.53 -20.51 11.63
C CYS B 6 -0.30 -19.72 10.61
N GLY B 7 -1.31 -20.37 10.03
CA GLY B 7 -2.14 -19.71 9.04
C GLY B 7 -2.55 -18.29 9.47
N PRO B 8 -3.31 -18.14 10.52
CA PRO B 8 -3.75 -16.80 11.02
C PRO B 8 -2.57 -15.86 11.29
N ASP B 9 -1.46 -16.43 11.76
CA ASP B 9 -0.25 -15.64 12.04
C ASP B 9 0.34 -15.12 10.73
N ILE B 10 0.39 -15.98 9.73
CA ILE B 10 0.87 -15.59 8.40
C ILE B 10 -0.07 -14.54 7.81
N LEU B 11 -1.37 -14.78 7.97
CA LEU B 11 -2.38 -13.89 7.44
C LEU B 11 -2.29 -12.51 8.08
N VAL B 12 -2.06 -12.46 9.38
CA VAL B 12 -1.95 -11.17 10.07
C VAL B 12 -0.75 -10.40 9.53
N VAL B 13 0.37 -11.09 9.37
CA VAL B 13 1.58 -10.48 8.86
C VAL B 13 1.38 -10.05 7.40
N LEU B 14 0.78 -10.91 6.60
CA LEU B 14 0.57 -10.56 5.19
C LEU B 14 -0.32 -9.32 5.09
N LEU B 15 -1.38 -9.27 5.88
CA LEU B 15 -2.28 -8.12 5.86
C LEU B 15 -1.54 -6.86 6.32
N SER B 16 -0.75 -7.03 7.38
CA SER B 16 0.00 -5.89 7.92
C SER B 16 0.96 -5.32 6.88
N VAL B 17 1.67 -6.21 6.18
CA VAL B 17 2.62 -5.77 5.17
C VAL B 17 1.87 -5.08 4.04
N MET B 18 0.78 -5.69 3.60
CA MET B 18 0.00 -5.13 2.51
C MET B 18 -0.54 -3.76 2.91
N GLY B 19 -0.98 -3.62 4.16
CA GLY B 19 -1.50 -2.35 4.64
C GLY B 19 -0.41 -1.29 4.62
N ALA B 20 0.79 -1.66 5.07
CA ALA B 20 1.89 -0.72 5.11
C ALA B 20 2.17 -0.20 3.71
N ILE B 21 2.10 -1.09 2.74
CA ILE B 21 2.32 -0.67 1.36
C ILE B 21 1.25 0.32 0.93
N LEU B 22 0.00 0.01 1.28
CA LEU B 22 -1.12 0.87 0.89
C LEU B 22 -1.00 2.27 1.51
N LEU B 23 -0.65 2.32 2.79
CA LEU B 23 -0.52 3.59 3.51
C LEU B 23 0.59 4.49 2.96
N ILE B 24 1.74 3.91 2.62
CA ILE B 24 2.83 4.72 2.08
C ILE B 24 2.48 5.21 0.68
N GLY B 25 1.83 4.35 -0.10
CA GLY B 25 1.47 4.72 -1.46
C GLY B 25 0.58 5.97 -1.46
N LEU B 26 -0.39 6.00 -0.56
CA LEU B 26 -1.26 7.16 -0.45
C LEU B 26 -0.45 8.39 -0.06
N ALA B 27 0.48 8.19 0.88
CA ALA B 27 1.33 9.28 1.34
C ALA B 27 2.15 9.84 0.18
N ALA B 28 2.75 8.94 -0.60
CA ALA B 28 3.57 9.37 -1.72
C ALA B 28 2.73 10.13 -2.74
N LEU B 29 1.52 9.64 -3.00
CA LEU B 29 0.63 10.27 -3.95
C LEU B 29 0.27 11.68 -3.49
N LEU B 30 -0.01 11.83 -2.21
CA LEU B 30 -0.35 13.13 -1.64
C LEU B 30 0.83 14.09 -1.73
N ILE B 31 2.02 13.57 -1.45
CA ILE B 31 3.22 14.40 -1.48
C ILE B 31 3.47 14.94 -2.89
N TRP B 32 3.31 14.09 -3.89
CA TRP B 32 3.53 14.53 -5.28
C TRP B 32 2.61 15.71 -5.60
N LYS B 33 1.36 15.63 -5.15
CA LYS B 33 0.40 16.70 -5.43
C LYS B 33 0.88 18.03 -4.84
N LEU B 34 1.34 17.99 -3.61
CA LEU B 34 1.83 19.22 -2.98
C LEU B 34 3.03 19.80 -3.72
N LEU B 35 3.98 18.94 -4.10
CA LEU B 35 5.18 19.43 -4.80
C LEU B 35 4.87 20.03 -6.16
N ILE B 36 4.04 19.37 -6.94
CA ILE B 36 3.70 19.90 -8.27
C ILE B 36 2.91 21.20 -8.14
N THR B 37 2.07 21.27 -7.11
CA THR B 37 1.27 22.46 -6.87
C THR B 37 2.18 23.68 -6.62
N ILE B 38 3.21 23.48 -5.80
CA ILE B 38 4.18 24.53 -5.45
C ILE B 38 4.93 25.03 -6.68
N HIS B 39 5.28 24.12 -7.58
CA HIS B 39 6.04 24.50 -8.77
C HIS B 39 5.13 25.32 -9.71
N ASP B 40 3.87 24.91 -9.82
CA ASP B 40 2.89 25.60 -10.68
C ASP B 40 2.69 27.03 -10.22
N ARG B 41 2.64 27.23 -8.91
CA ARG B 41 2.46 28.56 -8.35
C ARG B 41 3.65 29.45 -8.71
N LYS B 42 4.86 28.90 -8.64
CA LYS B 42 6.06 29.66 -8.96
C LYS B 42 6.23 29.78 -10.48
N GLU B 43 6.73 30.92 -10.91
CA GLU B 43 6.94 31.17 -12.33
C GLU B 43 8.03 30.24 -12.88
N PHE B 44 9.06 30.01 -12.08
CA PHE B 44 10.15 29.15 -12.49
C PHE B 44 9.69 27.69 -12.56
N GLY A 1 17.52 -16.65 24.66
CA GLY A 1 18.07 -17.44 23.53
C GLY A 1 17.27 -17.17 22.27
N ALA A 2 17.37 -18.07 21.30
CA ALA A 2 16.64 -17.91 20.04
C ALA A 2 15.14 -18.04 20.27
N LEU A 3 14.36 -17.24 19.54
CA LEU A 3 12.91 -17.27 19.68
C LEU A 3 12.36 -18.63 19.27
N GLU A 4 12.91 -19.19 18.19
CA GLU A 4 12.47 -20.49 17.72
C GLU A 4 10.96 -20.51 17.48
N GLU A 5 10.45 -19.51 16.78
CA GLU A 5 9.01 -19.42 16.51
C GLU A 5 8.55 -20.65 15.73
N ARG A 6 7.45 -21.24 16.17
CA ARG A 6 6.91 -22.42 15.52
C ARG A 6 6.44 -22.07 14.10
N CYS A 7 5.82 -20.91 13.95
CA CYS A 7 5.32 -20.48 12.65
C CYS A 7 6.35 -19.62 11.92
N GLY A 8 6.43 -19.81 10.62
CA GLY A 8 7.37 -19.05 9.79
C GLY A 8 6.65 -18.44 8.59
N ILE A 9 6.98 -17.19 8.28
CA ILE A 9 6.34 -16.50 7.16
C ILE A 9 7.24 -16.54 5.91
N PRO A 10 6.89 -17.29 4.88
CA PRO A 10 7.73 -17.36 3.65
C PRO A 10 7.64 -16.08 2.81
N ILE A 11 8.71 -15.78 2.10
CA ILE A 11 8.75 -14.56 1.28
C ILE A 11 7.57 -14.51 0.31
N TRP A 12 6.97 -15.63 -0.03
CA TRP A 12 5.84 -15.60 -0.96
C TRP A 12 4.71 -14.71 -0.43
N VAL A 13 4.42 -14.83 0.87
CA VAL A 13 3.36 -14.03 1.47
C VAL A 13 3.74 -12.56 1.42
N VAL A 14 5.01 -12.25 1.65
CA VAL A 14 5.45 -10.88 1.56
C VAL A 14 5.31 -10.44 0.12
N LEU A 15 5.73 -11.31 -0.79
CA LEU A 15 5.64 -11.02 -2.23
C LEU A 15 4.18 -10.87 -2.61
N VAL A 16 3.34 -11.77 -2.13
CA VAL A 16 1.92 -11.69 -2.43
C VAL A 16 1.35 -10.42 -1.82
N GLY A 17 1.76 -10.15 -0.59
CA GLY A 17 1.28 -8.96 0.11
C GLY A 17 1.66 -7.69 -0.66
N VAL A 18 2.89 -7.68 -1.20
CA VAL A 18 3.37 -6.53 -1.96
C VAL A 18 2.55 -6.33 -3.24
N LEU A 19 2.29 -7.43 -3.96
CA LEU A 19 1.51 -7.35 -5.19
C LEU A 19 0.10 -6.84 -4.92
N GLY A 20 -0.51 -7.32 -3.82
CA GLY A 20 -1.87 -6.90 -3.51
C GLY A 20 -1.92 -5.39 -3.22
N GLY A 21 -0.95 -4.90 -2.44
CA GLY A 21 -0.92 -3.48 -2.11
C GLY A 21 -0.75 -2.63 -3.38
N LEU A 22 0.16 -3.03 -4.27
CA LEU A 22 0.36 -2.29 -5.50
C LEU A 22 -0.91 -2.33 -6.36
N LEU A 23 -1.55 -3.48 -6.45
CA LEU A 23 -2.77 -3.57 -7.26
C LEU A 23 -3.85 -2.68 -6.65
N LEU A 24 -4.01 -2.72 -5.34
CA LEU A 24 -5.01 -1.89 -4.68
C LEU A 24 -4.66 -0.40 -4.86
N LEU A 25 -3.38 -0.09 -4.73
CA LEU A 25 -2.91 1.29 -4.90
C LEU A 25 -3.19 1.74 -6.33
N THR A 26 -2.97 0.85 -7.30
CA THR A 26 -3.26 1.19 -8.68
C THR A 26 -4.74 1.49 -8.81
N ILE A 27 -5.59 0.71 -8.16
CA ILE A 27 -7.04 0.93 -8.22
C ILE A 27 -7.39 2.29 -7.62
N LEU A 28 -6.76 2.60 -6.48
CA LEU A 28 -7.04 3.86 -5.81
C LEU A 28 -6.70 5.03 -6.71
N VAL A 29 -5.53 4.97 -7.36
CA VAL A 29 -5.09 6.04 -8.24
C VAL A 29 -6.01 6.21 -9.44
N LEU A 30 -6.41 5.11 -10.05
CA LEU A 30 -7.28 5.18 -11.22
C LEU A 30 -8.63 5.78 -10.86
N ALA A 31 -9.19 5.39 -9.73
CA ALA A 31 -10.49 5.92 -9.31
C ALA A 31 -10.41 7.43 -9.05
N MET A 32 -9.35 7.85 -8.37
CA MET A 32 -9.17 9.26 -8.06
C MET A 32 -8.96 10.07 -9.34
N TRP A 33 -8.17 9.53 -10.26
CA TRP A 33 -7.91 10.20 -11.52
C TRP A 33 -9.19 10.34 -12.31
N LYS A 34 -9.95 9.26 -12.38
CA LYS A 34 -11.21 9.26 -13.09
C LYS A 34 -12.16 10.26 -12.44
N VAL A 35 -12.09 10.36 -11.12
CA VAL A 35 -12.93 11.25 -10.34
C VAL A 35 -12.56 12.72 -10.52
N GLY A 36 -11.38 13.01 -11.07
CA GLY A 36 -11.00 14.39 -11.29
C GLY A 36 -10.36 14.99 -10.05
N PHE A 37 -9.99 14.12 -9.12
CA PHE A 37 -9.34 14.56 -7.90
C PHE A 37 -8.06 15.30 -8.27
N PHE A 38 -7.35 14.72 -9.24
CA PHE A 38 -6.08 15.30 -9.68
C PHE A 38 -6.30 16.48 -10.63
N LYS A 39 -7.55 16.66 -11.06
CA LYS A 39 -7.92 17.77 -11.94
C LYS A 39 -8.05 19.04 -11.10
N ARG A 40 -7.93 20.21 -11.73
CA ARG A 40 -8.06 21.47 -10.99
C ARG A 40 -9.06 22.40 -11.68
N ASN A 41 -9.79 23.17 -10.88
CA ASN A 41 -10.77 24.10 -11.42
C ASN A 41 -10.23 25.51 -11.43
N ARG A 42 -10.55 26.26 -12.48
CA ARG A 42 -10.09 27.64 -12.61
C ARG A 42 -8.57 27.71 -12.49
N PRO A 43 -7.87 27.16 -13.46
CA PRO A 43 -6.39 27.16 -13.49
C PRO A 43 -5.80 28.53 -13.18
N GLY B 1 -0.68 -23.34 22.92
CA GLY B 1 -0.82 -21.88 23.22
C GLY B 1 -2.13 -21.37 22.64
N GLU B 2 -2.02 -20.53 21.61
CA GLU B 2 -3.21 -19.96 20.97
C GLU B 2 -3.06 -20.03 19.46
N SER B 3 -4.19 -20.23 18.76
CA SER B 3 -4.17 -20.30 17.31
C SER B 3 -3.00 -21.14 16.82
N PRO B 4 -3.06 -22.42 17.04
CA PRO B 4 -1.97 -23.37 16.63
C PRO B 4 -1.65 -23.24 15.13
N LYS B 5 -2.69 -23.04 14.32
CA LYS B 5 -2.50 -22.90 12.88
C LYS B 5 -1.75 -21.60 12.57
N CYS B 6 -0.74 -21.69 11.71
CA CYS B 6 0.05 -20.51 11.35
C CYS B 6 -0.69 -19.65 10.32
N GLY B 7 -1.53 -20.28 9.51
CA GLY B 7 -2.27 -19.56 8.48
C GLY B 7 -2.72 -18.18 8.96
N PRO B 8 -3.54 -18.12 9.98
CA PRO B 8 -4.04 -16.83 10.53
C PRO B 8 -2.90 -15.89 10.90
N ASP B 9 -1.81 -16.46 11.42
CA ASP B 9 -0.64 -15.66 11.79
C ASP B 9 0.05 -15.09 10.55
N ILE B 10 0.19 -15.92 9.53
CA ILE B 10 0.76 -15.51 8.26
C ILE B 10 -0.21 -14.48 7.63
N LEU B 11 -1.51 -14.75 7.74
CA LEU B 11 -2.49 -13.85 7.17
C LEU B 11 -2.40 -12.47 7.80
N VAL B 12 -2.18 -12.44 9.10
CA VAL B 12 -2.07 -11.16 9.80
C VAL B 12 -0.87 -10.40 9.28
N VAL B 13 0.25 -11.08 9.11
CA VAL B 13 1.46 -10.45 8.61
C VAL B 13 1.28 -9.97 7.16
N LEU B 14 0.68 -10.81 6.33
CA LEU B 14 0.46 -10.43 4.94
C LEU B 14 -0.43 -9.20 4.85
N LEU B 15 -1.49 -9.18 5.66
CA LEU B 15 -2.40 -8.04 5.66
C LEU B 15 -1.68 -6.78 6.14
N SER B 16 -0.90 -6.95 7.21
CA SER B 16 -0.16 -5.82 7.78
C SER B 16 0.81 -5.22 6.76
N VAL B 17 1.52 -6.10 6.04
CA VAL B 17 2.46 -5.65 5.02
C VAL B 17 1.72 -4.93 3.91
N MET B 18 0.62 -5.52 3.47
CA MET B 18 -0.16 -4.94 2.37
C MET B 18 -0.66 -3.55 2.77
N GLY B 19 -1.11 -3.40 4.01
CA GLY B 19 -1.59 -2.12 4.48
C GLY B 19 -0.47 -1.10 4.46
N ALA B 20 0.73 -1.52 4.87
CA ALA B 20 1.87 -0.62 4.90
C ALA B 20 2.17 -0.12 3.50
N ILE B 21 2.03 -1.00 2.52
CA ILE B 21 2.29 -0.60 1.14
C ILE B 21 1.26 0.46 0.71
N LEU B 22 0.00 0.24 1.07
CA LEU B 22 -1.05 1.18 0.71
C LEU B 22 -0.84 2.54 1.35
N LEU B 23 -0.45 2.55 2.61
CA LEU B 23 -0.25 3.80 3.34
C LEU B 23 0.88 4.66 2.75
N ILE B 24 2.00 4.03 2.37
CA ILE B 24 3.10 4.79 1.79
C ILE B 24 2.75 5.29 0.40
N GLY B 25 2.08 4.46 -0.39
CA GLY B 25 1.71 4.85 -1.75
C GLY B 25 0.80 6.09 -1.74
N LEU B 26 -0.18 6.10 -0.85
CA LEU B 26 -1.08 7.24 -0.74
C LEU B 26 -0.28 8.46 -0.31
N ALA B 27 0.64 8.26 0.64
CA ALA B 27 1.46 9.36 1.11
C ALA B 27 2.31 9.92 -0.03
N ALA B 28 2.86 9.02 -0.83
CA ALA B 28 3.69 9.42 -1.96
C ALA B 28 2.88 10.23 -2.95
N LEU B 29 1.64 9.81 -3.20
CA LEU B 29 0.78 10.52 -4.13
C LEU B 29 0.49 11.94 -3.64
N LEU B 30 0.22 12.06 -2.35
CA LEU B 30 -0.05 13.38 -1.77
C LEU B 30 1.18 14.28 -1.86
N ILE B 31 2.34 13.70 -1.57
CA ILE B 31 3.59 14.44 -1.63
C ILE B 31 3.87 14.93 -3.05
N TRP B 32 3.65 14.04 -4.02
CA TRP B 32 3.88 14.40 -5.42
C TRP B 32 2.97 15.59 -5.76
N LYS B 33 1.69 15.48 -5.39
CA LYS B 33 0.73 16.54 -5.69
C LYS B 33 1.13 17.85 -5.01
N LEU B 34 1.59 17.76 -3.76
CA LEU B 34 1.99 18.97 -3.05
C LEU B 34 3.13 19.67 -3.78
N LEU B 35 4.11 18.89 -4.22
CA LEU B 35 5.26 19.46 -4.94
C LEU B 35 4.80 20.10 -6.24
N ILE B 36 3.90 19.43 -6.95
CA ILE B 36 3.39 19.93 -8.21
C ILE B 36 2.65 21.25 -8.04
N THR B 37 1.84 21.33 -7.00
CA THR B 37 1.08 22.55 -6.72
C THR B 37 2.03 23.70 -6.43
N ILE B 38 3.05 23.43 -5.63
CA ILE B 38 4.03 24.45 -5.24
C ILE B 38 4.81 24.97 -6.46
N HIS B 39 5.23 24.08 -7.34
CA HIS B 39 5.97 24.50 -8.53
C HIS B 39 5.07 25.31 -9.46
N ASP B 40 3.81 24.91 -9.57
CA ASP B 40 2.87 25.61 -10.43
C ASP B 40 2.66 27.05 -9.95
N ARG B 41 2.57 27.23 -8.64
CA ARG B 41 2.37 28.57 -8.09
C ARG B 41 3.57 29.46 -8.40
N LYS B 42 4.76 28.89 -8.32
CA LYS B 42 5.98 29.63 -8.60
C LYS B 42 6.07 30.88 -7.72
N GLU B 43 5.93 30.69 -6.41
CA GLU B 43 5.99 31.80 -5.47
C GLU B 43 7.39 32.41 -5.46
N PHE B 44 8.40 31.55 -5.54
CA PHE B 44 9.78 32.01 -5.54
C PHE B 44 10.19 32.47 -6.94
N GLY A 1 18.32 -15.70 9.72
CA GLY A 1 16.89 -15.35 9.94
C GLY A 1 16.38 -16.09 11.17
N ALA A 2 15.99 -15.35 12.19
CA ALA A 2 15.48 -15.94 13.42
C ALA A 2 14.14 -16.62 13.16
N LEU A 3 13.92 -17.75 13.82
CA LEU A 3 12.67 -18.49 13.67
C LEU A 3 11.49 -17.65 14.15
N GLU A 4 11.67 -16.97 15.27
CA GLU A 4 10.62 -16.15 15.83
C GLU A 4 9.31 -16.91 15.89
N GLU A 5 8.39 -16.61 14.99
CA GLU A 5 7.10 -17.28 14.95
C GLU A 5 7.29 -18.76 14.59
N ARG A 6 6.55 -19.64 15.28
CA ARG A 6 6.66 -21.07 15.02
C ARG A 6 6.18 -21.39 13.61
N CYS A 7 5.10 -20.73 13.18
CA CYS A 7 4.57 -20.94 11.84
C CYS A 7 5.50 -20.36 10.79
N GLY A 8 6.10 -19.21 11.10
CA GLY A 8 7.01 -18.56 10.17
C GLY A 8 6.23 -17.96 9.01
N ILE A 9 6.91 -17.20 8.15
CA ILE A 9 6.27 -16.60 6.99
C ILE A 9 7.09 -16.84 5.72
N PRO A 10 6.69 -17.73 4.84
CA PRO A 10 7.42 -17.97 3.56
C PRO A 10 7.43 -16.72 2.68
N ILE A 11 8.53 -16.51 1.95
CA ILE A 11 8.65 -15.35 1.09
C ILE A 11 7.45 -15.23 0.17
N TRP A 12 6.74 -16.32 -0.11
CA TRP A 12 5.59 -16.23 -0.99
C TRP A 12 4.56 -15.23 -0.43
N VAL A 13 4.36 -15.27 0.88
CA VAL A 13 3.40 -14.37 1.52
C VAL A 13 3.88 -12.94 1.35
N VAL A 14 5.18 -12.71 1.48
CA VAL A 14 5.69 -11.37 1.27
C VAL A 14 5.43 -10.99 -0.17
N LEU A 15 5.66 -11.92 -1.07
CA LEU A 15 5.43 -11.68 -2.50
C LEU A 15 3.94 -11.43 -2.72
N VAL A 16 3.09 -12.23 -2.10
CA VAL A 16 1.66 -12.05 -2.24
C VAL A 16 1.25 -10.73 -1.62
N GLY A 17 1.78 -10.44 -0.43
CA GLY A 17 1.45 -9.20 0.25
C GLY A 17 1.84 -7.98 -0.58
N VAL A 18 3.02 -8.05 -1.18
CA VAL A 18 3.52 -6.97 -2.02
C VAL A 18 2.63 -6.76 -3.24
N LEU A 19 2.25 -7.85 -3.89
CA LEU A 19 1.41 -7.78 -5.08
C LEU A 19 0.05 -7.17 -4.76
N GLY A 20 -0.53 -7.58 -3.64
CA GLY A 20 -1.84 -7.07 -3.26
C GLY A 20 -1.78 -5.57 -3.03
N GLY A 21 -0.72 -5.12 -2.36
CA GLY A 21 -0.57 -3.69 -2.09
C GLY A 21 -0.46 -2.92 -3.39
N LEU A 22 0.32 -3.42 -4.34
CA LEU A 22 0.48 -2.73 -5.62
C LEU A 22 -0.87 -2.68 -6.34
N LEU A 23 -1.61 -3.78 -6.31
CA LEU A 23 -2.92 -3.78 -6.98
C LEU A 23 -3.83 -2.76 -6.32
N LEU A 24 -3.83 -2.72 -4.99
CA LEU A 24 -4.66 -1.75 -4.28
C LEU A 24 -4.22 -0.32 -4.60
N LEU A 25 -2.91 -0.10 -4.64
CA LEU A 25 -2.39 1.23 -4.95
C LEU A 25 -2.81 1.63 -6.36
N THR A 26 -2.74 0.70 -7.31
CA THR A 26 -3.14 1.00 -8.69
C THR A 26 -4.63 1.37 -8.74
N ILE A 27 -5.49 0.65 -8.03
CA ILE A 27 -6.92 0.93 -8.06
C ILE A 27 -7.24 2.31 -7.49
N LEU A 28 -6.61 2.63 -6.36
CA LEU A 28 -6.89 3.91 -5.70
C LEU A 28 -6.50 5.11 -6.58
N VAL A 29 -5.32 5.07 -7.19
CA VAL A 29 -4.89 6.18 -8.03
C VAL A 29 -5.77 6.36 -9.26
N LEU A 30 -6.17 5.26 -9.88
CA LEU A 30 -7.02 5.33 -11.07
C LEU A 30 -8.37 5.97 -10.72
N ALA A 31 -8.96 5.58 -9.60
CA ALA A 31 -10.24 6.13 -9.21
C ALA A 31 -10.13 7.62 -8.94
N MET A 32 -9.06 8.03 -8.26
CA MET A 32 -8.86 9.45 -7.96
C MET A 32 -8.64 10.25 -9.24
N TRP A 33 -7.89 9.69 -10.18
CA TRP A 33 -7.61 10.35 -11.44
C TRP A 33 -8.91 10.54 -12.22
N LYS A 34 -9.70 9.48 -12.25
CA LYS A 34 -10.97 9.53 -12.95
C LYS A 34 -11.87 10.56 -12.28
N VAL A 35 -11.77 10.67 -10.96
CA VAL A 35 -12.56 11.59 -10.16
C VAL A 35 -12.14 13.04 -10.36
N GLY A 36 -10.98 13.31 -10.95
CA GLY A 36 -10.57 14.68 -11.18
C GLY A 36 -9.85 15.25 -9.97
N PHE A 37 -9.47 14.38 -9.05
CA PHE A 37 -8.76 14.79 -7.87
C PHE A 37 -7.45 15.45 -8.28
N PHE A 38 -6.78 14.85 -9.25
CA PHE A 38 -5.51 15.36 -9.73
C PHE A 38 -5.71 16.53 -10.69
N LYS A 39 -6.95 16.72 -11.12
CA LYS A 39 -7.31 17.82 -12.00
C LYS A 39 -7.43 19.09 -11.17
N ARG A 40 -7.31 20.28 -11.78
CA ARG A 40 -7.43 21.52 -11.02
C ARG A 40 -8.79 22.17 -11.26
N ASN A 41 -9.41 22.65 -10.19
CA ASN A 41 -10.71 23.30 -10.30
C ASN A 41 -10.56 24.80 -10.39
N ARG A 42 -9.31 25.27 -10.50
CA ARG A 42 -9.04 26.69 -10.60
C ARG A 42 -9.58 27.43 -9.38
N PRO A 43 -9.09 27.09 -8.22
CA PRO A 43 -9.52 27.73 -6.94
C PRO A 43 -8.96 29.14 -6.79
N GLY B 1 -0.65 -33.27 15.18
CA GLY B 1 -1.86 -32.64 14.58
C GLY B 1 -1.64 -31.13 14.46
N GLU B 2 -0.66 -30.73 13.66
CA GLU B 2 -0.35 -29.32 13.48
C GLU B 2 -0.64 -28.91 12.03
N SER B 3 -1.45 -27.86 11.88
CA SER B 3 -1.79 -27.37 10.55
C SER B 3 -2.78 -26.19 10.64
N PRO B 4 -3.96 -26.41 11.18
CA PRO B 4 -4.98 -25.33 11.30
C PRO B 4 -4.51 -24.23 12.24
N LYS B 5 -3.56 -24.57 13.11
CA LYS B 5 -3.02 -23.61 14.06
C LYS B 5 -2.32 -22.47 13.31
N CYS B 6 -1.59 -22.83 12.25
CA CYS B 6 -0.88 -21.83 11.47
C CYS B 6 -1.73 -21.33 10.30
N GLY B 7 -1.65 -20.04 10.04
CA GLY B 7 -2.42 -19.42 8.97
C GLY B 7 -2.80 -17.99 9.33
N PRO B 8 -3.48 -17.81 10.42
CA PRO B 8 -3.90 -16.46 10.91
C PRO B 8 -2.69 -15.54 11.10
N ASP B 9 -1.58 -16.14 11.49
CA ASP B 9 -0.34 -15.42 11.68
C ASP B 9 0.18 -14.89 10.34
N ILE B 10 0.09 -15.73 9.31
CA ILE B 10 0.47 -15.35 7.96
C ILE B 10 -0.47 -14.26 7.48
N LEU B 11 -1.75 -14.45 7.76
CA LEU B 11 -2.78 -13.50 7.34
C LEU B 11 -2.55 -12.13 7.96
N VAL B 12 -2.17 -12.10 9.23
CA VAL B 12 -1.92 -10.84 9.91
C VAL B 12 -0.74 -10.12 9.26
N VAL B 13 0.30 -10.87 8.95
CA VAL B 13 1.49 -10.30 8.32
C VAL B 13 1.16 -9.80 6.92
N LEU B 14 0.41 -10.58 6.16
CA LEU B 14 0.06 -10.16 4.81
C LEU B 14 -0.76 -8.86 4.85
N LEU B 15 -1.70 -8.79 5.78
CA LEU B 15 -2.52 -7.58 5.90
C LEU B 15 -1.64 -6.40 6.31
N SER B 16 -0.76 -6.64 7.27
CA SER B 16 0.13 -5.58 7.75
C SER B 16 1.05 -5.08 6.63
N VAL B 17 1.63 -6.01 5.89
CA VAL B 17 2.51 -5.63 4.79
C VAL B 17 1.72 -4.92 3.71
N MET B 18 0.56 -5.48 3.36
CA MET B 18 -0.27 -4.90 2.32
C MET B 18 -0.71 -3.50 2.74
N GLY B 19 -1.06 -3.34 4.02
CA GLY B 19 -1.49 -2.05 4.53
C GLY B 19 -0.35 -1.04 4.41
N ALA B 20 0.87 -1.49 4.74
CA ALA B 20 2.02 -0.61 4.69
C ALA B 20 2.21 -0.09 3.27
N ILE B 21 2.02 -0.97 2.30
CA ILE B 21 2.17 -0.57 0.91
C ILE B 21 1.13 0.49 0.56
N LEU B 22 -0.11 0.27 1.00
CA LEU B 22 -1.18 1.20 0.72
C LEU B 22 -0.93 2.55 1.36
N LEU B 23 -0.47 2.56 2.61
CA LEU B 23 -0.21 3.80 3.34
C LEU B 23 0.89 4.65 2.70
N ILE B 24 1.97 4.02 2.25
CA ILE B 24 3.05 4.78 1.62
C ILE B 24 2.61 5.32 0.26
N GLY B 25 1.88 4.50 -0.48
CA GLY B 25 1.41 4.90 -1.80
C GLY B 25 0.55 6.16 -1.70
N LEU B 26 -0.33 6.18 -0.70
CA LEU B 26 -1.19 7.34 -0.49
C LEU B 26 -0.33 8.56 -0.15
N ALA B 27 0.69 8.33 0.69
CA ALA B 27 1.59 9.41 1.09
C ALA B 27 2.34 9.94 -0.12
N ALA B 28 2.80 9.03 -0.96
CA ALA B 28 3.53 9.41 -2.16
C ALA B 28 2.62 10.22 -3.09
N LEU B 29 1.37 9.80 -3.24
CA LEU B 29 0.42 10.52 -4.09
C LEU B 29 0.15 11.92 -3.58
N LEU B 30 -0.01 12.05 -2.27
CA LEU B 30 -0.25 13.37 -1.70
C LEU B 30 0.97 14.28 -1.86
N ILE B 31 2.15 13.72 -1.59
CA ILE B 31 3.40 14.46 -1.74
C ILE B 31 3.58 14.93 -3.18
N TRP B 32 3.29 14.07 -4.14
CA TRP B 32 3.44 14.45 -5.54
C TRP B 32 2.50 15.64 -5.84
N LYS B 33 1.25 15.54 -5.40
CA LYS B 33 0.27 16.62 -5.63
C LYS B 33 0.71 17.93 -4.96
N LEU B 34 1.25 17.83 -3.75
CA LEU B 34 1.69 19.04 -3.03
C LEU B 34 2.78 19.74 -3.83
N LEU B 35 3.72 18.97 -4.35
CA LEU B 35 4.80 19.54 -5.14
C LEU B 35 4.25 20.18 -6.42
N ILE B 36 3.28 19.52 -7.05
CA ILE B 36 2.70 20.04 -8.28
C ILE B 36 2.04 21.39 -8.04
N THR B 37 1.34 21.52 -6.92
CA THR B 37 0.68 22.77 -6.58
C THR B 37 1.72 23.88 -6.40
N ILE B 38 2.81 23.56 -5.70
CA ILE B 38 3.87 24.53 -5.44
C ILE B 38 4.53 25.03 -6.73
N HIS B 39 4.81 24.13 -7.66
CA HIS B 39 5.42 24.53 -8.92
C HIS B 39 4.47 25.40 -9.75
N ASP B 40 3.18 25.09 -9.68
CA ASP B 40 2.20 25.85 -10.45
C ASP B 40 2.11 27.29 -9.96
N ARG B 41 2.18 27.47 -8.64
CA ARG B 41 2.11 28.80 -8.05
C ARG B 41 3.31 29.63 -8.47
N LYS B 42 4.47 28.98 -8.51
CA LYS B 42 5.70 29.67 -8.91
C LYS B 42 5.81 29.71 -10.44
N GLU B 43 6.35 30.80 -10.96
CA GLU B 43 6.51 30.95 -12.40
C GLU B 43 7.51 29.94 -12.92
N PHE B 44 7.21 29.34 -14.07
CA PHE B 44 8.09 28.35 -14.67
C PHE B 44 9.06 29.02 -15.64
N GLY A 1 10.35 -32.78 17.11
CA GLY A 1 11.66 -32.52 17.77
C GLY A 1 11.54 -31.32 18.71
N ALA A 2 11.53 -30.13 18.14
CA ALA A 2 11.41 -28.91 18.94
C ALA A 2 10.03 -28.83 19.58
N LEU A 3 9.98 -28.32 20.81
CA LEU A 3 8.73 -28.19 21.53
C LEU A 3 7.79 -27.23 20.79
N GLU A 4 8.35 -26.13 20.30
CA GLU A 4 7.56 -25.14 19.57
C GLU A 4 8.00 -25.06 18.12
N GLU A 5 7.04 -25.21 17.21
CA GLU A 5 7.33 -25.16 15.79
C GLU A 5 7.14 -23.74 15.25
N ARG A 6 8.04 -23.33 14.36
CA ARG A 6 7.96 -22.00 13.78
C ARG A 6 7.19 -22.01 12.47
N CYS A 7 6.31 -21.04 12.28
CA CYS A 7 5.50 -20.96 11.07
C CYS A 7 6.37 -20.56 9.88
N GLY A 8 7.35 -19.69 10.12
CA GLY A 8 8.24 -19.25 9.05
C GLY A 8 7.44 -18.75 7.85
N ILE A 9 6.82 -17.58 8.01
CA ILE A 9 6.02 -17.01 6.93
C ILE A 9 6.80 -17.06 5.60
N PRO A 10 6.42 -17.92 4.66
CA PRO A 10 7.15 -18.00 3.35
C PRO A 10 7.10 -16.69 2.57
N ILE A 11 8.20 -16.39 1.88
CA ILE A 11 8.28 -15.16 1.10
C ILE A 11 7.16 -15.08 0.07
N TRP A 12 6.59 -16.21 -0.37
CA TRP A 12 5.52 -16.15 -1.34
C TRP A 12 4.39 -15.27 -0.79
N VAL A 13 4.13 -15.44 0.49
CA VAL A 13 3.08 -14.68 1.17
C VAL A 13 3.44 -13.20 1.18
N VAL A 14 4.69 -12.88 1.45
CA VAL A 14 5.12 -11.49 1.41
C VAL A 14 4.98 -11.00 -0.03
N LEU A 15 5.39 -11.85 -0.96
CA LEU A 15 5.29 -11.50 -2.38
C LEU A 15 3.83 -11.31 -2.72
N VAL A 16 2.97 -12.19 -2.21
CA VAL A 16 1.55 -12.06 -2.47
C VAL A 16 1.04 -10.77 -1.83
N GLY A 17 1.49 -10.51 -0.61
CA GLY A 17 1.08 -9.31 0.10
C GLY A 17 1.49 -8.05 -0.66
N VAL A 18 2.70 -8.07 -1.19
CA VAL A 18 3.23 -6.94 -1.95
C VAL A 18 2.39 -6.72 -3.21
N LEU A 19 2.07 -7.80 -3.91
CA LEU A 19 1.29 -7.71 -5.15
C LEU A 19 -0.08 -7.12 -4.86
N GLY A 20 -0.69 -7.55 -3.77
CA GLY A 20 -2.01 -7.03 -3.41
C GLY A 20 -1.94 -5.53 -3.18
N GLY A 21 -0.89 -5.08 -2.51
CA GLY A 21 -0.73 -3.65 -2.24
C GLY A 21 -0.62 -2.86 -3.55
N LEU A 22 0.16 -3.37 -4.49
CA LEU A 22 0.31 -2.68 -5.78
C LEU A 22 -1.04 -2.65 -6.50
N LEU A 23 -1.78 -3.75 -6.46
CA LEU A 23 -3.08 -3.77 -7.12
C LEU A 23 -3.98 -2.73 -6.47
N LEU A 24 -3.97 -2.66 -5.15
CA LEU A 24 -4.78 -1.67 -4.44
C LEU A 24 -4.33 -0.27 -4.81
N LEU A 25 -3.02 -0.08 -4.91
CA LEU A 25 -2.46 1.22 -5.26
C LEU A 25 -2.92 1.61 -6.67
N THR A 26 -2.88 0.68 -7.61
CA THR A 26 -3.34 0.97 -8.97
C THR A 26 -4.81 1.38 -8.96
N ILE A 27 -5.64 0.72 -8.18
CA ILE A 27 -7.07 1.05 -8.14
C ILE A 27 -7.30 2.47 -7.62
N LEU A 28 -6.58 2.80 -6.56
CA LEU A 28 -6.73 4.11 -5.95
C LEU A 28 -6.37 5.22 -6.94
N VAL A 29 -5.27 5.02 -7.65
CA VAL A 29 -4.82 6.01 -8.62
C VAL A 29 -5.82 6.19 -9.76
N LEU A 30 -6.31 5.09 -10.31
CA LEU A 30 -7.26 5.16 -11.42
C LEU A 30 -8.56 5.85 -11.02
N ALA A 31 -9.10 5.49 -9.87
CA ALA A 31 -10.35 6.09 -9.42
C ALA A 31 -10.21 7.59 -9.18
N MET A 32 -9.13 8.00 -8.53
CA MET A 32 -8.90 9.41 -8.26
C MET A 32 -8.70 10.20 -9.55
N TRP A 33 -7.97 9.62 -10.49
CA TRP A 33 -7.72 10.27 -11.77
C TRP A 33 -9.03 10.47 -12.50
N LYS A 34 -9.83 9.41 -12.53
CA LYS A 34 -11.12 9.46 -13.19
C LYS A 34 -12.00 10.51 -12.53
N VAL A 35 -11.88 10.62 -11.20
CA VAL A 35 -12.68 11.54 -10.40
C VAL A 35 -12.26 13.01 -10.60
N GLY A 36 -11.08 13.26 -11.18
CA GLY A 36 -10.69 14.64 -11.42
C GLY A 36 -9.94 15.25 -10.24
N PHE A 37 -9.56 14.42 -9.27
CA PHE A 37 -8.83 14.93 -8.13
C PHE A 37 -7.51 15.51 -8.58
N PHE A 38 -6.92 14.88 -9.61
CA PHE A 38 -5.64 15.35 -10.12
C PHE A 38 -5.83 16.48 -11.13
N LYS A 39 -7.09 16.69 -11.50
CA LYS A 39 -7.45 17.77 -12.42
C LYS A 39 -7.55 19.06 -11.64
N ARG A 40 -7.44 20.21 -12.28
CA ARG A 40 -7.54 21.47 -11.55
C ARG A 40 -8.98 21.75 -11.14
N ASN A 41 -9.14 22.34 -9.96
CA ASN A 41 -10.48 22.65 -9.46
C ASN A 41 -10.87 24.09 -9.83
N ARG A 42 -11.79 24.21 -10.78
CA ARG A 42 -12.24 25.52 -11.24
C ARG A 42 -13.44 25.38 -12.18
N PRO A 43 -14.52 24.82 -11.70
CA PRO A 43 -15.75 24.62 -12.51
C PRO A 43 -16.51 25.93 -12.72
N GLY B 1 0.08 -25.86 16.20
CA GLY B 1 1.00 -26.68 17.04
C GLY B 1 0.33 -27.02 18.36
N GLU B 2 0.81 -26.41 19.44
CA GLU B 2 0.24 -26.66 20.75
C GLU B 2 -1.19 -26.12 20.82
N SER B 3 -1.41 -24.99 20.16
CA SER B 3 -2.74 -24.39 20.14
C SER B 3 -2.81 -23.28 19.10
N PRO B 4 -1.84 -22.39 19.07
CA PRO B 4 -1.81 -21.26 18.09
C PRO B 4 -1.73 -21.76 16.65
N LYS B 5 -2.38 -21.05 15.74
CA LYS B 5 -2.36 -21.44 14.33
C LYS B 5 -1.48 -20.48 13.52
N CYS B 6 -0.78 -21.03 12.53
CA CYS B 6 0.10 -20.22 11.69
C CYS B 6 -0.70 -19.35 10.73
N GLY B 7 -1.85 -19.84 10.28
CA GLY B 7 -2.67 -19.09 9.35
C GLY B 7 -2.83 -17.64 9.81
N PRO B 8 -3.47 -17.43 10.93
CA PRO B 8 -3.68 -16.06 11.48
C PRO B 8 -2.39 -15.26 11.59
N ASP B 9 -1.32 -15.96 11.97
CA ASP B 9 -0.01 -15.34 12.08
C ASP B 9 0.49 -14.88 10.72
N ILE B 10 0.33 -15.76 9.72
CA ILE B 10 0.71 -15.45 8.35
C ILE B 10 -0.17 -14.32 7.82
N LEU B 11 -1.47 -14.42 8.12
CA LEU B 11 -2.42 -13.42 7.65
C LEU B 11 -2.12 -12.05 8.25
N VAL B 12 -1.74 -12.01 9.52
CA VAL B 12 -1.42 -10.75 10.16
C VAL B 12 -0.23 -10.09 9.48
N VAL B 13 0.80 -10.89 9.19
CA VAL B 13 1.99 -10.38 8.51
C VAL B 13 1.66 -9.90 7.10
N LEU B 14 0.89 -10.70 6.36
CA LEU B 14 0.52 -10.30 5.00
C LEU B 14 -0.30 -9.02 5.02
N LEU B 15 -1.26 -8.92 5.93
CA LEU B 15 -2.08 -7.72 6.01
C LEU B 15 -1.22 -6.52 6.42
N SER B 16 -0.36 -6.73 7.39
CA SER B 16 0.51 -5.66 7.86
C SER B 16 1.42 -5.14 6.75
N VAL B 17 2.02 -6.06 6.00
CA VAL B 17 2.89 -5.67 4.90
C VAL B 17 2.10 -4.95 3.81
N MET B 18 0.96 -5.53 3.45
CA MET B 18 0.14 -4.94 2.42
C MET B 18 -0.35 -3.56 2.86
N GLY B 19 -0.72 -3.45 4.14
CA GLY B 19 -1.20 -2.18 4.67
C GLY B 19 -0.11 -1.14 4.57
N ALA B 20 1.13 -1.54 4.90
CA ALA B 20 2.25 -0.62 4.85
C ALA B 20 2.42 -0.09 3.44
N ILE B 21 2.25 -0.96 2.46
CA ILE B 21 2.37 -0.53 1.06
C ILE B 21 1.28 0.48 0.76
N LEU B 22 0.06 0.19 1.20
CA LEU B 22 -1.08 1.06 0.95
C LEU B 22 -0.88 2.43 1.60
N LEU B 23 -0.40 2.44 2.85
CA LEU B 23 -0.19 3.68 3.60
C LEU B 23 0.85 4.59 2.96
N ILE B 24 1.96 4.03 2.49
CA ILE B 24 2.99 4.85 1.86
C ILE B 24 2.51 5.40 0.52
N GLY B 25 1.79 4.57 -0.22
CA GLY B 25 1.28 5.00 -1.52
C GLY B 25 0.41 6.24 -1.40
N LEU B 26 -0.47 6.24 -0.39
CA LEU B 26 -1.34 7.38 -0.17
C LEU B 26 -0.48 8.60 0.18
N ALA B 27 0.53 8.38 1.03
CA ALA B 27 1.41 9.46 1.42
C ALA B 27 2.14 10.01 0.20
N ALA B 28 2.58 9.10 -0.67
CA ALA B 28 3.29 9.50 -1.87
C ALA B 28 2.40 10.34 -2.78
N LEU B 29 1.15 9.93 -2.90
CA LEU B 29 0.23 10.67 -3.76
C LEU B 29 -0.01 12.09 -3.25
N LEU B 30 -0.16 12.24 -1.94
CA LEU B 30 -0.35 13.57 -1.36
C LEU B 30 0.90 14.43 -1.55
N ILE B 31 2.06 13.82 -1.36
CA ILE B 31 3.32 14.54 -1.51
C ILE B 31 3.48 15.03 -2.95
N TRP B 32 3.16 14.16 -3.91
CA TRP B 32 3.28 14.53 -5.32
C TRP B 32 2.40 15.76 -5.59
N LYS B 33 1.18 15.75 -5.06
CA LYS B 33 0.27 16.87 -5.27
C LYS B 33 0.83 18.16 -4.67
N LEU B 34 1.42 18.05 -3.49
CA LEU B 34 1.97 19.24 -2.84
C LEU B 34 3.07 19.85 -3.71
N LEU B 35 3.93 19.01 -4.25
CA LEU B 35 5.01 19.50 -5.11
C LEU B 35 4.43 20.16 -6.37
N ILE B 36 3.39 19.56 -6.94
CA ILE B 36 2.77 20.11 -8.15
C ILE B 36 2.18 21.49 -7.90
N THR B 37 1.52 21.65 -6.77
CA THR B 37 0.92 22.93 -6.40
C THR B 37 1.99 24.01 -6.24
N ILE B 38 3.09 23.64 -5.59
CA ILE B 38 4.18 24.57 -5.35
C ILE B 38 4.82 25.00 -6.68
N HIS B 39 4.98 24.06 -7.61
CA HIS B 39 5.58 24.39 -8.90
C HIS B 39 4.67 25.28 -9.73
N ASP B 40 3.38 25.02 -9.65
CA ASP B 40 2.39 25.78 -10.43
C ASP B 40 2.42 27.24 -10.00
N ARG B 41 2.51 27.49 -8.69
CA ARG B 41 2.53 28.86 -8.18
C ARG B 41 3.80 29.57 -8.63
N LYS B 42 4.91 28.86 -8.64
CA LYS B 42 6.18 29.43 -9.05
C LYS B 42 6.16 29.77 -10.54
N GLU B 43 6.63 30.97 -10.88
CA GLU B 43 6.66 31.41 -12.26
C GLU B 43 5.38 30.97 -12.98
N PHE B 44 4.28 31.65 -12.67
CA PHE B 44 3.01 31.32 -13.29
C PHE B 44 2.83 32.09 -14.60
N GLY A 1 14.81 -19.86 28.59
CA GLY A 1 13.34 -19.92 28.36
C GLY A 1 13.02 -21.00 27.33
N ALA A 2 11.79 -21.49 27.35
CA ALA A 2 11.38 -22.52 26.41
C ALA A 2 11.34 -21.97 24.99
N LEU A 3 11.73 -22.81 24.03
CA LEU A 3 11.75 -22.40 22.63
C LEU A 3 10.67 -23.14 21.84
N GLU A 4 9.89 -22.38 21.07
CA GLU A 4 8.82 -22.95 20.27
C GLU A 4 9.07 -22.71 18.79
N GLU A 5 8.92 -23.75 17.99
CA GLU A 5 9.14 -23.62 16.54
C GLU A 5 8.10 -22.68 15.93
N ARG A 6 8.57 -21.79 15.07
CA ARG A 6 7.69 -20.83 14.41
C ARG A 6 7.48 -21.22 12.95
N CYS A 7 6.24 -21.09 12.49
CA CYS A 7 5.92 -21.43 11.11
C CYS A 7 6.61 -20.47 10.15
N GLY A 8 6.74 -19.21 10.57
CA GLY A 8 7.38 -18.20 9.74
C GLY A 8 6.44 -17.70 8.64
N ILE A 9 6.96 -16.84 7.77
CA ILE A 9 6.16 -16.30 6.69
C ILE A 9 6.79 -16.64 5.32
N PRO A 10 6.23 -17.55 4.56
CA PRO A 10 6.79 -17.90 3.21
C PRO A 10 6.84 -16.70 2.27
N ILE A 11 7.85 -16.66 1.42
CA ILE A 11 8.01 -15.56 0.47
C ILE A 11 6.78 -15.44 -0.43
N TRP A 12 6.04 -16.53 -0.65
CA TRP A 12 4.85 -16.43 -1.49
C TRP A 12 3.89 -15.43 -0.86
N VAL A 13 3.77 -15.51 0.46
CA VAL A 13 2.89 -14.63 1.21
C VAL A 13 3.37 -13.19 1.09
N VAL A 14 4.66 -12.98 1.20
CA VAL A 14 5.22 -11.64 1.02
C VAL A 14 4.95 -11.23 -0.41
N LEU A 15 5.16 -12.16 -1.32
CA LEU A 15 4.92 -11.89 -2.74
C LEU A 15 3.44 -11.56 -2.90
N VAL A 16 2.58 -12.31 -2.22
CA VAL A 16 1.16 -12.04 -2.29
C VAL A 16 0.90 -10.66 -1.70
N GLY A 17 1.54 -10.36 -0.57
CA GLY A 17 1.37 -9.06 0.07
C GLY A 17 1.76 -7.93 -0.87
N VAL A 18 2.87 -8.12 -1.57
CA VAL A 18 3.36 -7.12 -2.49
C VAL A 18 2.37 -6.92 -3.64
N LEU A 19 1.87 -8.03 -4.17
CA LEU A 19 0.92 -7.97 -5.27
C LEU A 19 -0.37 -7.25 -4.86
N GLY A 20 -0.86 -7.58 -3.67
CA GLY A 20 -2.10 -6.97 -3.17
C GLY A 20 -1.95 -5.47 -2.99
N GLY A 21 -0.82 -5.06 -2.43
CA GLY A 21 -0.56 -3.64 -2.22
C GLY A 21 -0.52 -2.92 -3.55
N LEU A 22 0.17 -3.50 -4.53
CA LEU A 22 0.26 -2.89 -5.85
C LEU A 22 -1.12 -2.79 -6.48
N LEU A 23 -1.94 -3.84 -6.36
CA LEU A 23 -3.28 -3.79 -6.93
C LEU A 23 -4.07 -2.69 -6.25
N LEU A 24 -3.98 -2.59 -4.93
CA LEU A 24 -4.69 -1.54 -4.21
C LEU A 24 -4.18 -0.17 -4.64
N LEU A 25 -2.86 -0.07 -4.79
CA LEU A 25 -2.23 1.18 -5.21
C LEU A 25 -2.68 1.57 -6.62
N THR A 26 -2.75 0.59 -7.53
CA THR A 26 -3.18 0.89 -8.90
C THR A 26 -4.65 1.31 -8.90
N ILE A 27 -5.48 0.70 -8.06
CA ILE A 27 -6.88 1.08 -8.01
C ILE A 27 -7.05 2.51 -7.50
N LEU A 28 -6.31 2.81 -6.44
CA LEU A 28 -6.41 4.13 -5.81
C LEU A 28 -6.03 5.25 -6.76
N VAL A 29 -4.91 5.12 -7.47
CA VAL A 29 -4.47 6.17 -8.39
C VAL A 29 -5.46 6.37 -9.53
N LEU A 30 -6.00 5.28 -10.08
CA LEU A 30 -6.94 5.39 -11.18
C LEU A 30 -8.19 6.14 -10.74
N ALA A 31 -8.69 5.84 -9.54
CA ALA A 31 -9.90 6.49 -9.04
C ALA A 31 -9.66 7.99 -8.86
N MET A 32 -8.51 8.35 -8.29
CA MET A 32 -8.20 9.77 -8.08
C MET A 32 -8.05 10.51 -9.41
N TRP A 33 -7.40 9.86 -10.37
CA TRP A 33 -7.19 10.46 -11.67
C TRP A 33 -8.54 10.70 -12.34
N LYS A 34 -9.41 9.71 -12.27
CA LYS A 34 -10.73 9.82 -12.87
C LYS A 34 -11.52 10.94 -12.18
N VAL A 35 -11.31 11.08 -10.87
CA VAL A 35 -12.02 12.09 -10.07
C VAL A 35 -11.53 13.52 -10.32
N GLY A 36 -10.38 13.69 -10.99
CA GLY A 36 -9.92 15.04 -11.30
C GLY A 36 -9.06 15.65 -10.19
N PHE A 37 -8.67 14.85 -9.20
CA PHE A 37 -7.83 15.38 -8.15
C PHE A 37 -6.51 15.81 -8.76
N PHE A 38 -6.07 15.03 -9.74
CA PHE A 38 -4.82 15.32 -10.46
C PHE A 38 -4.98 16.55 -11.34
N LYS A 39 -6.22 16.79 -11.73
CA LYS A 39 -6.54 17.95 -12.58
C LYS A 39 -6.45 19.24 -11.77
N ARG A 40 -6.26 20.37 -12.43
CA ARG A 40 -6.16 21.64 -11.70
C ARG A 40 -7.54 22.14 -11.31
N ASN A 41 -7.63 22.75 -10.13
CA ASN A 41 -8.90 23.28 -9.64
C ASN A 41 -9.42 24.37 -10.59
N ARG A 42 -8.50 25.22 -11.05
CA ARG A 42 -8.88 26.31 -11.94
C ARG A 42 -10.08 27.08 -11.39
N PRO A 43 -9.93 27.66 -10.22
CA PRO A 43 -11.03 28.44 -9.58
C PRO A 43 -11.25 29.79 -10.24
N GLY B 1 0.01 -31.42 23.70
CA GLY B 1 0.78 -30.26 23.15
C GLY B 1 0.12 -29.78 21.86
N GLU B 2 0.93 -29.35 20.91
CA GLU B 2 0.42 -28.85 19.64
C GLU B 2 -0.59 -27.73 19.87
N SER B 3 -0.38 -26.98 20.95
CA SER B 3 -1.28 -25.86 21.27
C SER B 3 -1.17 -24.76 20.23
N PRO B 4 0.03 -24.42 19.82
CA PRO B 4 0.26 -23.35 18.81
C PRO B 4 -0.39 -23.68 17.47
N LYS B 5 -0.88 -22.64 16.79
CA LYS B 5 -1.53 -22.84 15.49
C LYS B 5 -0.89 -21.94 14.43
N CYS B 6 -0.79 -22.45 13.20
CA CYS B 6 -0.20 -21.70 12.12
C CYS B 6 -1.27 -21.15 11.18
N GLY B 7 -1.06 -19.93 10.70
CA GLY B 7 -2.00 -19.29 9.80
C GLY B 7 -2.27 -17.85 10.23
N PRO B 8 -2.87 -17.65 11.38
CA PRO B 8 -3.16 -16.29 11.91
C PRO B 8 -1.90 -15.43 11.97
N ASP B 9 -0.79 -16.08 12.30
CA ASP B 9 0.49 -15.39 12.36
C ASP B 9 0.92 -14.95 10.96
N ILE B 10 0.73 -15.85 9.99
CA ILE B 10 1.04 -15.55 8.60
C ILE B 10 0.11 -14.43 8.12
N LEU B 11 -1.16 -14.57 8.49
CA LEU B 11 -2.18 -13.59 8.08
C LEU B 11 -1.88 -12.20 8.64
N VAL B 12 -1.44 -12.14 9.88
CA VAL B 12 -1.12 -10.86 10.51
C VAL B 12 0.02 -10.17 9.75
N VAL B 13 1.04 -10.94 9.43
CA VAL B 13 2.19 -10.39 8.70
C VAL B 13 1.79 -9.95 7.30
N LEU B 14 1.01 -10.78 6.61
CA LEU B 14 0.58 -10.42 5.25
C LEU B 14 -0.24 -9.14 5.26
N LEU B 15 -1.15 -9.03 6.22
CA LEU B 15 -1.98 -7.83 6.32
C LEU B 15 -1.12 -6.61 6.63
N SER B 16 -0.18 -6.80 7.56
CA SER B 16 0.69 -5.70 7.96
C SER B 16 1.53 -5.20 6.78
N VAL B 17 2.10 -6.11 6.00
CA VAL B 17 2.92 -5.74 4.86
C VAL B 17 2.07 -5.04 3.81
N MET B 18 0.90 -5.62 3.50
CA MET B 18 0.03 -5.03 2.50
C MET B 18 -0.44 -3.66 2.95
N GLY B 19 -0.74 -3.53 4.25
CA GLY B 19 -1.19 -2.26 4.78
C GLY B 19 -0.10 -1.21 4.63
N ALA B 20 1.14 -1.61 4.89
CA ALA B 20 2.26 -0.69 4.79
C ALA B 20 2.35 -0.15 3.38
N ILE B 21 2.12 -1.02 2.41
CA ILE B 21 2.16 -0.61 1.01
C ILE B 21 1.08 0.43 0.75
N LEU B 22 -0.13 0.18 1.26
CA LEU B 22 -1.24 1.09 1.04
C LEU B 22 -1.00 2.46 1.67
N LEU B 23 -0.48 2.48 2.90
CA LEU B 23 -0.22 3.74 3.61
C LEU B 23 0.83 4.61 2.91
N ILE B 24 1.90 4.01 2.41
CA ILE B 24 2.92 4.80 1.72
C ILE B 24 2.37 5.33 0.40
N GLY B 25 1.59 4.51 -0.28
CA GLY B 25 1.01 4.92 -1.56
C GLY B 25 0.15 6.17 -1.39
N LEU B 26 -0.65 6.20 -0.33
CA LEU B 26 -1.49 7.36 -0.04
C LEU B 26 -0.61 8.57 0.24
N ALA B 27 0.46 8.35 1.00
CA ALA B 27 1.38 9.42 1.32
C ALA B 27 2.01 9.95 0.03
N ALA B 28 2.39 9.02 -0.85
CA ALA B 28 3.01 9.41 -2.12
C ALA B 28 2.03 10.25 -2.96
N LEU B 29 0.77 9.86 -2.96
CA LEU B 29 -0.23 10.59 -3.73
C LEU B 29 -0.41 12.02 -3.21
N LEU B 30 -0.43 12.16 -1.88
CA LEU B 30 -0.59 13.47 -1.28
C LEU B 30 0.63 14.36 -1.56
N ILE B 31 1.81 13.75 -1.46
CA ILE B 31 3.05 14.47 -1.72
C ILE B 31 3.09 14.95 -3.18
N TRP B 32 2.72 14.07 -4.11
CA TRP B 32 2.74 14.43 -5.53
C TRP B 32 1.81 15.64 -5.75
N LYS B 33 0.62 15.58 -5.17
CA LYS B 33 -0.35 16.66 -5.33
C LYS B 33 0.19 17.97 -4.75
N LEU B 34 0.81 17.91 -3.59
CA LEU B 34 1.35 19.12 -2.97
C LEU B 34 2.41 19.75 -3.86
N LEU B 35 3.29 18.94 -4.41
CA LEU B 35 4.32 19.46 -5.30
C LEU B 35 3.73 20.10 -6.55
N ILE B 36 2.72 19.47 -7.12
CA ILE B 36 2.06 19.98 -8.33
C ILE B 36 1.41 21.34 -8.05
N THR B 37 0.84 21.48 -6.87
CA THR B 37 0.21 22.77 -6.49
C THR B 37 1.26 23.87 -6.43
N ILE B 38 2.38 23.59 -5.77
CA ILE B 38 3.45 24.57 -5.61
C ILE B 38 4.04 25.00 -6.96
N HIS B 39 4.13 24.05 -7.91
CA HIS B 39 4.65 24.37 -9.23
C HIS B 39 3.68 25.25 -10.00
N ASP B 40 2.38 24.96 -9.84
CA ASP B 40 1.36 25.72 -10.55
C ASP B 40 1.38 27.18 -10.09
N ARG B 41 1.59 27.39 -8.79
CA ARG B 41 1.62 28.75 -8.24
C ARG B 41 2.80 29.54 -8.78
N LYS B 42 3.94 28.87 -8.93
CA LYS B 42 5.13 29.51 -9.44
C LYS B 42 5.06 29.63 -10.96
N GLU B 43 5.53 30.75 -11.49
CA GLU B 43 5.51 30.97 -12.93
C GLU B 43 6.86 30.62 -13.54
N PHE B 44 7.82 31.55 -13.44
CA PHE B 44 9.15 31.34 -13.98
C PHE B 44 9.09 30.59 -15.31
N GLY A 1 -4.59 -9.50 17.44
CA GLY A 1 -3.29 -9.32 16.77
C GLY A 1 -2.17 -9.90 17.64
N ALA A 2 -1.67 -11.06 17.23
CA ALA A 2 -0.60 -11.72 17.98
C ALA A 2 0.43 -12.33 17.03
N LEU A 3 1.68 -12.34 17.46
CA LEU A 3 2.77 -12.89 16.65
C LEU A 3 3.31 -14.17 17.29
N GLU A 4 3.36 -15.24 16.50
CA GLU A 4 3.85 -16.52 17.00
C GLU A 4 5.23 -16.84 16.42
N GLU A 5 6.20 -17.03 17.30
CA GLU A 5 7.56 -17.34 16.87
C GLU A 5 7.62 -18.67 16.15
N ARG A 6 6.66 -19.54 16.47
CA ARG A 6 6.60 -20.85 15.84
C ARG A 6 6.37 -20.73 14.33
N CYS A 7 5.53 -19.77 13.95
CA CYS A 7 5.24 -19.57 12.53
C CYS A 7 6.07 -18.42 11.96
N GLY A 8 6.68 -18.65 10.81
CA GLY A 8 7.48 -17.63 10.16
C GLY A 8 6.71 -17.00 9.01
N ILE A 9 7.32 -16.02 8.34
CA ILE A 9 6.66 -15.36 7.22
C ILE A 9 7.33 -15.75 5.89
N PRO A 10 6.72 -16.61 5.10
CA PRO A 10 7.29 -17.02 3.78
C PRO A 10 7.44 -15.85 2.81
N ILE A 11 8.50 -15.90 2.00
CA ILE A 11 8.76 -14.85 1.03
C ILE A 11 7.63 -14.77 0.01
N TRP A 12 7.08 -15.88 -0.44
CA TRP A 12 6.00 -15.82 -1.41
C TRP A 12 4.85 -14.98 -0.86
N VAL A 13 4.58 -15.16 0.43
CA VAL A 13 3.51 -14.44 1.11
C VAL A 13 3.84 -12.96 1.14
N VAL A 14 5.08 -12.62 1.43
CA VAL A 14 5.49 -11.23 1.43
C VAL A 14 5.36 -10.71 0.01
N LEU A 15 5.81 -11.53 -0.94
CA LEU A 15 5.71 -11.15 -2.36
C LEU A 15 4.25 -11.00 -2.73
N VAL A 16 3.41 -11.92 -2.26
CA VAL A 16 1.99 -11.82 -2.54
C VAL A 16 1.45 -10.57 -1.89
N GLY A 17 1.87 -10.32 -0.65
CA GLY A 17 1.40 -9.14 0.07
C GLY A 17 1.77 -7.86 -0.65
N VAL A 18 3.00 -7.81 -1.15
CA VAL A 18 3.49 -6.63 -1.88
C VAL A 18 2.68 -6.40 -3.16
N LEU A 19 2.43 -7.49 -3.89
CA LEU A 19 1.67 -7.38 -5.13
C LEU A 19 0.25 -6.89 -4.87
N GLY A 20 -0.37 -7.39 -3.80
CA GLY A 20 -1.72 -6.98 -3.46
C GLY A 20 -1.75 -5.48 -3.17
N GLY A 21 -0.74 -5.01 -2.44
CA GLY A 21 -0.66 -3.60 -2.11
C GLY A 21 -0.55 -2.77 -3.39
N LEU A 22 0.27 -3.22 -4.32
CA LEU A 22 0.42 -2.50 -5.59
C LEU A 22 -0.92 -2.48 -6.33
N LEU A 23 -1.62 -3.61 -6.32
CA LEU A 23 -2.92 -3.65 -7.01
C LEU A 23 -3.88 -2.67 -6.34
N LEU A 24 -3.92 -2.65 -5.01
CA LEU A 24 -4.79 -1.71 -4.32
C LEU A 24 -4.36 -0.27 -4.61
N LEU A 25 -3.06 -0.05 -4.63
CA LEU A 25 -2.52 1.28 -4.92
C LEU A 25 -2.89 1.71 -6.34
N THR A 26 -2.77 0.81 -7.31
CA THR A 26 -3.13 1.13 -8.69
C THR A 26 -4.62 1.44 -8.79
N ILE A 27 -5.46 0.66 -8.12
CA ILE A 27 -6.90 0.89 -8.18
C ILE A 27 -7.24 2.24 -7.57
N LEU A 28 -6.62 2.53 -6.43
CA LEU A 28 -6.91 3.77 -5.73
C LEU A 28 -6.57 4.98 -6.62
N VAL A 29 -5.40 4.93 -7.25
CA VAL A 29 -4.95 6.03 -8.11
C VAL A 29 -5.88 6.24 -9.31
N LEU A 30 -6.26 5.15 -9.97
CA LEU A 30 -7.13 5.26 -11.14
C LEU A 30 -8.47 5.87 -10.78
N ALA A 31 -9.05 5.44 -9.66
CA ALA A 31 -10.34 5.97 -9.24
C ALA A 31 -10.25 7.48 -8.98
N MET A 32 -9.18 7.90 -8.32
CA MET A 32 -8.99 9.31 -8.02
C MET A 32 -8.81 10.12 -9.30
N TRP A 33 -8.07 9.57 -10.26
CA TRP A 33 -7.83 10.23 -11.53
C TRP A 33 -9.13 10.40 -12.29
N LYS A 34 -9.93 9.34 -12.32
CA LYS A 34 -11.19 9.37 -13.01
C LYS A 34 -12.11 10.38 -12.33
N VAL A 35 -11.99 10.48 -11.01
CA VAL A 35 -12.79 11.39 -10.21
C VAL A 35 -12.40 12.84 -10.40
N GLY A 36 -11.26 13.12 -11.03
CA GLY A 36 -10.87 14.51 -11.26
C GLY A 36 -10.16 15.09 -10.05
N PHE A 37 -9.73 14.22 -9.15
CA PHE A 37 -9.02 14.65 -7.97
C PHE A 37 -7.76 15.38 -8.41
N PHE A 38 -7.11 14.82 -9.42
CA PHE A 38 -5.87 15.39 -9.94
C PHE A 38 -6.13 16.59 -10.85
N LYS A 39 -7.40 16.80 -11.19
CA LYS A 39 -7.79 17.93 -12.03
C LYS A 39 -7.85 19.20 -11.19
N ARG A 40 -7.73 20.38 -11.80
CA ARG A 40 -7.77 21.62 -11.04
C ARG A 40 -8.78 22.59 -11.65
N ASN A 41 -9.44 23.37 -10.81
CA ASN A 41 -10.43 24.34 -11.27
C ASN A 41 -9.85 25.74 -11.29
N ARG A 42 -10.21 26.52 -12.31
CA ARG A 42 -9.72 27.88 -12.44
C ARG A 42 -10.26 28.75 -11.31
N PRO A 43 -9.58 29.82 -10.96
CA PRO A 43 -10.02 30.73 -9.87
C PRO A 43 -11.28 31.51 -10.25
N GLY B 1 -2.09 -30.83 20.65
CA GLY B 1 -1.59 -30.13 19.42
C GLY B 1 -0.76 -31.10 18.59
N GLU B 2 -1.35 -31.64 17.53
CA GLU B 2 -0.65 -32.58 16.65
C GLU B 2 -0.48 -31.96 15.26
N SER B 3 0.75 -31.94 14.78
CA SER B 3 1.04 -31.38 13.46
C SER B 3 0.49 -29.96 13.34
N PRO B 4 1.13 -29.03 14.00
CA PRO B 4 0.70 -27.59 13.97
C PRO B 4 0.75 -27.01 12.57
N LYS B 5 -0.18 -26.10 12.27
CA LYS B 5 -0.24 -25.47 10.96
C LYS B 5 -0.21 -23.96 11.10
N CYS B 6 0.47 -23.30 10.16
CA CYS B 6 0.57 -21.85 10.18
C CYS B 6 -0.41 -21.22 9.19
N GLY B 7 -1.01 -20.09 9.57
CA GLY B 7 -1.95 -19.41 8.70
C GLY B 7 -2.32 -18.04 9.27
N PRO B 8 -2.99 -18.00 10.40
CA PRO B 8 -3.39 -16.71 11.04
C PRO B 8 -2.20 -15.78 11.25
N ASP B 9 -1.06 -16.38 11.61
CA ASP B 9 0.16 -15.61 11.82
C ASP B 9 0.70 -15.11 10.49
N ILE B 10 0.69 -15.99 9.50
CA ILE B 10 1.12 -15.63 8.16
C ILE B 10 0.14 -14.59 7.59
N LEU B 11 -1.14 -14.86 7.83
CA LEU B 11 -2.21 -13.99 7.34
C LEU B 11 -2.09 -12.58 7.95
N VAL B 12 -1.77 -12.53 9.24
CA VAL B 12 -1.63 -11.25 9.91
C VAL B 12 -0.52 -10.42 9.29
N VAL B 13 0.60 -11.06 9.00
CA VAL B 13 1.73 -10.36 8.39
C VAL B 13 1.37 -9.86 6.98
N LEU B 14 0.72 -10.69 6.17
CA LEU B 14 0.38 -10.26 4.82
C LEU B 14 -0.57 -9.07 4.84
N LEU B 15 -1.59 -9.09 5.70
CA LEU B 15 -2.51 -7.95 5.78
C LEU B 15 -1.77 -6.70 6.26
N SER B 16 -0.93 -6.88 7.26
CA SER B 16 -0.16 -5.76 7.79
C SER B 16 0.77 -5.19 6.72
N VAL B 17 1.41 -6.08 5.97
CA VAL B 17 2.31 -5.65 4.91
C VAL B 17 1.54 -4.94 3.82
N MET B 18 0.41 -5.52 3.43
CA MET B 18 -0.39 -4.92 2.37
C MET B 18 -0.89 -3.54 2.81
N GLY B 19 -1.28 -3.43 4.08
CA GLY B 19 -1.76 -2.15 4.59
C GLY B 19 -0.66 -1.10 4.52
N ALA B 20 0.56 -1.52 4.88
CA ALA B 20 1.69 -0.61 4.86
C ALA B 20 1.90 -0.07 3.45
N ILE B 21 1.73 -0.95 2.46
CA ILE B 21 1.89 -0.53 1.08
C ILE B 21 0.83 0.51 0.73
N LEU B 22 -0.40 0.26 1.15
CA LEU B 22 -1.50 1.17 0.87
C LEU B 22 -1.28 2.54 1.53
N LEU B 23 -0.82 2.53 2.78
CA LEU B 23 -0.61 3.77 3.53
C LEU B 23 0.46 4.66 2.89
N ILE B 24 1.55 4.08 2.43
CA ILE B 24 2.60 4.87 1.80
C ILE B 24 2.13 5.42 0.46
N GLY B 25 1.33 4.62 -0.24
CA GLY B 25 0.83 5.04 -1.54
C GLY B 25 0.06 6.35 -1.41
N LEU B 26 -0.77 6.45 -0.38
CA LEU B 26 -1.52 7.69 -0.13
C LEU B 26 -0.56 8.82 0.17
N ALA B 27 0.46 8.54 0.98
CA ALA B 27 1.44 9.55 1.33
C ALA B 27 2.17 10.02 0.08
N ALA B 28 2.51 9.06 -0.78
CA ALA B 28 3.20 9.38 -2.02
C ALA B 28 2.30 10.26 -2.89
N LEU B 29 1.01 9.94 -2.91
CA LEU B 29 0.07 10.70 -3.72
C LEU B 29 -0.01 12.15 -3.25
N LEU B 30 -0.08 12.34 -1.94
CA LEU B 30 -0.14 13.70 -1.39
C LEU B 30 1.17 14.47 -1.65
N ILE B 31 2.29 13.77 -1.49
CA ILE B 31 3.59 14.39 -1.71
C ILE B 31 3.75 14.84 -3.16
N TRP B 32 3.35 13.98 -4.09
CA TRP B 32 3.45 14.33 -5.51
C TRP B 32 2.61 15.56 -5.79
N LYS B 33 1.37 15.58 -5.29
CA LYS B 33 0.47 16.69 -5.51
C LYS B 33 1.03 17.98 -4.91
N LEU B 34 1.59 17.87 -3.72
CA LEU B 34 2.15 19.06 -3.06
C LEU B 34 3.27 19.65 -3.90
N LEU B 35 4.14 18.81 -4.42
CA LEU B 35 5.26 19.27 -5.24
C LEU B 35 4.77 19.94 -6.52
N ILE B 36 3.76 19.35 -7.13
CA ILE B 36 3.18 19.89 -8.35
C ILE B 36 2.57 21.28 -8.13
N THR B 37 1.88 21.44 -7.00
CA THR B 37 1.25 22.72 -6.67
C THR B 37 2.30 23.83 -6.52
N ILE B 38 3.39 23.49 -5.83
CA ILE B 38 4.49 24.43 -5.58
C ILE B 38 5.15 24.85 -6.90
N HIS B 39 5.31 23.91 -7.83
CA HIS B 39 5.94 24.20 -9.10
C HIS B 39 5.01 25.08 -9.94
N ASP B 40 3.70 24.81 -9.86
CA ASP B 40 2.72 25.57 -10.62
C ASP B 40 2.73 27.03 -10.17
N ARG B 41 2.87 27.27 -8.87
CA ARG B 41 2.89 28.62 -8.34
C ARG B 41 4.11 29.38 -8.86
N LYS B 42 5.25 28.71 -8.92
CA LYS B 42 6.47 29.34 -9.40
C LYS B 42 6.33 29.74 -10.86
N GLU B 43 5.72 28.87 -11.65
CA GLU B 43 5.52 29.12 -13.07
C GLU B 43 4.56 30.29 -13.26
N PHE B 44 3.53 30.35 -12.43
CA PHE B 44 2.55 31.42 -12.51
C PHE B 44 2.03 31.79 -11.13
N GLY A 1 13.26 -10.57 28.55
CA GLY A 1 14.28 -11.10 27.60
C GLY A 1 13.89 -10.73 26.17
N ALA A 2 13.43 -11.72 25.42
CA ALA A 2 13.03 -11.49 24.03
C ALA A 2 11.92 -12.45 23.62
N LEU A 3 11.08 -12.01 22.69
CA LEU A 3 9.97 -12.85 22.21
C LEU A 3 10.20 -13.25 20.76
N GLU A 4 10.14 -14.57 20.51
CA GLU A 4 10.34 -15.09 19.17
C GLU A 4 9.06 -15.72 18.66
N GLU A 5 8.58 -15.26 17.50
CA GLU A 5 7.35 -15.80 16.92
C GLU A 5 7.56 -17.25 16.48
N ARG A 6 6.64 -18.13 16.86
CA ARG A 6 6.72 -19.53 16.49
C ARG A 6 6.62 -19.70 14.97
N CYS A 7 5.72 -18.92 14.38
CA CYS A 7 5.52 -18.99 12.93
C CYS A 7 6.32 -17.90 12.21
N GLY A 8 6.96 -18.27 11.11
CA GLY A 8 7.76 -17.31 10.34
C GLY A 8 6.93 -16.69 9.22
N ILE A 9 7.53 -15.77 8.48
CA ILE A 9 6.84 -15.11 7.38
C ILE A 9 7.42 -15.60 6.04
N PRO A 10 6.74 -16.47 5.31
CA PRO A 10 7.23 -16.95 3.99
C PRO A 10 7.35 -15.84 2.95
N ILE A 11 8.37 -15.95 2.10
CA ILE A 11 8.62 -14.95 1.06
C ILE A 11 7.45 -14.88 0.07
N TRP A 12 6.89 -16.01 -0.35
CA TRP A 12 5.79 -15.97 -1.30
C TRP A 12 4.65 -15.12 -0.74
N VAL A 13 4.37 -15.28 0.54
CA VAL A 13 3.31 -14.55 1.21
C VAL A 13 3.65 -13.07 1.23
N VAL A 14 4.90 -12.73 1.52
CA VAL A 14 5.31 -11.34 1.49
C VAL A 14 5.18 -10.86 0.05
N LEU A 15 5.60 -11.70 -0.88
CA LEU A 15 5.52 -11.36 -2.30
C LEU A 15 4.05 -11.20 -2.66
N VAL A 16 3.19 -12.08 -2.17
CA VAL A 16 1.78 -11.98 -2.44
C VAL A 16 1.26 -10.70 -1.81
N GLY A 17 1.69 -10.44 -0.58
CA GLY A 17 1.25 -9.24 0.13
C GLY A 17 1.64 -7.97 -0.64
N VAL A 18 2.85 -7.97 -1.16
CA VAL A 18 3.36 -6.82 -1.92
C VAL A 18 2.54 -6.60 -3.18
N LEU A 19 2.25 -7.68 -3.90
CA LEU A 19 1.48 -7.59 -5.13
C LEU A 19 0.08 -7.04 -4.86
N GLY A 20 -0.53 -7.50 -3.78
CA GLY A 20 -1.88 -7.04 -3.45
C GLY A 20 -1.86 -5.53 -3.19
N GLY A 21 -0.84 -5.06 -2.50
CA GLY A 21 -0.73 -3.63 -2.21
C GLY A 21 -0.62 -2.82 -3.49
N LEU A 22 0.24 -3.23 -4.41
CA LEU A 22 0.40 -2.51 -5.66
C LEU A 22 -0.90 -2.53 -6.47
N LEU A 23 -1.58 -3.67 -6.52
CA LEU A 23 -2.84 -3.73 -7.26
C LEU A 23 -3.86 -2.77 -6.64
N LEU A 24 -3.95 -2.78 -5.32
CA LEU A 24 -4.87 -1.88 -4.63
C LEU A 24 -4.46 -0.43 -4.88
N LEU A 25 -3.16 -0.18 -4.84
CA LEU A 25 -2.63 1.17 -5.08
C LEU A 25 -2.99 1.61 -6.49
N THR A 26 -2.88 0.71 -7.45
CA THR A 26 -3.24 1.04 -8.81
C THR A 26 -4.72 1.43 -8.85
N ILE A 27 -5.57 0.69 -8.12
CA ILE A 27 -7.01 0.98 -8.12
C ILE A 27 -7.31 2.37 -7.54
N LEU A 28 -6.64 2.69 -6.44
CA LEU A 28 -6.88 3.99 -5.79
C LEU A 28 -6.53 5.14 -6.72
N VAL A 29 -5.39 5.05 -7.40
CA VAL A 29 -4.94 6.10 -8.30
C VAL A 29 -5.90 6.29 -9.48
N LEU A 30 -6.37 5.18 -10.05
CA LEU A 30 -7.28 5.28 -11.20
C LEU A 30 -8.62 5.94 -10.82
N ALA A 31 -9.16 5.55 -9.67
CA ALA A 31 -10.45 6.12 -9.24
C ALA A 31 -10.33 7.62 -8.99
N MET A 32 -9.25 8.03 -8.33
CA MET A 32 -9.04 9.45 -8.05
C MET A 32 -8.85 10.24 -9.34
N TRP A 33 -8.12 9.68 -10.28
CA TRP A 33 -7.88 10.33 -11.57
C TRP A 33 -9.19 10.50 -12.31
N LYS A 34 -9.97 9.43 -12.36
CA LYS A 34 -11.25 9.46 -13.04
C LYS A 34 -12.16 10.49 -12.38
N VAL A 35 -12.05 10.59 -11.05
CA VAL A 35 -12.87 11.53 -10.26
C VAL A 35 -12.48 12.99 -10.50
N GLY A 36 -11.34 13.27 -11.13
CA GLY A 36 -10.98 14.65 -11.40
C GLY A 36 -10.24 15.26 -10.22
N PHE A 37 -9.81 14.41 -9.30
CA PHE A 37 -9.08 14.84 -8.14
C PHE A 37 -7.80 15.53 -8.58
N PHE A 38 -7.15 14.94 -9.58
CA PHE A 38 -5.89 15.48 -10.07
C PHE A 38 -6.11 16.59 -11.10
N LYS A 39 -7.37 16.79 -11.47
CA LYS A 39 -7.73 17.86 -12.39
C LYS A 39 -7.74 19.17 -11.62
N ARG A 40 -7.61 20.30 -12.31
CA ARG A 40 -7.61 21.59 -11.61
C ARG A 40 -9.02 22.17 -11.56
N ASN A 41 -9.37 22.74 -10.41
CA ASN A 41 -10.69 23.33 -10.23
C ASN A 41 -10.65 24.82 -10.55
N ARG A 42 -11.23 25.20 -11.69
CA ARG A 42 -11.26 26.60 -12.10
C ARG A 42 -11.64 27.48 -10.90
N PRO A 43 -11.17 28.71 -10.86
CA PRO A 43 -11.49 29.64 -9.74
C PRO A 43 -12.95 30.10 -9.78
N GLY B 1 1.05 -25.17 23.54
CA GLY B 1 0.25 -24.82 22.34
C GLY B 1 1.03 -25.18 21.07
N GLU B 2 0.38 -25.90 20.16
CA GLU B 2 1.01 -26.30 18.92
C GLU B 2 0.34 -25.62 17.73
N SER B 3 1.14 -24.96 16.91
CA SER B 3 0.60 -24.26 15.74
C SER B 3 1.55 -24.42 14.55
N PRO B 4 1.93 -25.63 14.24
CA PRO B 4 2.85 -25.93 13.11
C PRO B 4 2.22 -25.55 11.77
N LYS B 5 0.90 -25.48 11.74
CA LYS B 5 0.19 -25.12 10.53
C LYS B 5 0.56 -23.70 10.10
N CYS B 6 0.66 -22.81 11.08
CA CYS B 6 1.02 -21.42 10.80
C CYS B 6 0.22 -20.86 9.62
N GLY B 7 -0.78 -20.04 9.93
CA GLY B 7 -1.61 -19.44 8.88
C GLY B 7 -2.13 -18.07 9.33
N PRO B 8 -2.91 -18.04 10.39
CA PRO B 8 -3.47 -16.76 10.93
C PRO B 8 -2.36 -15.74 11.24
N ASP B 9 -1.24 -16.26 11.72
CA ASP B 9 -0.09 -15.41 12.03
C ASP B 9 0.51 -14.86 10.75
N ILE B 10 0.62 -15.73 9.75
CA ILE B 10 1.11 -15.33 8.43
C ILE B 10 0.11 -14.36 7.82
N LEU B 11 -1.16 -14.68 7.97
CA LEU B 11 -2.23 -13.85 7.41
C LEU B 11 -2.19 -12.45 8.01
N VAL B 12 -1.93 -12.38 9.31
CA VAL B 12 -1.85 -11.09 9.99
C VAL B 12 -0.71 -10.26 9.41
N VAL B 13 0.43 -10.91 9.18
CA VAL B 13 1.59 -10.23 8.60
C VAL B 13 1.30 -9.77 7.18
N LEU B 14 0.67 -10.62 6.37
CA LEU B 14 0.37 -10.23 5.00
C LEU B 14 -0.56 -9.02 4.98
N LEU B 15 -1.58 -9.02 5.82
CA LEU B 15 -2.49 -7.88 5.87
C LEU B 15 -1.74 -6.64 6.33
N SER B 16 -0.92 -6.81 7.36
CA SER B 16 -0.15 -5.70 7.89
C SER B 16 0.81 -5.13 6.85
N VAL B 17 1.48 -6.02 6.13
CA VAL B 17 2.40 -5.61 5.08
C VAL B 17 1.66 -4.90 3.96
N MET B 18 0.54 -5.47 3.55
CA MET B 18 -0.24 -4.90 2.46
C MET B 18 -0.70 -3.49 2.85
N GLY B 19 -1.12 -3.32 4.10
CA GLY B 19 -1.56 -2.02 4.57
C GLY B 19 -0.41 -1.02 4.50
N ALA B 20 0.80 -1.47 4.90
CA ALA B 20 1.98 -0.61 4.89
C ALA B 20 2.17 -0.11 3.46
N ILE B 21 1.99 -1.01 2.49
CA ILE B 21 2.15 -0.60 1.08
C ILE B 21 1.11 0.48 0.72
N LEU B 22 -0.13 0.30 1.16
CA LEU B 22 -1.18 1.28 0.89
C LEU B 22 -0.88 2.62 1.54
N LEU B 23 -0.43 2.61 2.79
CA LEU B 23 -0.16 3.88 3.47
C LEU B 23 0.97 4.68 2.85
N ILE B 24 2.06 4.02 2.46
CA ILE B 24 3.17 4.74 1.84
C ILE B 24 2.79 5.23 0.45
N GLY B 25 2.06 4.42 -0.28
CA GLY B 25 1.64 4.80 -1.63
C GLY B 25 0.79 6.06 -1.60
N LEU B 26 -0.15 6.12 -0.66
CA LEU B 26 -1.00 7.30 -0.52
C LEU B 26 -0.14 8.49 -0.14
N ALA B 27 0.80 8.27 0.78
CA ALA B 27 1.69 9.33 1.23
C ALA B 27 2.49 9.89 0.06
N ALA B 28 3.08 9.00 -0.74
CA ALA B 28 3.88 9.43 -1.88
C ALA B 28 3.01 10.19 -2.88
N LEU B 29 1.79 9.68 -3.11
CA LEU B 29 0.89 10.32 -4.04
C LEU B 29 0.52 11.74 -3.59
N LEU B 30 0.25 11.88 -2.31
CA LEU B 30 -0.09 13.19 -1.74
C LEU B 30 1.09 14.16 -1.83
N ILE B 31 2.28 13.66 -1.55
CA ILE B 31 3.49 14.47 -1.60
C ILE B 31 3.71 14.98 -3.02
N TRP B 32 3.49 14.09 -3.99
CA TRP B 32 3.68 14.49 -5.39
C TRP B 32 2.74 15.67 -5.69
N LYS B 33 1.49 15.58 -5.25
CA LYS B 33 0.53 16.65 -5.50
C LYS B 33 0.96 17.97 -4.86
N LEU B 34 1.44 17.92 -3.63
CA LEU B 34 1.87 19.14 -2.97
C LEU B 34 3.00 19.80 -3.74
N LEU B 35 3.96 19.01 -4.20
CA LEU B 35 5.08 19.56 -4.97
C LEU B 35 4.58 20.19 -6.26
N ILE B 36 3.63 19.52 -6.92
CA ILE B 36 3.08 20.02 -8.18
C ILE B 36 2.36 21.35 -7.99
N THR B 37 1.57 21.45 -6.92
CA THR B 37 0.84 22.68 -6.61
C THR B 37 1.81 23.83 -6.38
N ILE B 38 2.87 23.54 -5.61
CA ILE B 38 3.87 24.57 -5.27
C ILE B 38 4.60 25.07 -6.51
N HIS B 39 4.98 24.17 -7.41
CA HIS B 39 5.67 24.59 -8.62
C HIS B 39 4.74 25.41 -9.51
N ASP B 40 3.47 25.03 -9.56
CA ASP B 40 2.50 25.74 -10.39
C ASP B 40 2.33 27.18 -9.91
N ARG B 41 2.31 27.36 -8.59
CA ARG B 41 2.17 28.70 -8.03
C ARG B 41 3.38 29.56 -8.40
N LYS B 42 4.56 28.97 -8.35
CA LYS B 42 5.78 29.70 -8.68
C LYS B 42 5.94 29.83 -10.19
N GLU B 43 6.44 30.97 -10.63
CA GLU B 43 6.64 31.22 -12.06
C GLU B 43 7.69 30.26 -12.62
N PHE B 44 7.41 29.72 -13.81
CA PHE B 44 8.34 28.79 -14.44
C PHE B 44 7.96 28.55 -15.90
N GLY A 1 10.06 -32.91 17.84
CA GLY A 1 9.23 -31.76 17.39
C GLY A 1 9.21 -31.71 15.88
N ALA A 2 8.35 -32.52 15.27
CA ALA A 2 8.25 -32.55 13.81
C ALA A 2 7.76 -31.20 13.27
N LEU A 3 6.84 -30.58 14.01
CA LEU A 3 6.30 -29.29 13.61
C LEU A 3 6.78 -28.19 14.55
N GLU A 4 7.29 -27.10 13.99
CA GLU A 4 7.77 -25.99 14.79
C GLU A 4 6.62 -25.32 15.54
N GLU A 5 6.87 -24.99 16.81
CA GLU A 5 5.85 -24.35 17.63
C GLU A 5 5.52 -22.96 17.09
N ARG A 6 6.54 -22.24 16.64
CA ARG A 6 6.35 -20.91 16.09
C ARG A 6 6.09 -20.98 14.59
N CYS A 7 5.23 -20.09 14.10
CA CYS A 7 4.91 -20.05 12.68
C CYS A 7 5.86 -19.14 11.93
N GLY A 8 6.37 -19.63 10.79
CA GLY A 8 7.28 -18.84 9.97
C GLY A 8 6.50 -18.18 8.83
N ILE A 9 7.18 -17.39 8.01
CA ILE A 9 6.53 -16.74 6.89
C ILE A 9 7.28 -16.98 5.58
N PRO A 10 6.79 -17.86 4.72
CA PRO A 10 7.45 -18.13 3.40
C PRO A 10 7.43 -16.90 2.51
N ILE A 11 8.48 -16.72 1.72
CA ILE A 11 8.57 -15.57 0.82
C ILE A 11 7.28 -15.44 0.01
N TRP A 12 6.51 -16.51 -0.17
CA TRP A 12 5.28 -16.41 -0.94
C TRP A 12 4.35 -15.35 -0.34
N VAL A 13 4.27 -15.33 0.99
CA VAL A 13 3.41 -14.37 1.69
C VAL A 13 3.91 -12.97 1.41
N VAL A 14 5.21 -12.78 1.42
CA VAL A 14 5.74 -11.47 1.12
C VAL A 14 5.44 -11.14 -0.33
N LEU A 15 5.63 -12.12 -1.22
CA LEU A 15 5.38 -11.92 -2.66
C LEU A 15 3.90 -11.69 -2.95
N VAL A 16 3.02 -12.46 -2.35
CA VAL A 16 1.61 -12.24 -2.63
C VAL A 16 1.16 -10.94 -1.95
N GLY A 17 1.71 -10.66 -0.77
CA GLY A 17 1.33 -9.47 -0.01
C GLY A 17 1.71 -8.19 -0.75
N VAL A 18 2.93 -8.13 -1.28
CA VAL A 18 3.37 -6.94 -2.00
C VAL A 18 2.54 -6.72 -3.25
N LEU A 19 2.20 -7.81 -3.93
CA LEU A 19 1.42 -7.72 -5.15
C LEU A 19 0.04 -7.13 -4.84
N GLY A 20 -0.55 -7.57 -3.73
CA GLY A 20 -1.86 -7.06 -3.34
C GLY A 20 -1.81 -5.55 -3.11
N GLY A 21 -0.74 -5.08 -2.47
CA GLY A 21 -0.60 -3.67 -2.21
C GLY A 21 -0.52 -2.89 -3.52
N LEU A 22 0.26 -3.39 -4.47
CA LEU A 22 0.40 -2.71 -5.77
C LEU A 22 -0.95 -2.68 -6.49
N LEU A 23 -1.68 -3.79 -6.49
CA LEU A 23 -2.97 -3.80 -7.18
C LEU A 23 -3.91 -2.80 -6.51
N LEU A 24 -3.93 -2.77 -5.18
CA LEU A 24 -4.79 -1.84 -4.47
C LEU A 24 -4.37 -0.41 -4.77
N LEU A 25 -3.07 -0.17 -4.79
CA LEU A 25 -2.52 1.16 -5.08
C LEU A 25 -2.92 1.57 -6.48
N THR A 26 -2.86 0.65 -7.44
CA THR A 26 -3.24 0.97 -8.81
C THR A 26 -4.73 1.36 -8.85
N ILE A 27 -5.57 0.64 -8.11
CA ILE A 27 -7.00 0.94 -8.09
C ILE A 27 -7.27 2.33 -7.52
N LEU A 28 -6.59 2.64 -6.42
CA LEU A 28 -6.80 3.93 -5.77
C LEU A 28 -6.46 5.08 -6.71
N VAL A 29 -5.33 4.97 -7.41
CA VAL A 29 -4.89 6.01 -8.32
C VAL A 29 -5.88 6.23 -9.47
N LEU A 30 -6.35 5.13 -10.06
CA LEU A 30 -7.28 5.24 -11.19
C LEU A 30 -8.59 5.91 -10.77
N ALA A 31 -9.11 5.57 -9.60
CA ALA A 31 -10.36 6.16 -9.14
C ALA A 31 -10.20 7.67 -8.94
N MET A 32 -9.07 8.07 -8.35
CA MET A 32 -8.81 9.49 -8.10
C MET A 32 -8.66 10.26 -9.42
N TRP A 33 -8.02 9.64 -10.39
CA TRP A 33 -7.80 10.27 -11.69
C TRP A 33 -9.11 10.43 -12.44
N LYS A 34 -9.89 9.35 -12.47
CA LYS A 34 -11.16 9.34 -13.17
C LYS A 34 -12.16 10.32 -12.56
N VAL A 35 -12.13 10.47 -11.23
CA VAL A 35 -13.09 11.36 -10.57
C VAL A 35 -12.68 12.82 -10.69
N GLY A 36 -11.51 13.11 -11.25
CA GLY A 36 -11.10 14.50 -11.43
C GLY A 36 -10.43 15.06 -10.20
N PHE A 37 -10.03 14.19 -9.29
CA PHE A 37 -9.36 14.62 -8.10
C PHE A 37 -8.10 15.37 -8.50
N PHE A 38 -7.41 14.82 -9.51
CA PHE A 38 -6.17 15.43 -9.98
C PHE A 38 -6.42 16.56 -10.97
N LYS A 39 -7.69 16.76 -11.33
CA LYS A 39 -8.07 17.85 -12.22
C LYS A 39 -8.16 19.15 -11.41
N ARG A 40 -8.05 20.31 -12.05
CA ARG A 40 -8.13 21.57 -11.31
C ARG A 40 -9.13 22.51 -11.98
N ASN A 41 -9.82 23.30 -11.15
CA ASN A 41 -10.80 24.24 -11.68
C ASN A 41 -10.14 25.28 -12.58
N ARG A 42 -8.96 25.75 -12.16
CA ARG A 42 -8.23 26.74 -12.94
C ARG A 42 -9.18 27.85 -13.42
N PRO A 43 -9.69 28.62 -12.51
CA PRO A 43 -10.63 29.73 -12.85
C PRO A 43 -10.12 30.60 -13.99
N GLY B 1 4.52 -20.88 23.93
CA GLY B 1 3.62 -20.17 22.98
C GLY B 1 3.37 -21.05 21.76
N GLU B 2 2.81 -22.24 22.00
CA GLU B 2 2.51 -23.16 20.92
C GLU B 2 1.46 -22.59 19.98
N SER B 3 1.68 -22.75 18.68
CA SER B 3 0.74 -22.25 17.69
C SER B 3 0.47 -23.30 16.61
N PRO B 4 -0.33 -24.28 16.92
CA PRO B 4 -0.67 -25.37 15.96
C PRO B 4 -1.38 -24.83 14.73
N LYS B 5 -1.13 -25.44 13.58
CA LYS B 5 -1.75 -25.00 12.34
C LYS B 5 -1.46 -23.52 12.11
N CYS B 6 -0.55 -23.24 11.16
CA CYS B 6 -0.18 -21.87 10.88
C CYS B 6 -1.07 -21.28 9.78
N GLY B 7 -1.41 -20.00 9.91
CA GLY B 7 -2.25 -19.33 8.93
C GLY B 7 -2.55 -17.90 9.36
N PRO B 8 -3.24 -17.73 10.46
CA PRO B 8 -3.57 -16.38 11.00
C PRO B 8 -2.34 -15.50 11.22
N ASP B 9 -1.25 -16.13 11.62
CA ASP B 9 0.01 -15.41 11.87
C ASP B 9 0.61 -14.85 10.58
N ILE B 10 0.67 -15.67 9.55
CA ILE B 10 1.18 -15.20 8.25
C ILE B 10 0.16 -14.24 7.63
N LEU B 11 -1.12 -14.56 7.77
CA LEU B 11 -2.18 -13.73 7.20
C LEU B 11 -2.17 -12.34 7.84
N VAL B 12 -1.95 -12.29 9.15
CA VAL B 12 -1.90 -11.01 9.84
C VAL B 12 -0.75 -10.16 9.33
N VAL B 13 0.41 -10.81 9.16
CA VAL B 13 1.59 -10.13 8.66
C VAL B 13 1.38 -9.65 7.22
N LEU B 14 0.80 -10.51 6.39
CA LEU B 14 0.55 -10.14 5.00
C LEU B 14 -0.39 -8.94 4.93
N LEU B 15 -1.45 -8.97 5.73
CA LEU B 15 -2.39 -7.85 5.74
C LEU B 15 -1.70 -6.58 6.24
N SER B 16 -0.90 -6.74 7.30
CA SER B 16 -0.19 -5.61 7.87
C SER B 16 0.78 -5.00 6.86
N VAL B 17 1.50 -5.85 6.14
CA VAL B 17 2.43 -5.39 5.12
C VAL B 17 1.69 -4.70 4.00
N MET B 18 0.59 -5.31 3.54
CA MET B 18 -0.18 -4.75 2.46
C MET B 18 -0.71 -3.37 2.85
N GLY B 19 -1.16 -3.23 4.09
CA GLY B 19 -1.67 -1.95 4.57
C GLY B 19 -0.56 -0.91 4.55
N ALA B 20 0.63 -1.32 4.97
CA ALA B 20 1.78 -0.42 5.02
C ALA B 20 2.06 0.10 3.62
N ILE B 21 1.93 -0.78 2.63
CA ILE B 21 2.17 -0.38 1.26
C ILE B 21 1.14 0.67 0.83
N LEU B 22 -0.11 0.45 1.19
CA LEU B 22 -1.17 1.38 0.84
C LEU B 22 -0.95 2.75 1.48
N LEU B 23 -0.55 2.75 2.75
CA LEU B 23 -0.34 4.02 3.48
C LEU B 23 0.83 4.83 2.90
N ILE B 24 1.90 4.18 2.55
CA ILE B 24 3.05 4.91 1.99
C ILE B 24 2.72 5.41 0.59
N GLY B 25 2.02 4.58 -0.17
CA GLY B 25 1.65 4.95 -1.53
C GLY B 25 0.79 6.21 -1.53
N LEU B 26 -0.18 6.26 -0.63
CA LEU B 26 -1.03 7.44 -0.51
C LEU B 26 -0.19 8.64 -0.12
N ALA B 27 0.73 8.42 0.82
CA ALA B 27 1.60 9.49 1.30
C ALA B 27 2.43 10.05 0.16
N ALA B 28 3.04 9.16 -0.63
CA ALA B 28 3.87 9.59 -1.74
C ALA B 28 3.03 10.32 -2.78
N LEU B 29 1.82 9.83 -3.02
CA LEU B 29 0.94 10.46 -3.99
C LEU B 29 0.57 11.88 -3.55
N LEU B 30 0.27 12.03 -2.27
CA LEU B 30 -0.08 13.34 -1.71
C LEU B 30 1.12 14.30 -1.78
N ILE B 31 2.29 13.79 -1.47
CA ILE B 31 3.50 14.61 -1.51
C ILE B 31 3.78 15.09 -2.92
N TRP B 32 3.64 14.21 -3.90
CA TRP B 32 3.88 14.59 -5.29
C TRP B 32 2.92 15.72 -5.67
N LYS B 33 1.65 15.57 -5.31
CA LYS B 33 0.66 16.59 -5.64
C LYS B 33 1.00 17.92 -4.98
N LEU B 34 1.44 17.87 -3.72
CA LEU B 34 1.79 19.10 -3.00
C LEU B 34 2.93 19.83 -3.70
N LEU B 35 3.93 19.07 -4.12
CA LEU B 35 5.07 19.66 -4.82
C LEU B 35 4.62 20.27 -6.15
N ILE B 36 3.74 19.59 -6.86
CA ILE B 36 3.26 20.10 -8.14
C ILE B 36 2.54 21.44 -7.97
N THR B 37 1.75 21.52 -6.92
CA THR B 37 1.01 22.75 -6.61
C THR B 37 1.97 23.91 -6.34
N ILE B 38 3.01 23.63 -5.58
CA ILE B 38 4.02 24.64 -5.25
C ILE B 38 4.77 25.14 -6.50
N HIS B 39 5.03 24.25 -7.44
CA HIS B 39 5.77 24.65 -8.65
C HIS B 39 4.86 25.47 -9.55
N ASP B 40 3.59 25.11 -9.54
CA ASP B 40 2.60 25.79 -10.35
C ASP B 40 2.44 27.24 -9.89
N ARG B 41 2.44 27.44 -8.58
CA ARG B 41 2.28 28.79 -8.03
C ARG B 41 3.46 29.67 -8.42
N LYS B 42 4.68 29.12 -8.33
CA LYS B 42 5.88 29.89 -8.66
C LYS B 42 6.79 29.13 -9.62
N GLU B 43 7.43 29.85 -10.53
CA GLU B 43 8.33 29.24 -11.50
C GLU B 43 9.75 29.74 -11.31
N PHE B 44 10.70 28.80 -11.18
CA PHE B 44 12.10 29.15 -10.97
C PHE B 44 13.01 28.18 -11.73
N GLY A 1 1.76 -25.52 25.97
CA GLY A 1 0.94 -24.93 24.88
C GLY A 1 1.64 -23.70 24.32
N ALA A 2 2.90 -23.52 24.68
CA ALA A 2 3.68 -22.39 24.20
C ALA A 2 3.92 -22.49 22.70
N LEU A 3 3.89 -21.35 22.02
CA LEU A 3 4.11 -21.33 20.57
C LEU A 3 5.51 -21.81 20.23
N GLU A 4 6.49 -21.38 21.01
CA GLU A 4 7.87 -21.78 20.78
C GLU A 4 8.20 -21.73 19.30
N GLU A 5 8.05 -22.87 18.61
CA GLU A 5 8.33 -22.93 17.19
C GLU A 5 7.33 -22.08 16.40
N ARG A 6 7.83 -21.36 15.40
CA ARG A 6 6.98 -20.51 14.58
C ARG A 6 7.21 -20.79 13.11
N CYS A 7 6.14 -20.72 12.32
CA CYS A 7 6.23 -20.97 10.89
C CYS A 7 6.95 -19.83 10.18
N GLY A 8 6.79 -18.62 10.71
CA GLY A 8 7.42 -17.45 10.10
C GLY A 8 6.61 -16.99 8.89
N ILE A 9 7.12 -16.00 8.17
CA ILE A 9 6.42 -15.49 7.01
C ILE A 9 7.10 -15.95 5.71
N PRO A 10 6.54 -16.90 4.98
CA PRO A 10 7.15 -17.38 3.70
C PRO A 10 7.24 -16.28 2.66
N ILE A 11 8.29 -16.33 1.85
CA ILE A 11 8.48 -15.32 0.80
C ILE A 11 7.24 -15.22 -0.08
N TRP A 12 6.56 -16.33 -0.36
CA TRP A 12 5.37 -16.26 -1.20
C TRP A 12 4.34 -15.31 -0.59
N VAL A 13 4.20 -15.41 0.72
CA VAL A 13 3.25 -14.57 1.46
C VAL A 13 3.68 -13.11 1.34
N VAL A 14 4.96 -12.84 1.50
CA VAL A 14 5.45 -11.48 1.36
C VAL A 14 5.26 -11.06 -0.10
N LEU A 15 5.58 -11.94 -1.02
CA LEU A 15 5.41 -11.64 -2.45
C LEU A 15 3.94 -11.43 -2.72
N VAL A 16 3.09 -12.26 -2.15
CA VAL A 16 1.65 -12.12 -2.33
C VAL A 16 1.23 -10.80 -1.72
N GLY A 17 1.76 -10.49 -0.55
CA GLY A 17 1.42 -9.24 0.14
C GLY A 17 1.81 -8.03 -0.71
N VAL A 18 2.99 -8.11 -1.31
CA VAL A 18 3.49 -7.02 -2.14
C VAL A 18 2.59 -6.81 -3.36
N LEU A 19 2.21 -7.90 -4.01
CA LEU A 19 1.35 -7.81 -5.18
C LEU A 19 0.00 -7.20 -4.84
N GLY A 20 -0.56 -7.61 -3.69
CA GLY A 20 -1.86 -7.09 -3.28
C GLY A 20 -1.80 -5.58 -3.04
N GLY A 21 -0.74 -5.13 -2.39
CA GLY A 21 -0.59 -3.70 -2.10
C GLY A 21 -0.49 -2.90 -3.41
N LEU A 22 0.34 -3.35 -4.34
CA LEU A 22 0.49 -2.64 -5.61
C LEU A 22 -0.82 -2.63 -6.38
N LEU A 23 -1.53 -3.76 -6.41
CA LEU A 23 -2.80 -3.79 -7.12
C LEU A 23 -3.79 -2.83 -6.48
N LEU A 24 -3.87 -2.84 -5.15
CA LEU A 24 -4.77 -1.94 -4.45
C LEU A 24 -4.37 -0.49 -4.68
N LEU A 25 -3.08 -0.20 -4.62
CA LEU A 25 -2.57 1.15 -4.86
C LEU A 25 -2.91 1.59 -6.28
N THR A 26 -2.75 0.71 -7.25
CA THR A 26 -3.06 1.09 -8.62
C THR A 26 -4.56 1.38 -8.76
N ILE A 27 -5.42 0.64 -8.08
CA ILE A 27 -6.87 0.90 -8.17
C ILE A 27 -7.18 2.30 -7.63
N LEU A 28 -6.53 2.62 -6.51
CA LEU A 28 -6.79 3.91 -5.86
C LEU A 28 -6.41 5.07 -6.78
N VAL A 29 -5.27 5.00 -7.44
CA VAL A 29 -4.81 6.07 -8.30
C VAL A 29 -5.75 6.28 -9.49
N LEU A 30 -6.19 5.19 -10.13
CA LEU A 30 -7.08 5.34 -11.29
C LEU A 30 -8.45 5.96 -10.93
N ALA A 31 -9.01 5.55 -9.79
CA ALA A 31 -10.31 6.08 -9.39
C ALA A 31 -10.24 7.58 -9.12
N MET A 32 -9.19 8.01 -8.44
CA MET A 32 -9.01 9.43 -8.14
C MET A 32 -8.81 10.24 -9.42
N TRP A 33 -8.03 9.70 -10.34
CA TRP A 33 -7.75 10.38 -11.60
C TRP A 33 -9.04 10.54 -12.39
N LYS A 34 -9.82 9.47 -12.44
CA LYS A 34 -11.08 9.51 -13.16
C LYS A 34 -12.03 10.51 -12.51
N VAL A 35 -11.94 10.61 -11.19
CA VAL A 35 -12.79 11.52 -10.40
C VAL A 35 -12.42 12.99 -10.58
N GLY A 36 -11.26 13.29 -11.14
CA GLY A 36 -10.91 14.69 -11.37
C GLY A 36 -10.26 15.33 -10.16
N PHE A 37 -9.86 14.53 -9.19
CA PHE A 37 -9.21 15.06 -8.01
C PHE A 37 -7.91 15.74 -8.42
N PHE A 38 -7.27 15.19 -9.46
CA PHE A 38 -6.00 15.75 -9.92
C PHE A 38 -6.21 16.89 -10.91
N LYS A 39 -7.47 17.10 -11.28
CA LYS A 39 -7.82 18.21 -12.18
C LYS A 39 -7.82 19.51 -11.39
N ARG A 40 -7.64 20.64 -12.06
CA ARG A 40 -7.62 21.92 -11.35
C ARG A 40 -9.04 22.40 -11.08
N ASN A 41 -9.23 23.01 -9.92
CA ASN A 41 -10.55 23.52 -9.53
C ASN A 41 -10.99 24.62 -10.50
N ARG A 42 -10.05 25.49 -10.88
CA ARG A 42 -10.36 26.58 -11.79
C ARG A 42 -9.91 26.22 -13.21
N PRO A 43 -10.41 26.93 -14.18
CA PRO A 43 -10.06 26.69 -15.61
C PRO A 43 -8.59 26.32 -15.79
N GLY B 1 -7.00 -24.22 5.10
CA GLY B 1 -5.67 -23.79 4.60
C GLY B 1 -4.58 -24.56 5.34
N GLU B 2 -3.38 -24.56 4.77
CA GLU B 2 -2.26 -25.26 5.39
C GLU B 2 -1.89 -24.63 6.72
N SER B 3 -1.61 -25.46 7.71
CA SER B 3 -1.24 -24.97 9.04
C SER B 3 -2.26 -23.93 9.52
N PRO B 4 -3.42 -24.37 9.90
CA PRO B 4 -4.51 -23.47 10.39
C PRO B 4 -4.04 -22.59 11.55
N LYS B 5 -3.22 -23.16 12.42
CA LYS B 5 -2.71 -22.42 13.58
C LYS B 5 -1.85 -21.24 13.13
N CYS B 6 -0.98 -21.48 12.16
CA CYS B 6 -0.08 -20.43 11.66
C CYS B 6 -0.78 -19.51 10.66
N GLY B 7 -1.77 -20.04 9.96
CA GLY B 7 -2.51 -19.25 8.96
C GLY B 7 -2.70 -17.81 9.43
N PRO B 8 -3.40 -17.61 10.52
CA PRO B 8 -3.67 -16.24 11.06
C PRO B 8 -2.41 -15.42 11.28
N ASP B 9 -1.33 -16.08 11.70
CA ASP B 9 -0.06 -15.38 11.95
C ASP B 9 0.53 -14.83 10.65
N ILE B 10 0.59 -15.67 9.61
CA ILE B 10 1.09 -15.24 8.31
C ILE B 10 0.10 -14.25 7.69
N LEU B 11 -1.19 -14.54 7.84
CA LEU B 11 -2.23 -13.66 7.28
C LEU B 11 -2.18 -12.28 7.92
N VAL B 12 -1.97 -12.22 9.23
CA VAL B 12 -1.90 -10.94 9.92
C VAL B 12 -0.73 -10.12 9.40
N VAL B 13 0.42 -10.77 9.24
CA VAL B 13 1.61 -10.09 8.73
C VAL B 13 1.39 -9.64 7.29
N LEU B 14 0.81 -10.51 6.47
CA LEU B 14 0.57 -10.15 5.08
C LEU B 14 -0.37 -8.94 5.00
N LEU B 15 -1.42 -8.95 5.80
CA LEU B 15 -2.36 -7.83 5.80
C LEU B 15 -1.66 -6.57 6.28
N SER B 16 -0.87 -6.73 7.34
CA SER B 16 -0.13 -5.60 7.89
C SER B 16 0.83 -5.03 6.86
N VAL B 17 1.52 -5.91 6.14
CA VAL B 17 2.44 -5.48 5.10
C VAL B 17 1.69 -4.79 3.98
N MET B 18 0.58 -5.40 3.56
CA MET B 18 -0.22 -4.84 2.47
C MET B 18 -0.72 -3.45 2.85
N GLY B 19 -1.15 -3.29 4.10
CA GLY B 19 -1.63 -2.00 4.57
C GLY B 19 -0.51 -0.98 4.53
N ALA B 20 0.68 -1.40 4.94
CA ALA B 20 1.83 -0.50 4.96
C ALA B 20 2.09 0.01 3.56
N ILE B 21 1.95 -0.87 2.58
CA ILE B 21 2.17 -0.48 1.20
C ILE B 21 1.15 0.57 0.77
N LEU B 22 -0.10 0.36 1.14
CA LEU B 22 -1.15 1.31 0.76
C LEU B 22 -0.92 2.68 1.40
N LEU B 23 -0.54 2.70 2.67
CA LEU B 23 -0.32 3.97 3.38
C LEU B 23 0.84 4.78 2.80
N ILE B 24 1.95 4.12 2.45
CA ILE B 24 3.08 4.85 1.87
C ILE B 24 2.76 5.34 0.47
N GLY B 25 2.09 4.48 -0.30
CA GLY B 25 1.73 4.85 -1.67
C GLY B 25 0.83 6.09 -1.66
N LEU B 26 -0.15 6.10 -0.76
CA LEU B 26 -1.05 7.23 -0.64
C LEU B 26 -0.25 8.47 -0.22
N ALA B 27 0.67 8.28 0.73
CA ALA B 27 1.51 9.37 1.20
C ALA B 27 2.32 9.94 0.04
N ALA B 28 2.91 9.05 -0.74
CA ALA B 28 3.71 9.48 -1.88
C ALA B 28 2.84 10.22 -2.89
N LEU B 29 1.62 9.74 -3.10
CA LEU B 29 0.73 10.39 -4.06
C LEU B 29 0.41 11.82 -3.62
N LEU B 30 0.12 12.00 -2.33
CA LEU B 30 -0.16 13.34 -1.81
C LEU B 30 1.08 14.23 -1.91
N ILE B 31 2.24 13.64 -1.61
CA ILE B 31 3.49 14.40 -1.66
C ILE B 31 3.76 14.89 -3.09
N TRP B 32 3.55 14.02 -4.06
CA TRP B 32 3.76 14.41 -5.45
C TRP B 32 2.84 15.57 -5.80
N LYS B 33 1.58 15.46 -5.41
CA LYS B 33 0.60 16.50 -5.71
C LYS B 33 1.00 17.82 -5.05
N LEU B 34 1.47 17.76 -3.82
CA LEU B 34 1.86 18.97 -3.11
C LEU B 34 3.01 19.68 -3.84
N LEU B 35 3.99 18.89 -4.30
CA LEU B 35 5.12 19.46 -5.03
C LEU B 35 4.64 20.11 -6.34
N ILE B 36 3.73 19.44 -7.04
CA ILE B 36 3.22 19.97 -8.29
C ILE B 36 2.42 21.28 -8.08
N THR B 37 1.61 21.30 -7.01
CA THR B 37 0.76 22.48 -6.75
C THR B 37 1.62 23.73 -6.43
N ILE B 38 2.63 23.54 -5.58
CA ILE B 38 3.49 24.66 -5.21
C ILE B 38 4.31 25.14 -6.40
N HIS B 39 4.68 24.22 -7.28
CA HIS B 39 5.45 24.57 -8.46
C HIS B 39 4.61 25.41 -9.40
N ASP B 40 3.32 25.08 -9.49
CA ASP B 40 2.41 25.82 -10.38
C ASP B 40 2.25 27.26 -9.92
N ARG B 41 2.21 27.47 -8.61
CA ARG B 41 2.06 28.83 -8.06
C ARG B 41 3.28 29.68 -8.42
N LYS B 42 4.45 29.07 -8.35
CA LYS B 42 5.69 29.77 -8.67
C LYS B 42 5.84 31.02 -7.80
N GLU B 43 6.13 30.81 -6.51
CA GLU B 43 6.30 31.93 -5.58
C GLU B 43 7.53 32.75 -5.96
N PHE B 44 8.59 32.07 -6.38
CA PHE B 44 9.82 32.75 -6.76
C PHE B 44 9.54 33.81 -7.83
N GLY A 1 13.74 -20.77 22.45
CA GLY A 1 14.63 -20.22 21.39
C GLY A 1 14.26 -20.83 20.05
N ALA A 2 14.11 -19.97 19.04
CA ALA A 2 13.75 -20.43 17.70
C ALA A 2 14.32 -19.50 16.64
N LEU A 3 14.59 -20.05 15.46
CA LEU A 3 15.14 -19.27 14.36
C LEU A 3 14.09 -19.05 13.27
N GLU A 4 13.95 -17.81 12.84
CA GLU A 4 12.98 -17.47 11.80
C GLU A 4 11.58 -17.95 12.20
N GLU A 5 11.32 -17.96 13.51
CA GLU A 5 10.02 -18.40 14.02
C GLU A 5 9.70 -19.82 13.53
N ARG A 6 8.84 -20.51 14.28
CA ARG A 6 8.44 -21.87 13.91
C ARG A 6 7.69 -21.88 12.59
N CYS A 7 6.82 -20.89 12.40
CA CYS A 7 6.03 -20.80 11.18
C CYS A 7 6.91 -20.44 9.98
N GLY A 8 7.87 -19.57 10.19
CA GLY A 8 8.77 -19.16 9.12
C GLY A 8 7.96 -18.75 7.89
N ILE A 9 7.20 -17.66 8.03
CA ILE A 9 6.37 -17.19 6.93
C ILE A 9 7.18 -17.14 5.62
N PRO A 10 6.75 -17.80 4.57
CA PRO A 10 7.48 -17.81 3.27
C PRO A 10 7.37 -16.50 2.50
N ILE A 11 8.43 -16.17 1.77
CA ILE A 11 8.46 -14.93 1.00
C ILE A 11 7.31 -14.87 0.00
N TRP A 12 6.75 -15.99 -0.41
CA TRP A 12 5.64 -15.96 -1.36
C TRP A 12 4.51 -15.11 -0.78
N VAL A 13 4.26 -15.29 0.52
CA VAL A 13 3.21 -14.55 1.21
C VAL A 13 3.55 -13.06 1.22
N VAL A 14 4.80 -12.73 1.50
CA VAL A 14 5.21 -11.33 1.46
C VAL A 14 5.07 -10.85 0.02
N LEU A 15 5.48 -11.69 -0.90
CA LEU A 15 5.37 -11.36 -2.33
C LEU A 15 3.91 -11.17 -2.66
N VAL A 16 3.06 -12.07 -2.16
CA VAL A 16 1.63 -11.95 -2.41
C VAL A 16 1.12 -10.68 -1.77
N GLY A 17 1.57 -10.41 -0.54
CA GLY A 17 1.14 -9.20 0.17
C GLY A 17 1.54 -7.95 -0.59
N VAL A 18 2.75 -7.96 -1.13
CA VAL A 18 3.26 -6.82 -1.89
C VAL A 18 2.42 -6.61 -3.14
N LEU A 19 2.12 -7.70 -3.84
CA LEU A 19 1.33 -7.61 -5.07
C LEU A 19 -0.06 -7.04 -4.77
N GLY A 20 -0.65 -7.49 -3.68
CA GLY A 20 -1.98 -7.00 -3.32
C GLY A 20 -1.94 -5.49 -3.09
N GLY A 21 -0.88 -5.02 -2.43
CA GLY A 21 -0.74 -3.59 -2.15
C GLY A 21 -0.64 -2.81 -3.46
N LEU A 22 0.17 -3.29 -4.40
CA LEU A 22 0.30 -2.60 -5.68
C LEU A 22 -1.04 -2.58 -6.40
N LEU A 23 -1.77 -3.69 -6.37
CA LEU A 23 -3.07 -3.72 -7.03
C LEU A 23 -3.99 -2.68 -6.38
N LEU A 24 -3.99 -2.62 -5.06
CA LEU A 24 -4.81 -1.64 -4.35
C LEU A 24 -4.37 -0.23 -4.73
N LEU A 25 -3.06 -0.02 -4.81
CA LEU A 25 -2.52 1.28 -5.17
C LEU A 25 -2.94 1.65 -6.59
N THR A 26 -2.93 0.70 -7.52
CA THR A 26 -3.35 0.98 -8.89
C THR A 26 -4.82 1.38 -8.92
N ILE A 27 -5.66 0.69 -8.15
CA ILE A 27 -7.09 1.00 -8.13
C ILE A 27 -7.33 2.40 -7.60
N LEU A 28 -6.62 2.75 -6.52
CA LEU A 28 -6.82 4.05 -5.91
C LEU A 28 -6.47 5.16 -6.90
N VAL A 29 -5.37 5.01 -7.63
CA VAL A 29 -4.94 6.01 -8.59
C VAL A 29 -5.97 6.21 -9.71
N LEU A 30 -6.47 5.11 -10.26
CA LEU A 30 -7.43 5.21 -11.36
C LEU A 30 -8.73 5.89 -10.94
N ALA A 31 -9.24 5.55 -9.76
CA ALA A 31 -10.48 6.13 -9.28
C ALA A 31 -10.35 7.64 -9.05
N MET A 32 -9.27 8.05 -8.42
CA MET A 32 -9.04 9.48 -8.15
C MET A 32 -8.85 10.25 -9.45
N TRP A 33 -8.11 9.67 -10.40
CA TRP A 33 -7.88 10.32 -11.69
C TRP A 33 -9.19 10.49 -12.42
N LYS A 34 -10.00 9.44 -12.43
CA LYS A 34 -11.29 9.50 -13.10
C LYS A 34 -12.16 10.55 -12.45
N VAL A 35 -12.02 10.69 -11.13
CA VAL A 35 -12.79 11.64 -10.34
C VAL A 35 -12.38 13.09 -10.62
N GLY A 36 -11.25 13.34 -11.26
CA GLY A 36 -10.86 14.70 -11.56
C GLY A 36 -10.10 15.33 -10.41
N PHE A 37 -9.67 14.49 -9.48
CA PHE A 37 -8.90 14.96 -8.35
C PHE A 37 -7.64 15.62 -8.84
N PHE A 38 -7.02 14.99 -9.83
CA PHE A 38 -5.76 15.50 -10.38
C PHE A 38 -5.99 16.59 -11.42
N LYS A 39 -7.26 16.83 -11.75
CA LYS A 39 -7.61 17.88 -12.69
C LYS A 39 -7.50 19.23 -11.98
N ARG A 40 -7.36 20.32 -12.73
CA ARG A 40 -7.23 21.64 -12.11
C ARG A 40 -8.43 22.52 -12.49
N ASN A 41 -9.04 23.14 -11.49
CA ASN A 41 -10.20 24.00 -11.72
C ASN A 41 -9.80 25.18 -12.59
N ARG A 42 -8.63 25.76 -12.32
CA ARG A 42 -8.15 26.89 -13.09
C ARG A 42 -7.76 26.46 -14.49
N PRO A 43 -7.75 27.37 -15.45
CA PRO A 43 -7.38 27.05 -16.86
C PRO A 43 -5.89 26.74 -16.99
N GLY B 1 -7.79 -30.50 13.10
CA GLY B 1 -7.50 -31.15 11.80
C GLY B 1 -6.66 -30.21 10.93
N GLU B 2 -7.27 -29.11 10.50
CA GLU B 2 -6.59 -28.14 9.66
C GLU B 2 -5.46 -27.47 10.45
N SER B 3 -5.72 -27.18 11.73
CA SER B 3 -4.73 -26.54 12.58
C SER B 3 -4.15 -25.31 11.89
N PRO B 4 -4.91 -24.25 11.81
CA PRO B 4 -4.47 -22.99 11.17
C PRO B 4 -3.15 -22.49 11.75
N LYS B 5 -3.01 -22.65 13.07
CA LYS B 5 -1.79 -22.21 13.78
C LYS B 5 -1.12 -21.00 13.11
N CYS B 6 -0.31 -21.26 12.10
CA CYS B 6 0.40 -20.19 11.40
C CYS B 6 -0.54 -19.32 10.57
N GLY B 7 -1.58 -19.94 10.01
CA GLY B 7 -2.52 -19.21 9.17
C GLY B 7 -2.77 -17.79 9.71
N PRO B 8 -3.42 -17.66 10.84
CA PRO B 8 -3.70 -16.31 11.44
C PRO B 8 -2.44 -15.47 11.60
N ASP B 9 -1.34 -16.14 11.97
CA ASP B 9 -0.06 -15.46 12.15
C ASP B 9 0.47 -14.97 10.81
N ILE B 10 0.37 -15.82 9.80
CA ILE B 10 0.78 -15.45 8.46
C ILE B 10 -0.14 -14.35 7.94
N LEU B 11 -1.43 -14.53 8.20
CA LEU B 11 -2.44 -13.57 7.75
C LEU B 11 -2.17 -12.17 8.33
N VAL B 12 -1.80 -12.12 9.60
CA VAL B 12 -1.48 -10.86 10.26
C VAL B 12 -0.30 -10.18 9.56
N VAL B 13 0.71 -10.98 9.23
CA VAL B 13 1.91 -10.44 8.56
C VAL B 13 1.60 -9.99 7.14
N LEU B 14 0.86 -10.79 6.41
CA LEU B 14 0.53 -10.44 5.03
C LEU B 14 -0.29 -9.16 5.03
N LEU B 15 -1.25 -9.05 5.95
CA LEU B 15 -2.06 -7.85 6.02
C LEU B 15 -1.21 -6.65 6.41
N SER B 16 -0.32 -6.86 7.37
CA SER B 16 0.56 -5.79 7.82
C SER B 16 1.44 -5.29 6.68
N VAL B 17 2.00 -6.23 5.91
CA VAL B 17 2.84 -5.86 4.79
C VAL B 17 2.03 -5.14 3.73
N MET B 18 0.85 -5.68 3.41
CA MET B 18 0.02 -5.06 2.38
C MET B 18 -0.37 -3.66 2.84
N GLY B 19 -0.68 -3.51 4.13
CA GLY B 19 -1.06 -2.21 4.66
C GLY B 19 0.09 -1.22 4.50
N ALA B 20 1.31 -1.68 4.77
CA ALA B 20 2.47 -0.82 4.67
C ALA B 20 2.58 -0.25 3.26
N ILE B 21 2.40 -1.11 2.27
CA ILE B 21 2.48 -0.64 0.88
C ILE B 21 1.35 0.36 0.60
N LEU B 22 0.14 0.03 1.06
CA LEU B 22 -1.01 0.89 0.84
C LEU B 22 -0.84 2.26 1.51
N LEU B 23 -0.35 2.25 2.75
CA LEU B 23 -0.17 3.49 3.51
C LEU B 23 0.85 4.44 2.88
N ILE B 24 1.96 3.91 2.39
CA ILE B 24 2.98 4.76 1.77
C ILE B 24 2.47 5.32 0.45
N GLY B 25 1.75 4.50 -0.31
CA GLY B 25 1.24 4.94 -1.59
C GLY B 25 0.36 6.17 -1.43
N LEU B 26 -0.51 6.15 -0.43
CA LEU B 26 -1.37 7.30 -0.16
C LEU B 26 -0.52 8.51 0.21
N ALA B 27 0.49 8.28 1.03
CA ALA B 27 1.38 9.37 1.43
C ALA B 27 2.08 9.93 0.20
N ALA B 28 2.50 9.03 -0.67
CA ALA B 28 3.20 9.43 -1.89
C ALA B 28 2.29 10.29 -2.76
N LEU B 29 1.01 9.92 -2.84
CA LEU B 29 0.07 10.69 -3.64
C LEU B 29 -0.08 12.12 -3.11
N LEU B 30 -0.19 12.26 -1.80
CA LEU B 30 -0.31 13.59 -1.20
C LEU B 30 0.96 14.40 -1.43
N ILE B 31 2.12 13.75 -1.28
CA ILE B 31 3.39 14.42 -1.48
C ILE B 31 3.54 14.91 -2.91
N TRP B 32 3.16 14.06 -3.86
CA TRP B 32 3.24 14.45 -5.27
C TRP B 32 2.40 15.69 -5.51
N LYS B 33 1.19 15.71 -4.96
CA LYS B 33 0.29 16.84 -5.15
C LYS B 33 0.90 18.12 -4.57
N LEU B 34 1.53 18.02 -3.40
CA LEU B 34 2.13 19.19 -2.78
C LEU B 34 3.22 19.78 -3.67
N LEU B 35 4.05 18.92 -4.24
CA LEU B 35 5.11 19.39 -5.12
C LEU B 35 4.52 20.06 -6.37
N ILE B 36 3.48 19.47 -6.92
CA ILE B 36 2.83 20.01 -8.11
C ILE B 36 2.23 21.39 -7.84
N THR B 37 1.57 21.53 -6.69
CA THR B 37 0.96 22.79 -6.32
C THR B 37 2.02 23.88 -6.18
N ILE B 38 3.13 23.53 -5.53
CA ILE B 38 4.22 24.48 -5.30
C ILE B 38 4.84 24.93 -6.63
N HIS B 39 5.04 24.00 -7.56
CA HIS B 39 5.59 24.36 -8.87
C HIS B 39 4.62 25.27 -9.64
N ASP B 40 3.33 24.99 -9.51
CA ASP B 40 2.31 25.78 -10.20
C ASP B 40 2.36 27.23 -9.74
N ARG B 41 2.55 27.43 -8.43
CA ARG B 41 2.61 28.78 -7.88
C ARG B 41 3.82 29.53 -8.43
N LYS B 42 4.94 28.82 -8.56
CA LYS B 42 6.15 29.42 -9.09
C LYS B 42 6.56 30.64 -8.25
N GLU B 43 6.64 30.45 -6.95
CA GLU B 43 7.02 31.54 -6.05
C GLU B 43 8.46 31.97 -6.31
N PHE B 44 9.33 31.00 -6.58
CA PHE B 44 10.73 31.29 -6.86
C PHE B 44 10.88 31.93 -8.22
N GLY A 1 4.58 -30.14 17.26
CA GLY A 1 5.41 -28.98 16.82
C GLY A 1 6.64 -28.86 17.72
N ALA A 2 7.39 -29.95 17.84
CA ALA A 2 8.58 -29.96 18.67
C ALA A 2 9.63 -28.99 18.13
N LEU A 3 9.72 -28.91 16.81
CA LEU A 3 10.69 -28.02 16.16
C LEU A 3 9.97 -26.84 15.51
N GLU A 4 10.51 -25.65 15.74
CA GLU A 4 9.93 -24.43 15.18
C GLU A 4 8.48 -24.26 15.63
N GLU A 5 8.29 -23.98 16.91
CA GLU A 5 6.95 -23.80 17.45
C GLU A 5 6.30 -22.54 16.85
N ARG A 6 7.11 -21.50 16.68
CA ARG A 6 6.62 -20.25 16.12
C ARG A 6 6.39 -20.39 14.62
N CYS A 7 5.39 -19.68 14.11
CA CYS A 7 5.07 -19.74 12.69
C CYS A 7 5.86 -18.68 11.92
N GLY A 8 6.49 -19.11 10.83
CA GLY A 8 7.28 -18.19 10.01
C GLY A 8 6.45 -17.67 8.84
N ILE A 9 7.04 -16.79 8.03
CA ILE A 9 6.34 -16.23 6.90
C ILE A 9 7.16 -16.38 5.61
N PRO A 10 6.80 -17.29 4.73
CA PRO A 10 7.55 -17.47 3.44
C PRO A 10 7.50 -16.22 2.59
N ILE A 11 8.57 -15.93 1.87
CA ILE A 11 8.64 -14.75 1.03
C ILE A 11 7.43 -14.66 0.11
N TRP A 12 6.77 -15.78 -0.18
CA TRP A 12 5.60 -15.73 -1.06
C TRP A 12 4.53 -14.81 -0.49
N VAL A 13 4.28 -14.92 0.81
CA VAL A 13 3.26 -14.08 1.45
C VAL A 13 3.68 -12.62 1.37
N VAL A 14 4.95 -12.34 1.59
CA VAL A 14 5.43 -10.98 1.48
C VAL A 14 5.29 -10.55 0.03
N LEU A 15 5.65 -11.44 -0.89
CA LEU A 15 5.55 -11.16 -2.31
C LEU A 15 4.08 -10.97 -2.67
N VAL A 16 3.23 -11.84 -2.17
CA VAL A 16 1.80 -11.72 -2.43
C VAL A 16 1.29 -10.44 -1.81
N GLY A 17 1.73 -10.17 -0.58
CA GLY A 17 1.30 -8.97 0.12
C GLY A 17 1.70 -7.71 -0.65
N VAL A 18 2.92 -7.72 -1.16
CA VAL A 18 3.43 -6.60 -1.93
C VAL A 18 2.61 -6.39 -3.20
N LEU A 19 2.32 -7.49 -3.89
CA LEU A 19 1.55 -7.42 -5.12
C LEU A 19 0.15 -6.88 -4.87
N GLY A 20 -0.48 -7.34 -3.79
CA GLY A 20 -1.83 -6.90 -3.46
C GLY A 20 -1.86 -5.39 -3.16
N GLY A 21 -0.88 -4.92 -2.41
CA GLY A 21 -0.81 -3.51 -2.07
C GLY A 21 -0.64 -2.66 -3.32
N LEU A 22 0.28 -3.05 -4.20
CA LEU A 22 0.51 -2.30 -5.43
C LEU A 22 -0.74 -2.32 -6.30
N LEU A 23 -1.39 -3.48 -6.43
CA LEU A 23 -2.59 -3.54 -7.26
C LEU A 23 -3.68 -2.64 -6.67
N LEU A 24 -3.87 -2.70 -5.36
CA LEU A 24 -4.88 -1.87 -4.72
C LEU A 24 -4.53 -0.38 -4.85
N LEU A 25 -3.26 -0.07 -4.71
CA LEU A 25 -2.79 1.32 -4.83
C LEU A 25 -3.06 1.79 -6.25
N THR A 26 -2.88 0.91 -7.23
CA THR A 26 -3.14 1.29 -8.62
C THR A 26 -4.62 1.61 -8.78
N ILE A 27 -5.49 0.83 -8.16
CA ILE A 27 -6.93 1.07 -8.26
C ILE A 27 -7.30 2.42 -7.67
N LEU A 28 -6.73 2.73 -6.49
CA LEU A 28 -7.07 3.99 -5.83
C LEU A 28 -6.68 5.18 -6.71
N VAL A 29 -5.49 5.14 -7.30
CA VAL A 29 -5.01 6.24 -8.13
C VAL A 29 -5.89 6.45 -9.35
N LEU A 30 -6.26 5.37 -10.02
CA LEU A 30 -7.09 5.48 -11.22
C LEU A 30 -8.46 6.09 -10.91
N ALA A 31 -9.08 5.66 -9.81
CA ALA A 31 -10.40 6.18 -9.46
C ALA A 31 -10.33 7.67 -9.17
N MET A 32 -9.31 8.10 -8.43
CA MET A 32 -9.15 9.52 -8.11
C MET A 32 -8.90 10.35 -9.38
N TRP A 33 -8.06 9.82 -10.29
CA TRP A 33 -7.75 10.54 -11.54
C TRP A 33 -9.01 10.69 -12.40
N LYS A 34 -9.79 9.61 -12.45
CA LYS A 34 -11.01 9.62 -13.23
C LYS A 34 -11.99 10.59 -12.62
N VAL A 35 -11.94 10.71 -11.28
CA VAL A 35 -12.85 11.57 -10.54
C VAL A 35 -12.49 13.05 -10.68
N GLY A 36 -11.32 13.39 -11.22
CA GLY A 36 -10.98 14.79 -11.40
C GLY A 36 -10.36 15.43 -10.17
N PHE A 37 -9.99 14.62 -9.19
CA PHE A 37 -9.36 15.15 -7.99
C PHE A 37 -8.03 15.81 -8.36
N PHE A 38 -7.37 15.24 -9.36
CA PHE A 38 -6.08 15.76 -9.79
C PHE A 38 -6.26 16.91 -10.79
N LYS A 39 -7.51 17.09 -11.22
CA LYS A 39 -7.85 18.16 -12.14
C LYS A 39 -8.01 19.45 -11.33
N ARG A 40 -7.88 20.62 -11.96
CA ARG A 40 -8.02 21.88 -11.24
C ARG A 40 -9.04 22.78 -11.93
N ASN A 41 -9.91 23.39 -11.15
CA ASN A 41 -10.94 24.28 -11.71
C ASN A 41 -10.52 25.74 -11.55
N ARG A 42 -10.82 26.54 -12.58
CA ARG A 42 -10.47 27.95 -12.54
C ARG A 42 -11.63 28.79 -11.99
N PRO A 43 -12.83 28.51 -12.42
CA PRO A 43 -14.05 29.25 -11.95
C PRO A 43 -14.23 29.14 -10.44
N GLY B 1 -4.76 -32.86 9.19
CA GLY B 1 -3.41 -32.92 9.82
C GLY B 1 -2.88 -31.51 10.03
N GLU B 2 -1.94 -31.11 9.18
CA GLU B 2 -1.35 -29.78 9.29
C GLU B 2 -0.73 -29.60 10.67
N SER B 3 0.34 -30.32 10.92
CA SER B 3 1.02 -30.25 12.22
C SER B 3 1.44 -28.81 12.53
N PRO B 4 2.03 -28.11 11.59
CA PRO B 4 2.48 -26.71 11.80
C PRO B 4 1.35 -25.82 12.29
N LYS B 5 0.14 -26.07 11.80
CA LYS B 5 -1.01 -25.28 12.19
C LYS B 5 -0.71 -23.79 12.02
N CYS B 6 0.09 -23.47 11.02
CA CYS B 6 0.45 -22.08 10.75
C CYS B 6 -0.38 -21.52 9.58
N GLY B 7 -0.81 -20.27 9.72
CA GLY B 7 -1.60 -19.63 8.67
C GLY B 7 -2.12 -18.27 9.14
N PRO B 8 -2.93 -18.25 10.16
CA PRO B 8 -3.50 -17.00 10.72
C PRO B 8 -2.40 -15.98 11.09
N ASP B 9 -1.29 -16.52 11.60
CA ASP B 9 -0.18 -15.66 11.98
C ASP B 9 0.42 -15.05 10.71
N ILE B 10 0.54 -15.90 9.67
CA ILE B 10 1.05 -15.48 8.37
C ILE B 10 0.09 -14.48 7.76
N LEU B 11 -1.20 -14.76 7.92
CA LEU B 11 -2.26 -13.91 7.37
C LEU B 11 -2.22 -12.52 8.01
N VAL B 12 -1.94 -12.48 9.32
CA VAL B 12 -1.86 -11.19 10.01
C VAL B 12 -0.69 -10.38 9.48
N VAL B 13 0.44 -11.05 9.30
CA VAL B 13 1.64 -10.41 8.79
C VAL B 13 1.45 -9.95 7.34
N LEU B 14 0.85 -10.81 6.51
CA LEU B 14 0.64 -10.44 5.11
C LEU B 14 -0.30 -9.23 5.02
N LEU B 15 -1.35 -9.23 5.81
CA LEU B 15 -2.28 -8.10 5.82
C LEU B 15 -1.56 -6.84 6.30
N SER B 16 -0.77 -6.98 7.35
CA SER B 16 -0.04 -5.84 7.91
C SER B 16 0.91 -5.24 6.87
N VAL B 17 1.61 -6.12 6.16
CA VAL B 17 2.53 -5.67 5.12
C VAL B 17 1.76 -4.98 4.01
N MET B 18 0.65 -5.59 3.58
CA MET B 18 -0.14 -5.03 2.50
C MET B 18 -0.65 -3.65 2.90
N GLY B 19 -1.07 -3.50 4.15
CA GLY B 19 -1.56 -2.21 4.62
C GLY B 19 -0.45 -1.18 4.57
N ALA B 20 0.76 -1.60 4.96
CA ALA B 20 1.90 -0.70 4.94
C ALA B 20 2.16 -0.20 3.53
N ILE B 21 1.99 -1.09 2.56
CA ILE B 21 2.20 -0.70 1.17
C ILE B 21 1.16 0.35 0.77
N LEU B 22 -0.08 0.13 1.18
CA LEU B 22 -1.15 1.06 0.84
C LEU B 22 -0.93 2.43 1.46
N LEU B 23 -0.50 2.44 2.72
CA LEU B 23 -0.27 3.70 3.44
C LEU B 23 0.84 4.55 2.81
N ILE B 24 1.94 3.92 2.41
CA ILE B 24 3.03 4.67 1.80
C ILE B 24 2.63 5.15 0.41
N GLY B 25 1.93 4.31 -0.35
CA GLY B 25 1.51 4.69 -1.68
C GLY B 25 0.65 5.94 -1.66
N LEU B 26 -0.30 5.98 -0.72
CA LEU B 26 -1.16 7.14 -0.57
C LEU B 26 -0.32 8.35 -0.19
N ALA B 27 0.64 8.14 0.72
CA ALA B 27 1.52 9.20 1.18
C ALA B 27 2.33 9.75 0.01
N ALA B 28 2.90 8.84 -0.78
CA ALA B 28 3.71 9.25 -1.93
C ALA B 28 2.86 10.01 -2.93
N LEU B 29 1.63 9.55 -3.14
CA LEU B 29 0.74 10.22 -4.08
C LEU B 29 0.43 11.64 -3.62
N LEU B 30 0.18 11.81 -2.32
CA LEU B 30 -0.11 13.12 -1.75
C LEU B 30 1.11 14.04 -1.87
N ILE B 31 2.28 13.48 -1.60
CA ILE B 31 3.52 14.26 -1.67
C ILE B 31 3.77 14.73 -3.10
N TRP B 32 3.56 13.85 -4.07
CA TRP B 32 3.76 14.21 -5.47
C TRP B 32 2.82 15.37 -5.81
N LYS B 33 1.56 15.25 -5.40
CA LYS B 33 0.57 16.29 -5.69
C LYS B 33 0.96 17.61 -5.03
N LEU B 34 1.44 17.54 -3.79
CA LEU B 34 1.82 18.75 -3.09
C LEU B 34 2.95 19.48 -3.83
N LEU B 35 3.94 18.70 -4.28
CA LEU B 35 5.05 19.29 -5.02
C LEU B 35 4.57 19.92 -6.32
N ILE B 36 3.66 19.23 -7.01
CA ILE B 36 3.13 19.72 -8.27
C ILE B 36 2.38 21.04 -8.10
N THR B 37 1.57 21.11 -7.05
CA THR B 37 0.82 22.32 -6.76
C THR B 37 1.76 23.49 -6.49
N ILE B 38 2.80 23.23 -5.69
CA ILE B 38 3.77 24.26 -5.32
C ILE B 38 4.53 24.79 -6.55
N HIS B 39 4.95 23.90 -7.43
CA HIS B 39 5.67 24.32 -8.63
C HIS B 39 4.77 25.12 -9.55
N ASP B 40 3.51 24.71 -9.66
CA ASP B 40 2.54 25.41 -10.51
C ASP B 40 2.33 26.84 -10.02
N ARG B 41 2.24 27.02 -8.71
CA ARG B 41 2.04 28.36 -8.16
C ARG B 41 3.24 29.25 -8.47
N LYS B 42 4.44 28.68 -8.36
CA LYS B 42 5.65 29.44 -8.64
C LYS B 42 5.73 29.80 -10.12
N GLU B 43 6.06 31.07 -10.40
CA GLU B 43 6.17 31.54 -11.77
C GLU B 43 7.32 30.82 -12.48
N PHE B 44 7.09 30.44 -13.74
CA PHE B 44 8.10 29.75 -14.53
C PHE B 44 9.25 30.70 -14.86
N GLY A 1 13.25 -30.24 5.09
CA GLY A 1 13.86 -28.89 5.20
C GLY A 1 13.29 -28.17 6.42
N ALA A 2 12.00 -27.86 6.37
CA ALA A 2 11.35 -27.17 7.48
C ALA A 2 9.98 -27.77 7.74
N LEU A 3 9.58 -27.77 9.01
CA LEU A 3 8.28 -28.33 9.39
C LEU A 3 7.28 -27.21 9.68
N GLU A 4 6.10 -27.31 9.09
CA GLU A 4 5.07 -26.30 9.28
C GLU A 4 5.58 -24.91 8.92
N GLU A 5 6.56 -24.86 8.02
CA GLU A 5 7.12 -23.59 7.60
C GLU A 5 7.59 -22.79 8.81
N ARG A 6 8.05 -23.50 9.84
CA ARG A 6 8.53 -22.84 11.05
C ARG A 6 7.61 -21.69 11.44
N CYS A 7 6.33 -21.81 11.09
CA CYS A 7 5.35 -20.78 11.41
C CYS A 7 5.90 -19.39 11.13
N GLY A 8 6.92 -19.33 10.29
CA GLY A 8 7.53 -18.05 9.93
C GLY A 8 6.73 -17.37 8.82
N ILE A 9 7.28 -16.32 8.23
CA ILE A 9 6.58 -15.61 7.16
C ILE A 9 7.20 -15.96 5.79
N PRO A 10 6.55 -16.77 4.98
CA PRO A 10 7.09 -17.13 3.64
C PRO A 10 7.21 -15.94 2.69
N ILE A 11 8.25 -15.97 1.87
CA ILE A 11 8.50 -14.90 0.92
C ILE A 11 7.34 -14.80 -0.07
N TRP A 12 6.83 -15.92 -0.57
CA TRP A 12 5.72 -15.87 -1.52
C TRP A 12 4.57 -15.05 -0.92
N VAL A 13 4.30 -15.28 0.35
CA VAL A 13 3.23 -14.58 1.06
C VAL A 13 3.55 -13.09 1.12
N VAL A 14 4.79 -12.75 1.43
CA VAL A 14 5.20 -11.36 1.45
C VAL A 14 5.08 -10.82 0.03
N LEU A 15 5.53 -11.64 -0.92
CA LEU A 15 5.46 -11.25 -2.32
C LEU A 15 4.00 -11.08 -2.69
N VAL A 16 3.14 -11.97 -2.23
CA VAL A 16 1.73 -11.86 -2.51
C VAL A 16 1.20 -10.59 -1.85
N GLY A 17 1.62 -10.35 -0.62
CA GLY A 17 1.17 -9.17 0.11
C GLY A 17 1.57 -7.90 -0.62
N VAL A 18 2.79 -7.89 -1.14
CA VAL A 18 3.30 -6.73 -1.88
C VAL A 18 2.48 -6.50 -3.14
N LEU A 19 2.18 -7.58 -3.86
CA LEU A 19 1.42 -7.49 -5.09
C LEU A 19 0.02 -6.93 -4.81
N GLY A 20 -0.59 -7.41 -3.74
CA GLY A 20 -1.93 -6.94 -3.39
C GLY A 20 -1.92 -5.44 -3.10
N GLY A 21 -0.89 -4.99 -2.40
CA GLY A 21 -0.80 -3.56 -2.08
C GLY A 21 -0.65 -2.73 -3.36
N LEU A 22 0.18 -3.18 -4.29
CA LEU A 22 0.36 -2.46 -5.54
C LEU A 22 -0.93 -2.43 -6.33
N LEU A 23 -1.67 -3.53 -6.32
CA LEU A 23 -2.93 -3.56 -7.06
C LEU A 23 -3.88 -2.54 -6.42
N LEU A 24 -3.92 -2.52 -5.10
CA LEU A 24 -4.78 -1.56 -4.40
C LEU A 24 -4.35 -0.13 -4.71
N LEU A 25 -3.03 0.08 -4.74
CA LEU A 25 -2.46 1.40 -5.03
C LEU A 25 -2.84 1.82 -6.46
N THR A 26 -2.79 0.90 -7.41
CA THR A 26 -3.15 1.23 -8.80
C THR A 26 -4.63 1.61 -8.87
N ILE A 27 -5.49 0.88 -8.18
CA ILE A 27 -6.94 1.16 -8.20
C ILE A 27 -7.24 2.53 -7.64
N LEU A 28 -6.58 2.84 -6.53
CA LEU A 28 -6.81 4.12 -5.86
C LEU A 28 -6.44 5.28 -6.76
N VAL A 29 -5.30 5.17 -7.45
CA VAL A 29 -4.84 6.25 -8.31
C VAL A 29 -5.80 6.44 -9.49
N LEU A 30 -6.22 5.36 -10.13
CA LEU A 30 -7.13 5.49 -11.27
C LEU A 30 -8.45 6.15 -10.88
N ALA A 31 -9.02 5.74 -9.75
CA ALA A 31 -10.29 6.32 -9.33
C ALA A 31 -10.18 7.82 -9.06
N MET A 32 -9.12 8.22 -8.37
CA MET A 32 -8.92 9.65 -8.07
C MET A 32 -8.70 10.45 -9.36
N TRP A 33 -7.95 9.88 -10.29
CA TRP A 33 -7.68 10.56 -11.56
C TRP A 33 -8.98 10.72 -12.34
N LYS A 34 -9.76 9.66 -12.38
CA LYS A 34 -11.02 9.69 -13.09
C LYS A 34 -11.94 10.72 -12.44
N VAL A 35 -11.84 10.86 -11.13
CA VAL A 35 -12.67 11.81 -10.39
C VAL A 35 -12.22 13.25 -10.61
N GLY A 36 -11.09 13.46 -11.29
CA GLY A 36 -10.65 14.82 -11.55
C GLY A 36 -9.90 15.39 -10.37
N PHE A 37 -9.51 14.52 -9.45
CA PHE A 37 -8.75 14.94 -8.29
C PHE A 37 -7.47 15.59 -8.78
N PHE A 38 -6.87 14.94 -9.77
CA PHE A 38 -5.63 15.44 -10.37
C PHE A 38 -5.86 16.70 -11.19
N LYS A 39 -7.09 16.85 -11.67
CA LYS A 39 -7.46 18.02 -12.47
C LYS A 39 -7.53 19.27 -11.59
N ARG A 40 -7.39 20.46 -12.19
CA ARG A 40 -7.43 21.69 -11.41
C ARG A 40 -8.50 22.62 -11.97
N ASN A 41 -9.33 23.17 -11.09
CA ASN A 41 -10.39 24.08 -11.51
C ASN A 41 -9.91 25.53 -11.42
N ARG A 42 -9.68 26.13 -12.58
CA ARG A 42 -9.22 27.52 -12.62
C ARG A 42 -9.41 28.10 -14.02
N PRO A 43 -10.63 28.15 -14.49
CA PRO A 43 -10.94 28.69 -15.84
C PRO A 43 -10.85 30.21 -15.89
N GLY B 1 -7.36 -28.64 5.75
CA GLY B 1 -7.03 -27.41 6.53
C GLY B 1 -8.25 -26.97 7.34
N GLU B 2 -8.78 -27.89 8.15
CA GLU B 2 -9.95 -27.58 8.96
C GLU B 2 -9.60 -26.54 10.02
N SER B 3 -8.41 -26.64 10.58
CA SER B 3 -7.97 -25.70 11.61
C SER B 3 -6.48 -25.87 11.89
N PRO B 4 -5.65 -25.43 10.99
CA PRO B 4 -4.17 -25.53 11.13
C PRO B 4 -3.66 -24.76 12.34
N LYS B 5 -2.62 -25.29 12.98
CA LYS B 5 -2.04 -24.64 14.16
C LYS B 5 -1.47 -23.27 13.79
N CYS B 6 -0.80 -23.21 12.65
CA CYS B 6 -0.21 -21.95 12.18
C CYS B 6 -0.87 -21.48 10.89
N GLY B 7 -1.17 -20.19 10.82
CA GLY B 7 -1.81 -19.61 9.65
C GLY B 7 -2.18 -18.15 9.91
N PRO B 8 -2.85 -17.89 10.99
CA PRO B 8 -3.26 -16.51 11.38
C PRO B 8 -2.05 -15.58 11.54
N ASP B 9 -0.92 -16.18 11.92
CA ASP B 9 0.33 -15.43 12.07
C ASP B 9 0.81 -14.96 10.71
N ILE B 10 0.73 -15.85 9.71
CA ILE B 10 1.10 -15.51 8.35
C ILE B 10 0.14 -14.45 7.84
N LEU B 11 -1.13 -14.64 8.12
CA LEU B 11 -2.18 -13.72 7.67
C LEU B 11 -1.96 -12.32 8.26
N VAL B 12 -1.58 -12.28 9.53
CA VAL B 12 -1.35 -11.00 10.19
C VAL B 12 -0.20 -10.25 9.51
N VAL B 13 0.87 -10.97 9.21
CA VAL B 13 2.03 -10.37 8.56
C VAL B 13 1.69 -9.93 7.13
N LEU B 14 0.98 -10.77 6.37
CA LEU B 14 0.63 -10.40 5.01
C LEU B 14 -0.26 -9.16 5.02
N LEU B 15 -1.23 -9.11 5.93
CA LEU B 15 -2.11 -7.95 6.02
C LEU B 15 -1.32 -6.72 6.43
N SER B 16 -0.43 -6.91 7.40
CA SER B 16 0.40 -5.81 7.87
C SER B 16 1.28 -5.27 6.76
N VAL B 17 1.89 -6.19 6.00
CA VAL B 17 2.74 -5.79 4.88
C VAL B 17 1.90 -5.08 3.82
N MET B 18 0.75 -5.67 3.48
CA MET B 18 -0.09 -5.07 2.46
C MET B 18 -0.55 -3.69 2.91
N GLY B 19 -0.89 -3.57 4.20
CA GLY B 19 -1.34 -2.29 4.74
C GLY B 19 -0.23 -1.26 4.62
N ALA B 20 1.00 -1.68 4.93
CA ALA B 20 2.12 -0.76 4.87
C ALA B 20 2.28 -0.23 3.45
N ILE B 21 2.10 -1.11 2.47
CA ILE B 21 2.20 -0.68 1.08
C ILE B 21 1.10 0.33 0.78
N LEU B 22 -0.11 0.04 1.24
CA LEU B 22 -1.24 0.92 1.01
C LEU B 22 -1.04 2.30 1.66
N LEU B 23 -0.53 2.30 2.89
CA LEU B 23 -0.32 3.55 3.63
C LEU B 23 0.71 4.47 2.97
N ILE B 24 1.80 3.90 2.48
CA ILE B 24 2.83 4.73 1.83
C ILE B 24 2.30 5.26 0.49
N GLY B 25 1.55 4.44 -0.21
CA GLY B 25 1.00 4.85 -1.50
C GLY B 25 0.15 6.11 -1.35
N LEU B 26 -0.68 6.15 -0.32
CA LEU B 26 -1.51 7.32 -0.06
C LEU B 26 -0.63 8.51 0.25
N ALA B 27 0.42 8.27 1.04
CA ALA B 27 1.35 9.34 1.40
C ALA B 27 2.05 9.85 0.15
N ALA B 28 2.44 8.91 -0.71
CA ALA B 28 3.12 9.27 -1.95
C ALA B 28 2.20 10.10 -2.83
N LEU B 29 0.93 9.72 -2.87
CA LEU B 29 -0.04 10.45 -3.68
C LEU B 29 -0.19 11.88 -3.19
N LEU B 30 -0.26 12.06 -1.88
CA LEU B 30 -0.39 13.40 -1.31
C LEU B 30 0.86 14.23 -1.57
N ILE B 31 2.03 13.60 -1.41
CA ILE B 31 3.29 14.29 -1.62
C ILE B 31 3.43 14.74 -3.07
N TRP B 32 3.08 13.88 -4.01
CA TRP B 32 3.18 14.24 -5.42
C TRP B 32 2.32 15.47 -5.69
N LYS B 33 1.10 15.48 -5.14
CA LYS B 33 0.19 16.60 -5.35
C LYS B 33 0.78 17.90 -4.79
N LEU B 34 1.42 17.81 -3.63
CA LEU B 34 2.00 19.01 -3.02
C LEU B 34 3.08 19.57 -3.93
N LEU B 35 3.92 18.71 -4.48
CA LEU B 35 4.98 19.15 -5.39
C LEU B 35 4.36 19.79 -6.63
N ILE B 36 3.30 19.18 -7.15
CA ILE B 36 2.64 19.70 -8.33
C ILE B 36 2.03 21.07 -8.09
N THR B 37 1.38 21.23 -6.94
CA THR B 37 0.76 22.49 -6.58
C THR B 37 1.80 23.61 -6.40
N ILE B 38 2.89 23.30 -5.70
CA ILE B 38 3.94 24.28 -5.41
C ILE B 38 4.63 24.79 -6.66
N HIS B 39 4.97 23.90 -7.59
CA HIS B 39 5.66 24.32 -8.81
C HIS B 39 4.70 25.05 -9.75
N ASP B 40 3.44 24.65 -9.72
CA ASP B 40 2.44 25.28 -10.58
C ASP B 40 2.28 26.75 -10.20
N ARG B 41 2.26 27.03 -8.89
CA ARG B 41 2.11 28.40 -8.42
C ARG B 41 3.32 29.24 -8.84
N LYS B 42 4.51 28.64 -8.75
CA LYS B 42 5.73 29.34 -9.13
C LYS B 42 5.88 30.64 -8.32
N GLU B 43 5.50 30.57 -7.05
CA GLU B 43 5.60 31.74 -6.17
C GLU B 43 6.68 31.52 -5.12
N PHE B 44 7.64 32.44 -5.05
CA PHE B 44 8.72 32.34 -4.08
C PHE B 44 8.28 32.87 -2.72
N GLY A 1 8.09 -21.41 21.44
CA GLY A 1 7.12 -20.29 21.39
C GLY A 1 7.47 -19.36 20.24
N ALA A 2 8.74 -18.98 20.14
CA ALA A 2 9.17 -18.10 19.08
C ALA A 2 8.98 -18.75 17.71
N LEU A 3 9.25 -20.06 17.65
CA LEU A 3 9.10 -20.80 16.40
C LEU A 3 7.66 -20.78 15.93
N GLU A 4 6.73 -20.96 16.85
CA GLU A 4 5.31 -20.99 16.51
C GLU A 4 4.85 -19.62 16.00
N GLU A 5 5.31 -18.56 16.65
CA GLU A 5 4.93 -17.21 16.25
C GLU A 5 5.51 -16.87 14.88
N ARG A 6 6.77 -17.23 14.66
CA ARG A 6 7.43 -16.95 13.39
C ARG A 6 6.80 -17.75 12.25
N CYS A 7 6.43 -19.00 12.53
CA CYS A 7 5.82 -19.85 11.49
C CYS A 7 6.69 -19.93 10.25
N GLY A 8 7.85 -19.27 10.27
CA GLY A 8 8.73 -19.32 9.11
C GLY A 8 8.03 -18.74 7.88
N ILE A 9 7.29 -17.65 8.09
CA ILE A 9 6.55 -17.03 6.99
C ILE A 9 7.40 -16.95 5.73
N PRO A 10 7.15 -17.76 4.72
CA PRO A 10 7.93 -17.70 3.44
C PRO A 10 7.77 -16.37 2.72
N ILE A 11 8.84 -15.91 2.08
CA ILE A 11 8.82 -14.64 1.36
C ILE A 11 7.60 -14.56 0.44
N TRP A 12 7.01 -15.69 0.06
CA TRP A 12 5.86 -15.66 -0.84
C TRP A 12 4.75 -14.79 -0.22
N VAL A 13 4.54 -14.95 1.08
CA VAL A 13 3.51 -14.18 1.77
C VAL A 13 3.86 -12.70 1.72
N VAL A 14 5.12 -12.38 1.92
CA VAL A 14 5.54 -11.00 1.83
C VAL A 14 5.42 -10.54 0.38
N LEU A 15 5.87 -11.38 -0.54
CA LEU A 15 5.84 -11.06 -1.97
C LEU A 15 4.41 -10.96 -2.49
N VAL A 16 3.54 -11.90 -2.14
CA VAL A 16 2.17 -11.81 -2.63
C VAL A 16 1.49 -10.64 -1.95
N GLY A 17 1.81 -10.43 -0.68
CA GLY A 17 1.24 -9.33 0.08
C GLY A 17 1.61 -7.99 -0.56
N VAL A 18 2.86 -7.88 -0.97
CA VAL A 18 3.35 -6.67 -1.61
C VAL A 18 2.63 -6.43 -2.92
N LEU A 19 2.47 -7.50 -3.69
CA LEU A 19 1.79 -7.40 -4.99
C LEU A 19 0.35 -6.95 -4.80
N GLY A 20 -0.33 -7.50 -3.80
CA GLY A 20 -1.72 -7.12 -3.56
C GLY A 20 -1.80 -5.64 -3.25
N GLY A 21 -0.85 -5.15 -2.48
CA GLY A 21 -0.81 -3.73 -2.12
C GLY A 21 -0.67 -2.89 -3.38
N LEU A 22 0.21 -3.31 -4.29
CA LEU A 22 0.39 -2.56 -5.54
C LEU A 22 -0.90 -2.57 -6.35
N LEU A 23 -1.58 -3.70 -6.42
CA LEU A 23 -2.84 -3.74 -7.17
C LEU A 23 -3.84 -2.80 -6.52
N LEU A 24 -3.92 -2.82 -5.19
CA LEU A 24 -4.85 -1.95 -4.47
C LEU A 24 -4.46 -0.49 -4.70
N LEU A 25 -3.16 -0.21 -4.65
CA LEU A 25 -2.67 1.15 -4.87
C LEU A 25 -3.00 1.58 -6.30
N THR A 26 -2.83 0.69 -7.27
CA THR A 26 -3.16 1.02 -8.65
C THR A 26 -4.65 1.32 -8.77
N ILE A 27 -5.50 0.52 -8.14
CA ILE A 27 -6.93 0.74 -8.20
C ILE A 27 -7.29 2.09 -7.58
N LEU A 28 -6.69 2.37 -6.42
CA LEU A 28 -6.97 3.61 -5.72
C LEU A 28 -6.62 4.81 -6.59
N VAL A 29 -5.45 4.74 -7.22
CA VAL A 29 -4.97 5.83 -8.07
C VAL A 29 -5.91 6.08 -9.25
N LEU A 30 -6.34 5.01 -9.91
CA LEU A 30 -7.23 5.15 -11.06
C LEU A 30 -8.55 5.79 -10.67
N ALA A 31 -9.12 5.39 -9.54
CA ALA A 31 -10.39 5.93 -9.10
C ALA A 31 -10.29 7.44 -8.85
N MET A 32 -9.21 7.87 -8.19
CA MET A 32 -9.04 9.30 -7.91
C MET A 32 -8.86 10.09 -9.21
N TRP A 33 -8.11 9.54 -10.14
CA TRP A 33 -7.86 10.20 -11.42
C TRP A 33 -9.17 10.36 -12.16
N LYS A 34 -9.93 9.29 -12.22
CA LYS A 34 -11.21 9.32 -12.90
C LYS A 34 -12.13 10.33 -12.23
N VAL A 35 -12.03 10.42 -10.91
CA VAL A 35 -12.85 11.33 -10.11
C VAL A 35 -12.46 12.80 -10.31
N GLY A 36 -11.30 13.08 -10.89
CA GLY A 36 -10.92 14.47 -11.12
C GLY A 36 -10.24 15.05 -9.90
N PHE A 37 -9.85 14.20 -8.98
CA PHE A 37 -9.16 14.63 -7.78
C PHE A 37 -7.89 15.35 -8.18
N PHE A 38 -7.20 14.77 -9.17
CA PHE A 38 -5.95 15.32 -9.64
C PHE A 38 -6.17 16.49 -10.60
N LYS A 39 -7.43 16.67 -11.00
CA LYS A 39 -7.78 17.79 -11.89
C LYS A 39 -7.88 19.07 -11.06
N ARG A 40 -7.74 20.23 -11.68
CA ARG A 40 -7.82 21.48 -10.94
C ARG A 40 -9.26 21.80 -10.57
N ASN A 41 -9.44 22.39 -9.40
CA ASN A 41 -10.78 22.73 -8.93
C ASN A 41 -11.43 23.76 -9.86
N ARG A 42 -10.63 24.72 -10.30
CA ARG A 42 -11.11 25.77 -11.20
C ARG A 42 -12.19 25.24 -12.16
N PRO A 43 -13.46 25.44 -11.86
CA PRO A 43 -14.56 24.95 -12.74
C PRO A 43 -14.37 25.38 -14.19
N GLY B 1 -7.43 -18.98 21.46
CA GLY B 1 -6.24 -19.86 21.23
C GLY B 1 -5.92 -19.87 19.74
N GLU B 2 -5.72 -21.08 19.18
CA GLU B 2 -5.40 -21.19 17.76
C GLU B 2 -4.19 -20.32 17.41
N SER B 3 -3.29 -20.15 18.38
CA SER B 3 -2.10 -19.34 18.17
C SER B 3 -0.90 -20.23 17.81
N PRO B 4 -0.71 -21.31 18.52
CA PRO B 4 0.42 -22.26 18.26
C PRO B 4 0.44 -22.73 16.81
N LYS B 5 -0.74 -22.95 16.24
CA LYS B 5 -0.84 -23.40 14.86
C LYS B 5 -0.63 -22.24 13.89
N CYS B 6 -0.01 -22.53 12.74
CA CYS B 6 0.25 -21.50 11.74
C CYS B 6 -0.91 -21.42 10.75
N GLY B 7 -1.23 -20.21 10.32
CA GLY B 7 -2.32 -19.99 9.37
C GLY B 7 -2.75 -18.53 9.38
N PRO B 8 -3.51 -18.13 10.36
CA PRO B 8 -3.99 -16.73 10.49
C PRO B 8 -2.83 -15.78 10.78
N ASP B 9 -1.73 -16.37 11.23
CA ASP B 9 -0.52 -15.60 11.52
C ASP B 9 0.07 -15.07 10.22
N ILE B 10 0.05 -15.92 9.19
CA ILE B 10 0.52 -15.53 7.87
C ILE B 10 -0.39 -14.44 7.32
N LEU B 11 -1.69 -14.65 7.52
CA LEU B 11 -2.68 -13.70 7.03
C LEU B 11 -2.51 -12.34 7.67
N VAL B 12 -2.23 -12.31 8.97
CA VAL B 12 -2.05 -11.05 9.67
C VAL B 12 -0.83 -10.30 9.11
N VAL B 13 0.25 -11.03 8.89
CA VAL B 13 1.46 -10.42 8.35
C VAL B 13 1.23 -9.94 6.93
N LEU B 14 0.58 -10.77 6.11
CA LEU B 14 0.32 -10.38 4.73
C LEU B 14 -0.57 -9.14 4.68
N LEU B 15 -1.61 -9.11 5.50
CA LEU B 15 -2.51 -7.96 5.53
C LEU B 15 -1.76 -6.72 6.01
N SER B 16 -0.95 -6.91 7.05
CA SER B 16 -0.18 -5.80 7.60
C SER B 16 0.77 -5.22 6.55
N VAL B 17 1.44 -6.11 5.82
CA VAL B 17 2.36 -5.66 4.78
C VAL B 17 1.60 -4.95 3.68
N MET B 18 0.48 -5.53 3.26
CA MET B 18 -0.31 -4.94 2.19
C MET B 18 -0.81 -3.56 2.61
N GLY B 19 -1.24 -3.44 3.87
CA GLY B 19 -1.73 -2.16 4.38
C GLY B 19 -0.61 -1.13 4.33
N ALA B 20 0.60 -1.55 4.71
CA ALA B 20 1.72 -0.63 4.71
C ALA B 20 1.95 -0.09 3.30
N ILE B 21 1.81 -0.96 2.32
CA ILE B 21 1.99 -0.54 0.93
C ILE B 21 0.94 0.49 0.55
N LEU B 22 -0.31 0.26 0.92
CA LEU B 22 -1.37 1.19 0.57
C LEU B 22 -1.14 2.57 1.19
N LEU B 23 -0.75 2.58 2.46
CA LEU B 23 -0.51 3.83 3.17
C LEU B 23 0.65 4.64 2.58
N ILE B 24 1.74 3.98 2.19
CA ILE B 24 2.87 4.70 1.61
C ILE B 24 2.51 5.26 0.23
N GLY B 25 1.77 4.46 -0.54
CA GLY B 25 1.37 4.88 -1.87
C GLY B 25 0.53 6.15 -1.80
N LEU B 26 -0.40 6.20 -0.86
CA LEU B 26 -1.25 7.37 -0.69
C LEU B 26 -0.38 8.57 -0.30
N ALA B 27 0.57 8.33 0.60
CA ALA B 27 1.46 9.39 1.06
C ALA B 27 2.26 9.94 -0.12
N ALA B 28 2.79 9.04 -0.94
CA ALA B 28 3.58 9.45 -2.10
C ALA B 28 2.73 10.29 -3.05
N LEU B 29 1.50 9.89 -3.26
CA LEU B 29 0.61 10.62 -4.16
C LEU B 29 0.35 12.03 -3.65
N LEU B 30 0.14 12.15 -2.33
CA LEU B 30 -0.11 13.47 -1.74
C LEU B 30 1.10 14.38 -1.86
N ILE B 31 2.28 13.80 -1.62
CA ILE B 31 3.52 14.56 -1.70
C ILE B 31 3.74 15.06 -3.12
N TRP B 32 3.49 14.20 -4.11
CA TRP B 32 3.69 14.57 -5.49
C TRP B 32 2.81 15.78 -5.82
N LYS B 33 1.54 15.70 -5.42
CA LYS B 33 0.60 16.79 -5.69
C LYS B 33 1.07 18.09 -5.04
N LEU B 34 1.55 18.01 -3.81
CA LEU B 34 2.00 19.23 -3.13
C LEU B 34 3.16 19.90 -3.88
N LEU B 35 4.12 19.10 -4.36
CA LEU B 35 5.26 19.62 -5.07
C LEU B 35 4.83 20.28 -6.39
N ILE B 36 3.88 19.66 -7.07
CA ILE B 36 3.37 20.18 -8.35
C ILE B 36 2.68 21.52 -8.12
N THR B 37 1.95 21.65 -7.02
CA THR B 37 1.27 22.91 -6.72
C THR B 37 2.30 24.04 -6.51
N ILE B 38 3.35 23.71 -5.77
CA ILE B 38 4.39 24.67 -5.44
C ILE B 38 5.09 25.15 -6.71
N HIS B 39 5.38 24.23 -7.65
CA HIS B 39 6.06 24.62 -8.89
C HIS B 39 5.13 25.50 -9.74
N ASP B 40 3.84 25.16 -9.74
CA ASP B 40 2.83 25.92 -10.51
C ASP B 40 2.80 27.39 -10.05
N ARG B 41 2.82 27.59 -8.74
CA ARG B 41 2.80 28.95 -8.19
C ARG B 41 4.03 29.71 -8.67
N LYS B 42 5.18 29.05 -8.62
CA LYS B 42 6.43 29.64 -9.07
C LYS B 42 6.35 29.95 -10.55
N GLU B 43 5.70 29.05 -11.29
CA GLU B 43 5.53 29.19 -12.74
C GLU B 43 6.84 28.84 -13.43
N PHE B 44 7.46 27.75 -12.97
CA PHE B 44 8.73 27.31 -13.53
C PHE B 44 9.70 28.48 -13.62
N GLY A 1 10.84 -11.33 19.08
CA GLY A 1 10.41 -11.99 20.33
C GLY A 1 11.56 -12.81 20.91
N ALA A 2 11.51 -13.06 22.21
CA ALA A 2 12.56 -13.83 22.88
C ALA A 2 12.61 -15.25 22.34
N LEU A 3 11.42 -15.81 22.06
CA LEU A 3 11.34 -17.17 21.54
C LEU A 3 10.87 -17.14 20.09
N GLU A 4 11.59 -17.86 19.23
CA GLU A 4 11.24 -17.93 17.81
C GLU A 4 9.90 -18.61 17.62
N GLU A 5 9.08 -18.06 16.73
CA GLU A 5 7.76 -18.63 16.45
C GLU A 5 7.90 -20.01 15.82
N ARG A 6 7.04 -20.93 16.22
CA ARG A 6 7.07 -22.28 15.68
C ARG A 6 6.76 -22.27 14.18
N CYS A 7 5.81 -21.44 13.78
CA CYS A 7 5.44 -21.34 12.38
C CYS A 7 6.15 -20.17 11.71
N GLY A 8 6.70 -20.43 10.53
CA GLY A 8 7.41 -19.39 9.79
C GLY A 8 6.50 -18.76 8.75
N ILE A 9 7.04 -17.77 8.01
CA ILE A 9 6.25 -17.11 6.98
C ILE A 9 7.01 -17.14 5.64
N PRO A 10 6.60 -17.96 4.69
CA PRO A 10 7.28 -18.03 3.36
C PRO A 10 7.17 -16.70 2.61
N ILE A 11 8.23 -16.34 1.89
CA ILE A 11 8.27 -15.10 1.12
C ILE A 11 7.02 -14.98 0.24
N TRP A 12 6.36 -16.08 -0.09
CA TRP A 12 5.18 -16.00 -0.93
C TRP A 12 4.13 -15.07 -0.31
N VAL A 13 3.96 -15.18 1.00
CA VAL A 13 2.99 -14.35 1.72
C VAL A 13 3.41 -12.89 1.63
N VAL A 14 4.69 -12.63 1.79
CA VAL A 14 5.16 -11.27 1.67
C VAL A 14 5.00 -10.82 0.21
N LEU A 15 5.38 -11.71 -0.71
CA LEU A 15 5.31 -11.41 -2.14
C LEU A 15 3.86 -11.25 -2.60
N VAL A 16 2.96 -12.14 -2.19
CA VAL A 16 1.58 -11.99 -2.61
C VAL A 16 0.99 -10.76 -1.95
N GLY A 17 1.39 -10.53 -0.70
CA GLY A 17 0.89 -9.38 0.05
C GLY A 17 1.30 -8.08 -0.63
N VAL A 18 2.55 -8.05 -1.09
CA VAL A 18 3.08 -6.87 -1.77
C VAL A 18 2.31 -6.63 -3.07
N LEU A 19 2.08 -7.71 -3.81
CA LEU A 19 1.36 -7.61 -5.08
C LEU A 19 -0.05 -7.07 -4.85
N GLY A 20 -0.72 -7.55 -3.80
CA GLY A 20 -2.06 -7.09 -3.51
C GLY A 20 -2.04 -5.59 -3.25
N GLY A 21 -1.01 -5.13 -2.54
CA GLY A 21 -0.88 -3.71 -2.25
C GLY A 21 -0.76 -2.92 -3.55
N LEU A 22 0.07 -3.38 -4.47
CA LEU A 22 0.23 -2.67 -5.75
C LEU A 22 -1.09 -2.64 -6.51
N LEU A 23 -1.82 -3.75 -6.53
CA LEU A 23 -3.10 -3.75 -7.24
C LEU A 23 -4.04 -2.74 -6.60
N LEU A 24 -4.08 -2.72 -5.27
CA LEU A 24 -4.95 -1.77 -4.56
C LEU A 24 -4.51 -0.34 -4.86
N LEU A 25 -3.20 -0.09 -4.85
CA LEU A 25 -2.68 1.24 -5.13
C LEU A 25 -3.00 1.66 -6.56
N THR A 26 -2.89 0.76 -7.52
CA THR A 26 -3.21 1.12 -8.89
C THR A 26 -4.70 1.46 -8.99
N ILE A 27 -5.55 0.76 -8.25
CA ILE A 27 -6.97 1.05 -8.27
C ILE A 27 -7.24 2.45 -7.71
N LEU A 28 -6.57 2.76 -6.60
CA LEU A 28 -6.78 4.05 -5.95
C LEU A 28 -6.39 5.19 -6.87
N VAL A 29 -5.26 5.07 -7.54
CA VAL A 29 -4.77 6.11 -8.44
C VAL A 29 -5.74 6.34 -9.60
N LEU A 30 -6.20 5.26 -10.21
CA LEU A 30 -7.09 5.38 -11.36
C LEU A 30 -8.42 6.05 -10.97
N ALA A 31 -8.98 5.67 -9.81
CA ALA A 31 -10.26 6.23 -9.39
C ALA A 31 -10.14 7.74 -9.11
N MET A 32 -9.07 8.13 -8.43
CA MET A 32 -8.87 9.55 -8.10
C MET A 32 -8.64 10.35 -9.37
N TRP A 33 -7.85 9.80 -10.30
CA TRP A 33 -7.55 10.49 -11.56
C TRP A 33 -8.84 10.66 -12.36
N LYS A 34 -9.63 9.60 -12.43
CA LYS A 34 -10.89 9.63 -13.15
C LYS A 34 -11.82 10.65 -12.51
N VAL A 35 -11.73 10.77 -11.19
CA VAL A 35 -12.55 11.69 -10.42
C VAL A 35 -12.12 13.15 -10.60
N GLY A 36 -10.96 13.40 -11.21
CA GLY A 36 -10.54 14.77 -11.42
C GLY A 36 -9.82 15.33 -10.21
N PHE A 37 -9.47 14.45 -9.29
CA PHE A 37 -8.75 14.86 -8.09
C PHE A 37 -7.45 15.51 -8.48
N PHE A 38 -6.77 14.91 -9.46
CA PHE A 38 -5.48 15.43 -9.91
C PHE A 38 -5.66 16.56 -10.92
N LYS A 39 -6.90 16.74 -11.35
CA LYS A 39 -7.26 17.82 -12.26
C LYS A 39 -7.41 19.11 -11.46
N ARG A 40 -7.30 20.28 -12.10
CA ARG A 40 -7.44 21.53 -11.37
C ARG A 40 -8.75 22.22 -11.74
N ASN A 41 -9.50 22.65 -10.73
CA ASN A 41 -10.77 23.33 -10.96
C ASN A 41 -10.61 24.83 -10.85
N ARG A 42 -11.32 25.56 -11.71
CA ARG A 42 -11.26 27.02 -11.69
C ARG A 42 -9.81 27.50 -11.88
N PRO A 43 -9.61 28.70 -12.35
CA PRO A 43 -8.24 29.27 -12.57
C PRO A 43 -7.53 29.56 -11.25
N GLY B 1 6.48 -22.02 21.93
CA GLY B 1 6.78 -20.57 21.68
C GLY B 1 5.47 -19.79 21.63
N GLU B 2 5.58 -18.47 21.74
CA GLU B 2 4.41 -17.60 21.71
C GLU B 2 3.73 -17.69 20.34
N SER B 3 2.40 -17.73 20.35
CA SER B 3 1.64 -17.81 19.11
C SER B 3 1.88 -19.14 18.41
N PRO B 4 1.70 -20.23 19.12
CA PRO B 4 1.90 -21.60 18.57
C PRO B 4 0.90 -21.93 17.46
N LYS B 5 -0.22 -21.23 17.46
CA LYS B 5 -1.25 -21.45 16.45
C LYS B 5 -0.76 -21.04 15.07
N CYS B 6 -0.96 -21.90 14.08
CA CYS B 6 -0.53 -21.61 12.72
C CYS B 6 -1.74 -21.26 11.85
N GLY B 7 -1.61 -20.22 11.03
CA GLY B 7 -2.70 -19.79 10.16
C GLY B 7 -2.89 -18.28 10.22
N PRO B 8 -3.44 -17.79 11.30
CA PRO B 8 -3.69 -16.33 11.50
C PRO B 8 -2.40 -15.54 11.60
N ASP B 9 -1.33 -16.24 11.94
CA ASP B 9 -0.01 -15.62 12.05
C ASP B 9 0.46 -15.14 10.68
N ILE B 10 0.28 -16.00 9.67
CA ILE B 10 0.63 -15.66 8.30
C ILE B 10 -0.26 -14.52 7.82
N LEU B 11 -1.53 -14.61 8.14
CA LEU B 11 -2.50 -13.60 7.73
C LEU B 11 -2.18 -12.23 8.32
N VAL B 12 -1.79 -12.21 9.58
CA VAL B 12 -1.46 -10.95 10.25
C VAL B 12 -0.25 -10.29 9.58
N VAL B 13 0.77 -11.09 9.30
CA VAL B 13 2.00 -10.57 8.66
C VAL B 13 1.71 -10.12 7.21
N LEU B 14 0.91 -10.94 6.50
CA LEU B 14 0.60 -10.57 5.11
C LEU B 14 -0.20 -9.26 5.07
N LEU B 15 -1.17 -9.14 5.97
CA LEU B 15 -1.98 -7.92 6.03
C LEU B 15 -1.10 -6.72 6.42
N SER B 16 -0.22 -6.93 7.38
CA SER B 16 0.65 -5.85 7.84
C SER B 16 1.53 -5.34 6.70
N VAL B 17 2.09 -6.27 5.92
CA VAL B 17 2.93 -5.89 4.80
C VAL B 17 2.11 -5.17 3.75
N MET B 18 0.94 -5.72 3.42
CA MET B 18 0.10 -5.10 2.40
C MET B 18 -0.34 -3.72 2.86
N GLY B 19 -0.65 -3.58 4.15
CA GLY B 19 -1.08 -2.30 4.69
C GLY B 19 0.04 -1.28 4.55
N ALA B 20 1.27 -1.72 4.84
CA ALA B 20 2.42 -0.83 4.76
C ALA B 20 2.54 -0.29 3.34
N ILE B 21 2.32 -1.17 2.36
CA ILE B 21 2.41 -0.75 0.97
C ILE B 21 1.34 0.30 0.69
N LEU B 22 0.14 0.04 1.19
CA LEU B 22 -0.98 0.96 0.98
C LEU B 22 -0.71 2.32 1.61
N LEU B 23 -0.19 2.33 2.83
CA LEU B 23 0.08 3.58 3.54
C LEU B 23 1.13 4.45 2.85
N ILE B 24 2.22 3.85 2.36
CA ILE B 24 3.25 4.63 1.69
C ILE B 24 2.78 5.17 0.34
N GLY B 25 2.06 4.35 -0.42
CA GLY B 25 1.59 4.77 -1.73
C GLY B 25 0.67 5.99 -1.61
N LEU B 26 -0.22 5.96 -0.62
CA LEU B 26 -1.13 7.08 -0.41
C LEU B 26 -0.32 8.32 -0.05
N ALA B 27 0.70 8.12 0.76
CA ALA B 27 1.57 9.22 1.15
C ALA B 27 2.24 9.77 -0.11
N ALA B 28 2.61 8.84 -0.99
CA ALA B 28 3.25 9.20 -2.25
C ALA B 28 2.33 10.09 -3.09
N LEU B 29 1.07 9.71 -3.18
CA LEU B 29 0.10 10.49 -3.96
C LEU B 29 -0.12 11.88 -3.39
N LEU B 30 -0.24 12.00 -2.07
CA LEU B 30 -0.47 13.30 -1.44
C LEU B 30 0.71 14.27 -1.60
N ILE B 31 1.93 13.77 -1.45
CA ILE B 31 3.10 14.63 -1.58
C ILE B 31 3.21 15.17 -3.00
N TRP B 32 2.92 14.32 -4.00
CA TRP B 32 2.99 14.77 -5.38
C TRP B 32 2.06 15.97 -5.58
N LYS B 33 0.86 15.90 -5.03
CA LYS B 33 -0.11 17.00 -5.18
C LYS B 33 0.44 18.30 -4.60
N LEU B 34 1.04 18.23 -3.42
CA LEU B 34 1.59 19.44 -2.82
C LEU B 34 2.73 20.02 -3.67
N LEU B 35 3.62 19.16 -4.16
CA LEU B 35 4.76 19.62 -4.98
C LEU B 35 4.33 20.25 -6.31
N ILE B 36 3.38 19.65 -6.99
CA ILE B 36 2.94 20.21 -8.28
C ILE B 36 2.23 21.55 -8.06
N THR B 37 1.53 21.68 -6.94
CA THR B 37 0.84 22.91 -6.62
C THR B 37 1.84 24.05 -6.45
N ILE B 38 2.93 23.76 -5.75
CA ILE B 38 3.96 24.76 -5.49
C ILE B 38 4.60 25.25 -6.80
N HIS B 39 4.87 24.32 -7.74
CA HIS B 39 5.46 24.71 -9.03
C HIS B 39 4.50 25.58 -9.85
N ASP B 40 3.22 25.25 -9.80
CA ASP B 40 2.22 26.02 -10.53
C ASP B 40 2.17 27.46 -10.03
N ARG B 41 2.28 27.62 -8.71
CA ARG B 41 2.24 28.94 -8.09
C ARG B 41 3.44 29.78 -8.54
N LYS B 42 4.60 29.12 -8.60
CA LYS B 42 5.83 29.80 -9.01
C LYS B 42 5.70 30.27 -10.46
N GLU B 43 5.14 29.42 -11.32
CA GLU B 43 4.98 29.77 -12.72
C GLU B 43 3.99 30.92 -12.90
N PHE B 44 2.92 30.91 -12.11
CA PHE B 44 1.90 31.95 -12.20
C PHE B 44 1.32 32.03 -13.61
#